data_7A6C
#
_entry.id   7A6C
#
loop_
_entity.id
_entity.type
_entity.pdbx_description
1 polymer 'Multidrug resistance protein 1'
2 polymer 'If kappa light chain'
3 polymer 'MRK16 Fab-fragment heavy chain'
4 non-polymer elacridar
5 non-polymer CHOLESTEROL
#
loop_
_entity_poly.entity_id
_entity_poly.type
_entity_poly.pdbx_seq_one_letter_code
_entity_poly.pdbx_strand_id
1 'polypeptide(L)'
;MDLEGDRNGGAKKKNFFKLNNKSEKDKKEKKPTVSVFSMFRYSNWLDKLYMVVGTLAAIIHGAGLPLMMLVFGEMTDIFA
NAGNLEDLMSNITNRSDINDTGFFMNLEEDMTRYAYYYSGIGAGVLVAAYIQVSFWCLAAGRQIHKIRKQFFHAIMRQEI
GWFDVHDVGELNTRLTDDVSKINEGIGDKIGMFFQSMATFFTGFIVGFTRGWKLTLVILAISPVLGLSAAVWAKILSSFT
DKELLAYAKAGAVAEEVLAAIRTVIAFGGQKKELERYNKNLEEAKRIGIKKAITANISIGAAFLLIYASYALAFWYGTTL
VLSGEYSIGQVLTVFFSVLIGAFSVGQASPSIEAFANARGAAYEIFKIIDNKPSIDSYSKSGHKPDNIKGNLEFRNVHFS
YPSRKEVKILKGLNLKVQSGQTVALVGNSGCGKSTTVQLMQRLYDPTEGMVSVDGQDIRTINVRFLREIIGVVSQEPVLF
ATTIAENIRYGRENVTMDEIEKAVKEANAYDFIMKLPHKFDTLVGERGAQLSGGQKQRIAIARALVRNPKILLLDEATSA
LDTESEAVVQVALDKARKGRTTIVIAHRLSTVRNADVIAGFDDGVIVEKGNHDELMKEKGIYFKLVTMQTAGNEVELENA
ADESKSEIDALEMSSNDSRSSLIRKRSTRRSVRGSQAQDRKLSTKEALDESIPPVSFWRIMKLNLTEWPYFVVGVFCAII
NGGLQPAFAIIFSKIIGVFTRIDDPETKRQNSNLFSLLFLALGIISFITFFLQGFTFGKAGEILTKRLRYMVFRSMLRQD
VSWFDDPKNTTGALTTRLANDAAQVKGAIGSRLAVITQNIANLGTGIIISFIYGWQLTLLLLAIVPIIAIAGVVEMKMLS
GQALKDKKELEGAGKIATEAIENFRTVVSLTQEQKFEHMYAQSLQVPYRNSLRKAHIFGITFSFTQAMMYFSYAGCFRFG
AYLVAHKLMSFEDVLLVFSAVVFGAMAVGQVSSFAPDYAKAKISAAHIIMIIEKTPLIDSYSTEGLMPNTLEGNVTFGEV
VFNYPTRPDIPVLQGLSLEVKKGQTLALVGSSGCGKSTVVQLLERFYDPLAGKVLLDGKEIKRLNVQWLRAHLGIVSQEP
ILFDCSIAENIAYGDNSRVVSQEEIVRAAKEANIHAFIESLPNKYSTKVGDKGTQLSGGQKQRIAIARALVRQPHILLLD
EATSALDTESEKVVQEALDKAREGRTCIVIAHRLSTIQNADLIVVFQNGRVKEHGTHQQLLAQKGIYFSMVSVQAGTKRQ
;
A
2 'polypeptide(L)'
;DVLMTQTPVSLSVSLGDQASISCRSSQSIVHSTGNTYLEWYLQKPGQSPKLLIYKISNRFSGVPDRFSGSGSGTDFTLKI
SRVEAEDLGVYYCFQASHAPRTFGGGTKLEIKRADAAPTVSIFPPSSEQLTSGGASVVCFLNNFYPKDINVKWKIDGSER
QNGVLNSWTDQDSKDSTYSMSSTLTLTKDEYERHNSYTCEATHKTSTSPIVKSFNRNEC
;
B
3 'polypeptide(L)'
;EVILVESGGGLVKPGGSLKLSCAASGFTFSSYTMSWVRQTPEKRLEWVATISSGGGNTYYPDSVKGRFTISRDNAKNNLY
LQMSSLRSEDTALYYCARYYRYEAWFASWGQGTLVTVSAAKTTAPSVYPLAPVCGDTTGSSVTLGCLVKGYFPEPVTLTW
NSGSLSSGVHTFPAVLQSDLYTLSSSVTVTSSTWPSQSITCNVAHPASSTKVDKKIEP
;
C
#
loop_
_chem_comp.id
_chem_comp.type
_chem_comp.name
_chem_comp.formula
CLR non-polymer CHOLESTEROL 'C27 H46 O'
R0Z non-polymer elacridar 'C34 H33 N3 O5'
#
# COMPACT_ATOMS: atom_id res chain seq x y z
N PRO A 32 29.78 -9.54 9.33
CA PRO A 32 29.31 -9.42 10.72
C PRO A 32 27.98 -10.14 10.93
N THR A 33 28.03 -11.43 11.29
CA THR A 33 26.79 -12.22 11.51
C THR A 33 26.72 -12.66 12.98
N VAL A 34 25.60 -12.36 13.65
CA VAL A 34 25.38 -12.74 15.08
C VAL A 34 24.58 -14.05 15.13
N SER A 35 24.29 -14.62 13.96
CA SER A 35 23.51 -15.89 13.82
C SER A 35 22.12 -15.73 14.44
N VAL A 36 21.68 -16.73 15.23
CA VAL A 36 20.33 -16.66 15.87
C VAL A 36 20.43 -16.80 17.40
N PHE A 37 21.22 -17.76 17.88
CA PHE A 37 21.35 -18.02 19.34
C PHE A 37 21.91 -16.79 20.06
N SER A 38 22.94 -16.17 19.49
CA SER A 38 23.59 -14.97 20.09
C SER A 38 22.61 -13.79 20.15
N MET A 39 21.73 -13.68 19.15
CA MET A 39 20.74 -12.57 19.03
C MET A 39 19.79 -12.55 20.24
N PHE A 40 19.37 -13.73 20.71
CA PHE A 40 18.38 -13.82 21.82
C PHE A 40 19.05 -14.15 23.16
N ARG A 41 20.35 -13.87 23.30
CA ARG A 41 21.09 -14.18 24.55
C ARG A 41 20.51 -13.42 25.75
N TYR A 42 20.07 -12.17 25.55
CA TYR A 42 19.51 -11.35 26.66
C TYR A 42 18.02 -11.66 26.87
N SER A 43 17.71 -12.83 27.43
CA SER A 43 16.30 -13.21 27.68
C SER A 43 16.16 -13.94 29.03
N ASN A 44 14.97 -13.90 29.62
CA ASN A 44 14.67 -14.59 30.91
C ASN A 44 13.69 -15.74 30.63
N TRP A 45 13.14 -16.36 31.69
CA TRP A 45 12.21 -17.44 31.43
C TRP A 45 10.93 -16.93 30.78
N LEU A 46 10.32 -15.89 31.36
CA LEU A 46 9.03 -15.45 30.87
C LEU A 46 9.06 -15.19 29.39
N ASP A 47 10.21 -14.88 28.81
CA ASP A 47 10.19 -14.50 27.40
C ASP A 47 10.36 -15.69 26.50
N LYS A 48 11.05 -16.73 26.93
CA LYS A 48 10.92 -17.97 26.19
C LYS A 48 9.46 -18.41 26.20
N LEU A 49 8.77 -18.19 27.31
CA LEU A 49 7.35 -18.56 27.36
C LEU A 49 6.53 -17.75 26.39
N TYR A 50 6.68 -16.42 26.41
CA TYR A 50 5.96 -15.57 25.47
C TYR A 50 6.22 -15.95 24.04
N MET A 51 7.44 -16.29 23.70
CA MET A 51 7.70 -16.62 22.30
C MET A 51 7.05 -17.92 21.91
N VAL A 52 7.01 -18.91 22.79
CA VAL A 52 6.44 -20.19 22.37
C VAL A 52 4.91 -20.10 22.26
N VAL A 53 4.26 -19.49 23.26
CA VAL A 53 2.83 -19.29 23.09
C VAL A 53 2.56 -18.35 21.93
N GLY A 54 3.49 -17.46 21.62
CA GLY A 54 3.31 -16.60 20.48
C GLY A 54 3.24 -17.36 19.18
N THR A 55 4.24 -18.18 18.87
CA THR A 55 4.18 -18.85 17.59
C THR A 55 3.01 -19.81 17.53
N LEU A 56 2.58 -20.36 18.67
CA LEU A 56 1.43 -21.26 18.59
C LEU A 56 0.17 -20.49 18.20
N ALA A 57 -0.11 -19.41 18.89
CA ALA A 57 -1.31 -18.66 18.53
C ALA A 57 -1.15 -17.99 17.18
N ALA A 58 0.05 -17.84 16.68
CA ALA A 58 0.19 -17.29 15.34
C ALA A 58 -0.11 -18.32 14.28
N ILE A 59 0.41 -19.53 14.41
CA ILE A 59 0.02 -20.60 13.51
C ILE A 59 -1.48 -20.81 13.51
N ILE A 60 -2.16 -20.55 14.64
CA ILE A 60 -3.59 -20.85 14.72
C ILE A 60 -4.44 -19.66 14.31
N HIS A 61 -3.92 -18.46 14.37
CA HIS A 61 -4.57 -17.36 13.66
C HIS A 61 -4.28 -17.44 12.18
N GLY A 62 -3.29 -18.22 11.81
CA GLY A 62 -2.98 -18.34 10.41
C GLY A 62 -4.05 -19.08 9.66
N ALA A 63 -4.44 -20.24 10.13
CA ALA A 63 -5.27 -21.16 9.39
C ALA A 63 -6.69 -20.82 9.47
N GLY A 64 -7.03 -19.57 9.72
CA GLY A 64 -8.41 -19.19 9.84
C GLY A 64 -8.88 -18.30 8.71
N LEU A 65 -8.08 -18.13 7.67
CA LEU A 65 -8.63 -17.73 6.37
C LEU A 65 -8.99 -18.90 5.45
N PRO A 66 -8.09 -19.87 5.20
CA PRO A 66 -8.50 -21.01 4.40
C PRO A 66 -9.69 -21.78 4.94
N LEU A 67 -9.90 -21.86 6.23
CA LEU A 67 -11.12 -22.50 6.67
C LEU A 67 -12.32 -21.62 6.39
N MET A 68 -12.14 -20.33 6.37
CA MET A 68 -13.24 -19.48 5.99
C MET A 68 -13.66 -19.76 4.55
N MET A 69 -12.70 -20.01 3.67
CA MET A 69 -13.08 -20.31 2.29
C MET A 69 -13.62 -21.73 2.15
N LEU A 70 -13.19 -22.64 3.00
CA LEU A 70 -13.80 -23.97 3.00
C LEU A 70 -15.26 -23.93 3.42
N VAL A 71 -15.65 -23.00 4.28
CA VAL A 71 -17.07 -22.88 4.58
C VAL A 71 -17.79 -22.16 3.46
N PHE A 72 -17.23 -21.06 2.98
CA PHE A 72 -17.81 -20.30 1.89
C PHE A 72 -18.14 -21.16 0.68
N GLY A 73 -17.29 -22.12 0.37
CA GLY A 73 -17.57 -23.03 -0.71
C GLY A 73 -18.92 -23.66 -0.60
N GLU A 74 -19.19 -24.36 0.49
CA GLU A 74 -20.46 -25.08 0.61
C GLU A 74 -21.62 -24.15 0.89
N MET A 75 -21.40 -23.02 1.53
CA MET A 75 -22.49 -22.08 1.67
C MET A 75 -23.01 -21.63 0.31
N THR A 76 -22.12 -21.27 -0.60
CA THR A 76 -22.60 -20.84 -1.89
C THR A 76 -23.14 -22.02 -2.67
N ASP A 77 -22.63 -23.22 -2.39
CA ASP A 77 -23.17 -24.40 -3.04
C ASP A 77 -24.55 -24.77 -2.51
N ILE A 78 -25.01 -24.11 -1.46
CA ILE A 78 -26.38 -24.36 -1.02
C ILE A 78 -27.31 -23.24 -1.45
N PHE A 79 -26.82 -22.00 -1.47
CA PHE A 79 -27.58 -20.91 -2.06
C PHE A 79 -27.91 -21.18 -3.51
N ALA A 80 -26.95 -21.67 -4.26
CA ALA A 80 -27.17 -21.88 -5.69
C ALA A 80 -28.31 -22.86 -5.93
N ASN A 81 -28.19 -24.07 -5.39
CA ASN A 81 -29.14 -25.12 -5.71
C ASN A 81 -30.41 -24.98 -4.90
N ALA A 82 -30.48 -24.02 -4.00
CA ALA A 82 -31.65 -24.00 -3.13
C ALA A 82 -32.93 -23.75 -3.90
N GLY A 83 -33.09 -22.57 -4.48
CA GLY A 83 -34.40 -22.11 -4.87
C GLY A 83 -34.97 -22.77 -6.11
N ASN A 84 -34.85 -24.10 -6.19
CA ASN A 84 -35.35 -24.82 -7.34
C ASN A 84 -36.19 -25.99 -6.84
N LEU A 85 -37.46 -25.98 -7.29
CA LEU A 85 -38.45 -26.98 -6.92
C LEU A 85 -37.99 -28.42 -7.14
N PHE A 104 -37.66 -22.51 -2.05
CA PHE A 104 -37.12 -21.76 -0.93
C PHE A 104 -37.48 -22.45 0.35
N MET A 105 -37.67 -23.76 0.27
CA MET A 105 -37.89 -24.61 1.43
C MET A 105 -36.54 -24.84 2.10
N ASN A 106 -36.49 -24.70 3.41
CA ASN A 106 -35.31 -25.06 4.17
C ASN A 106 -34.09 -24.34 3.66
N LEU A 107 -34.18 -23.04 3.46
CA LEU A 107 -32.99 -22.24 3.20
C LEU A 107 -32.57 -21.52 4.46
N GLU A 108 -33.52 -20.89 5.13
CA GLU A 108 -33.18 -20.08 6.28
C GLU A 108 -32.65 -20.94 7.42
N GLU A 109 -33.08 -22.19 7.51
CA GLU A 109 -32.47 -23.09 8.49
C GLU A 109 -30.99 -23.26 8.23
N ASP A 110 -30.64 -23.75 7.04
CA ASP A 110 -29.24 -23.99 6.72
C ASP A 110 -28.41 -22.73 6.83
N MET A 111 -29.02 -21.58 6.65
CA MET A 111 -28.22 -20.41 6.89
C MET A 111 -28.11 -20.09 8.37
N THR A 112 -29.09 -20.46 9.18
CA THR A 112 -28.86 -20.29 10.61
C THR A 112 -27.80 -21.23 11.10
N ARG A 113 -27.53 -22.30 10.36
CA ARG A 113 -26.39 -23.11 10.75
C ARG A 113 -25.10 -22.48 10.29
N TYR A 114 -24.97 -22.15 9.01
CA TYR A 114 -23.71 -21.56 8.58
C TYR A 114 -23.52 -20.14 9.08
N ALA A 115 -24.35 -19.66 9.99
CA ALA A 115 -23.91 -18.49 10.72
C ALA A 115 -23.01 -18.88 11.87
N TYR A 116 -23.13 -20.12 12.38
CA TYR A 116 -22.31 -20.51 13.52
C TYR A 116 -20.92 -20.92 13.10
N TYR A 117 -20.74 -21.50 11.92
CA TYR A 117 -19.39 -21.73 11.47
C TYR A 117 -18.64 -20.42 11.28
N TYR A 118 -19.24 -19.46 10.60
CA TYR A 118 -18.56 -18.19 10.37
C TYR A 118 -18.30 -17.47 11.67
N SER A 119 -19.30 -17.35 12.53
CA SER A 119 -19.06 -16.67 13.80
C SER A 119 -18.12 -17.43 14.71
N GLY A 120 -18.05 -18.75 14.58
CA GLY A 120 -17.06 -19.48 15.35
C GLY A 120 -15.65 -19.16 14.92
N ILE A 121 -15.37 -19.23 13.63
CA ILE A 121 -14.03 -18.88 13.19
C ILE A 121 -13.72 -17.43 13.49
N GLY A 122 -14.74 -16.58 13.49
CA GLY A 122 -14.51 -15.21 13.88
C GLY A 122 -14.06 -15.08 15.31
N ALA A 123 -14.77 -15.73 16.22
CA ALA A 123 -14.39 -15.60 17.62
C ALA A 123 -13.25 -16.51 17.99
N GLY A 124 -12.70 -17.26 17.06
CA GLY A 124 -11.47 -17.96 17.34
C GLY A 124 -10.29 -17.13 16.90
N VAL A 125 -10.44 -16.42 15.80
CA VAL A 125 -9.39 -15.51 15.38
C VAL A 125 -9.26 -14.33 16.30
N LEU A 126 -10.37 -13.79 16.81
CA LEU A 126 -10.24 -12.72 17.80
C LEU A 126 -9.16 -13.04 18.82
N VAL A 127 -9.24 -14.22 19.41
CA VAL A 127 -8.29 -14.62 20.44
C VAL A 127 -6.92 -14.92 19.86
N ALA A 128 -6.83 -15.75 18.83
CA ALA A 128 -5.50 -16.13 18.37
C ALA A 128 -4.71 -14.92 17.92
N ALA A 129 -5.37 -13.90 17.40
CA ALA A 129 -4.64 -12.75 16.91
C ALA A 129 -4.25 -11.80 18.02
N TYR A 130 -5.11 -11.59 19.01
CA TYR A 130 -4.67 -10.80 20.15
C TYR A 130 -3.51 -11.44 20.85
N ILE A 131 -3.56 -12.74 21.06
CA ILE A 131 -2.44 -13.39 21.72
C ILE A 131 -1.16 -13.19 20.91
N GLN A 132 -1.19 -13.47 19.62
CA GLN A 132 0.04 -13.36 18.84
C GLN A 132 0.64 -11.97 18.91
N VAL A 133 -0.16 -10.93 18.63
CA VAL A 133 0.39 -9.59 18.65
C VAL A 133 0.91 -9.24 20.03
N SER A 134 0.05 -9.31 21.03
CA SER A 134 0.47 -8.82 22.33
C SER A 134 1.70 -9.55 22.81
N PHE A 135 1.79 -10.85 22.58
CA PHE A 135 2.88 -11.59 23.18
C PHE A 135 4.19 -11.35 22.45
N TRP A 136 4.18 -11.15 21.15
CA TRP A 136 5.48 -10.88 20.56
C TRP A 136 5.93 -9.45 20.86
N CYS A 137 5.02 -8.48 20.87
CA CYS A 137 5.45 -7.15 21.26
C CYS A 137 6.01 -7.14 22.68
N LEU A 138 5.54 -8.05 23.55
CA LEU A 138 6.10 -8.11 24.90
C LEU A 138 7.48 -8.75 24.94
N ALA A 139 7.66 -9.87 24.26
CA ALA A 139 9.02 -10.41 24.17
C ALA A 139 10.00 -9.35 23.74
N ALA A 140 9.67 -8.62 22.67
CA ALA A 140 10.62 -7.63 22.18
C ALA A 140 10.77 -6.47 23.14
N GLY A 141 9.67 -5.98 23.72
CA GLY A 141 9.78 -4.86 24.64
C GLY A 141 10.76 -5.12 25.77
N ARG A 142 10.60 -6.24 26.44
CA ARG A 142 11.54 -6.53 27.53
C ARG A 142 12.96 -6.69 27.02
N GLN A 143 13.15 -7.46 25.96
CA GLN A 143 14.52 -7.74 25.53
C GLN A 143 15.26 -6.46 25.14
N ILE A 144 14.56 -5.52 24.50
CA ILE A 144 15.22 -4.30 24.06
C ILE A 144 15.49 -3.38 25.23
N HIS A 145 14.61 -3.34 26.20
CA HIS A 145 14.97 -2.54 27.36
C HIS A 145 16.24 -3.06 28.01
N LYS A 146 16.35 -4.37 28.18
CA LYS A 146 17.56 -4.88 28.80
C LYS A 146 18.79 -4.52 27.99
N ILE A 147 18.73 -4.67 26.66
CA ILE A 147 19.94 -4.45 25.87
C ILE A 147 20.29 -2.97 25.82
N ARG A 148 19.31 -2.09 25.94
CA ARG A 148 19.61 -0.67 25.89
C ARG A 148 20.30 -0.21 27.17
N LYS A 149 19.76 -0.57 28.32
CA LYS A 149 20.46 -0.22 29.56
C LYS A 149 21.85 -0.84 29.62
N GLN A 150 22.01 -2.07 29.13
CA GLN A 150 23.33 -2.68 29.22
C GLN A 150 24.30 -2.05 28.24
N PHE A 151 23.83 -1.61 27.07
CA PHE A 151 24.72 -0.90 26.16
C PHE A 151 25.24 0.38 26.78
N PHE A 152 24.35 1.16 27.39
CA PHE A 152 24.77 2.44 28.01
C PHE A 152 25.75 2.16 29.14
N HIS A 153 25.48 1.10 29.91
CA HIS A 153 26.36 0.73 31.05
C HIS A 153 27.77 0.39 30.54
N ALA A 154 27.85 -0.29 29.38
CA ALA A 154 29.16 -0.65 28.86
C ALA A 154 29.83 0.47 28.07
N ILE A 155 29.06 1.48 27.64
CA ILE A 155 29.64 2.63 26.96
C ILE A 155 30.26 3.62 27.93
N MET A 156 29.99 3.49 29.23
CA MET A 156 30.68 4.34 30.19
C MET A 156 31.91 3.65 30.76
N ARG A 157 32.01 2.34 30.64
CA ARG A 157 33.26 1.64 30.90
C ARG A 157 34.03 1.55 29.60
N GLN A 158 35.09 2.34 29.45
CA GLN A 158 35.85 2.32 28.22
C GLN A 158 37.14 3.11 28.40
N GLU A 159 38.22 2.59 27.81
CA GLU A 159 39.47 3.33 27.80
C GLU A 159 39.29 4.61 27.00
N ILE A 160 39.92 5.69 27.47
CA ILE A 160 39.81 6.99 26.82
C ILE A 160 40.33 6.88 25.40
N GLY A 161 41.32 6.02 25.19
CA GLY A 161 41.81 5.78 23.87
C GLY A 161 40.70 5.25 22.96
N TRP A 162 39.83 4.42 23.52
CA TRP A 162 38.79 3.82 22.71
C TRP A 162 37.71 4.83 22.34
N PHE A 163 37.84 6.07 22.80
CA PHE A 163 37.00 7.11 22.22
C PHE A 163 37.68 7.80 21.04
N ASP A 164 38.92 7.44 20.73
CA ASP A 164 39.52 7.89 19.48
C ASP A 164 38.92 7.14 18.30
N VAL A 165 38.70 5.84 18.47
CA VAL A 165 38.04 5.03 17.45
C VAL A 165 36.60 5.48 17.29
N HIS A 166 35.82 5.42 18.37
CA HIS A 166 34.43 5.86 18.32
C HIS A 166 34.35 7.34 17.94
N ASP A 167 33.13 7.85 17.90
CA ASP A 167 32.86 9.24 17.54
C ASP A 167 31.78 9.78 18.47
N VAL A 168 31.15 10.90 18.09
CA VAL A 168 30.06 11.43 18.89
C VAL A 168 28.73 11.30 18.15
N GLY A 169 28.60 11.95 16.99
CA GLY A 169 27.35 11.87 16.26
C GLY A 169 27.02 10.46 15.83
N GLU A 170 28.05 9.72 15.41
CA GLU A 170 27.85 8.34 15.02
C GLU A 170 27.44 7.48 16.19
N LEU A 171 27.95 7.80 17.38
CA LEU A 171 27.64 6.97 18.52
C LEU A 171 26.22 7.23 19.01
N ASN A 172 25.71 8.43 18.77
CA ASN A 172 24.29 8.68 19.04
C ASN A 172 23.40 8.02 17.99
N THR A 173 23.84 8.04 16.73
CA THR A 173 23.17 7.20 15.75
C THR A 173 23.10 5.76 16.25
N ARG A 174 24.20 5.26 16.80
CA ARG A 174 24.18 3.92 17.33
C ARG A 174 23.08 3.76 18.36
N LEU A 175 23.23 4.45 19.49
CA LEU A 175 22.36 4.17 20.63
C LEU A 175 20.95 4.69 20.43
N THR A 176 20.61 5.14 19.23
CA THR A 176 19.17 5.14 18.96
C THR A 176 18.79 4.29 17.75
N ASP A 177 19.35 4.60 16.58
CA ASP A 177 18.95 3.91 15.37
C ASP A 177 19.25 2.43 15.43
N ASP A 178 20.46 2.05 15.82
CA ASP A 178 20.79 0.64 15.74
C ASP A 178 19.96 -0.19 16.72
N VAL A 179 19.68 0.33 17.91
CA VAL A 179 18.88 -0.43 18.85
C VAL A 179 17.44 -0.51 18.37
N SER A 180 16.88 0.59 17.90
CA SER A 180 15.54 0.47 17.33
C SER A 180 15.52 -0.47 16.12
N LYS A 181 16.65 -0.61 15.44
CA LYS A 181 16.69 -1.55 14.33
C LYS A 181 16.75 -2.98 14.81
N ILE A 182 17.39 -3.23 15.94
CA ILE A 182 17.28 -4.58 16.49
C ILE A 182 15.86 -4.85 16.90
N ASN A 183 15.22 -3.88 17.52
CA ASN A 183 13.84 -4.06 17.92
C ASN A 183 12.97 -4.42 16.74
N GLU A 184 13.18 -3.72 15.62
CA GLU A 184 12.24 -3.83 14.51
C GLU A 184 12.13 -5.24 14.00
N GLY A 185 13.24 -5.93 13.84
CA GLY A 185 13.09 -7.28 13.36
C GLY A 185 12.39 -8.17 14.36
N ILE A 186 13.08 -8.48 15.45
CA ILE A 186 12.64 -9.52 16.36
C ILE A 186 11.33 -9.21 17.04
N GLY A 187 10.78 -8.01 16.91
CA GLY A 187 9.53 -7.78 17.58
C GLY A 187 8.37 -8.52 16.97
N ASP A 188 7.92 -8.07 15.82
CA ASP A 188 6.76 -8.65 15.18
C ASP A 188 7.05 -9.27 13.85
N LYS A 189 8.21 -9.04 13.25
CA LYS A 189 8.36 -9.63 11.95
C LYS A 189 8.36 -11.14 12.04
N ILE A 190 8.70 -11.69 13.20
CA ILE A 190 8.69 -13.14 13.32
C ILE A 190 7.28 -13.65 13.56
N GLY A 191 6.45 -12.86 14.25
CA GLY A 191 5.03 -13.17 14.27
C GLY A 191 4.47 -13.26 12.86
N MET A 192 4.42 -12.13 12.17
CA MET A 192 3.92 -12.08 10.81
C MET A 192 4.51 -13.17 9.91
N PHE A 193 5.78 -13.49 10.09
CA PHE A 193 6.42 -14.54 9.24
C PHE A 193 5.82 -15.91 9.54
N PHE A 194 5.66 -16.26 10.82
CA PHE A 194 5.10 -17.58 11.21
C PHE A 194 3.65 -17.69 10.74
N GLN A 195 2.89 -16.61 10.89
CA GLN A 195 1.45 -16.58 10.51
C GLN A 195 1.28 -16.84 9.00
N SER A 196 2.14 -16.24 8.18
CA SER A 196 2.01 -16.39 6.74
C SER A 196 2.51 -17.73 6.26
N MET A 197 3.49 -18.31 6.93
CA MET A 197 3.82 -19.68 6.57
C MET A 197 2.66 -20.64 6.87
N ALA A 198 1.94 -20.40 7.97
CA ALA A 198 0.81 -21.26 8.28
C ALA A 198 -0.28 -21.15 7.23
N THR A 199 -0.62 -19.92 6.84
CA THR A 199 -1.65 -19.74 5.81
C THR A 199 -1.24 -20.36 4.49
N PHE A 200 0.05 -20.37 4.17
CA PHE A 200 0.43 -21.04 2.94
C PHE A 200 0.21 -22.54 3.00
N PHE A 201 0.72 -23.19 4.05
CA PHE A 201 0.56 -24.64 4.06
C PHE A 201 -0.89 -25.06 4.20
N THR A 202 -1.69 -24.29 4.94
CA THR A 202 -3.10 -24.63 5.00
C THR A 202 -3.78 -24.43 3.65
N GLY A 203 -3.44 -23.36 2.94
CA GLY A 203 -3.97 -23.19 1.61
C GLY A 203 -3.77 -24.43 0.78
N PHE A 204 -2.58 -24.99 0.79
CA PHE A 204 -2.38 -26.17 -0.04
C PHE A 204 -3.09 -27.39 0.50
N ILE A 205 -3.17 -27.57 1.81
CA ILE A 205 -3.84 -28.77 2.29
C ILE A 205 -5.32 -28.74 1.95
N VAL A 206 -5.98 -27.59 2.12
CA VAL A 206 -7.39 -27.50 1.74
C VAL A 206 -7.55 -27.69 0.24
N GLY A 207 -6.72 -27.02 -0.54
CA GLY A 207 -6.85 -27.15 -1.98
C GLY A 207 -6.54 -28.53 -2.49
N PHE A 208 -5.95 -29.39 -1.66
CA PHE A 208 -5.75 -30.76 -2.12
C PHE A 208 -6.78 -31.70 -1.52
N THR A 209 -7.39 -31.31 -0.41
CA THR A 209 -8.50 -32.08 0.10
C THR A 209 -9.71 -31.96 -0.82
N ARG A 210 -10.00 -30.74 -1.29
CA ARG A 210 -11.24 -30.54 -2.03
C ARG A 210 -11.13 -31.05 -3.46
N GLY A 211 -10.21 -30.54 -4.25
CA GLY A 211 -10.03 -31.15 -5.54
C GLY A 211 -8.68 -30.84 -6.11
N TRP A 212 -7.91 -31.83 -6.57
CA TRP A 212 -6.56 -31.49 -6.93
C TRP A 212 -6.45 -30.93 -8.33
N LYS A 213 -7.10 -31.58 -9.30
CA LYS A 213 -6.90 -31.25 -10.71
C LYS A 213 -7.00 -29.77 -10.98
N LEU A 214 -7.67 -29.02 -10.12
CA LEU A 214 -7.67 -27.57 -10.30
C LEU A 214 -6.57 -26.92 -9.50
N THR A 215 -6.28 -27.41 -8.30
CA THR A 215 -5.25 -26.74 -7.52
C THR A 215 -3.90 -26.94 -8.14
N LEU A 216 -3.68 -28.00 -8.92
CA LEU A 216 -2.41 -28.08 -9.58
C LEU A 216 -2.22 -26.93 -10.54
N VAL A 217 -3.25 -26.55 -11.30
CA VAL A 217 -3.06 -25.47 -12.25
C VAL A 217 -2.85 -24.14 -11.52
N ILE A 218 -3.75 -23.83 -10.58
CA ILE A 218 -3.54 -22.60 -9.80
C ILE A 218 -2.12 -22.56 -9.24
N LEU A 219 -1.66 -23.65 -8.64
CA LEU A 219 -0.31 -23.69 -8.12
C LEU A 219 0.72 -23.51 -9.21
N ALA A 220 0.57 -24.16 -10.35
CA ALA A 220 1.63 -24.14 -11.34
C ALA A 220 1.81 -22.75 -11.93
N ILE A 221 0.85 -21.87 -11.73
CA ILE A 221 1.22 -20.47 -11.96
C ILE A 221 1.45 -19.70 -10.67
N SER A 222 1.23 -20.31 -9.52
CA SER A 222 1.49 -19.60 -8.26
C SER A 222 2.93 -19.17 -8.01
N PRO A 223 3.98 -19.77 -8.58
CA PRO A 223 5.30 -19.20 -8.35
C PRO A 223 5.39 -17.75 -8.79
N VAL A 224 4.70 -17.38 -9.86
CA VAL A 224 4.78 -16.01 -10.33
C VAL A 224 3.99 -15.08 -9.43
N LEU A 225 2.87 -15.54 -8.91
CA LEU A 225 2.16 -14.77 -7.89
C LEU A 225 3.01 -14.57 -6.65
N GLY A 226 3.62 -15.63 -6.14
CA GLY A 226 4.46 -15.48 -4.97
C GLY A 226 5.58 -14.50 -5.21
N LEU A 227 6.26 -14.62 -6.34
CA LEU A 227 7.37 -13.74 -6.65
C LEU A 227 6.94 -12.29 -6.78
N SER A 228 5.84 -12.02 -7.49
CA SER A 228 5.38 -10.65 -7.63
C SER A 228 4.89 -10.07 -6.32
N ALA A 229 4.27 -10.88 -5.48
CA ALA A 229 3.91 -10.39 -4.16
C ALA A 229 5.14 -10.02 -3.37
N ALA A 230 6.19 -10.83 -3.48
CA ALA A 230 7.44 -10.55 -2.80
C ALA A 230 7.96 -9.19 -3.20
N VAL A 231 8.03 -8.94 -4.50
CA VAL A 231 8.59 -7.67 -4.96
C VAL A 231 7.70 -6.49 -4.58
N TRP A 232 6.39 -6.63 -4.71
CA TRP A 232 5.52 -5.55 -4.25
C TRP A 232 5.79 -5.22 -2.80
N ALA A 233 5.78 -6.22 -1.93
CA ALA A 233 5.89 -5.95 -0.50
C ALA A 233 7.25 -5.36 -0.16
N LYS A 234 8.30 -5.89 -0.77
CA LYS A 234 9.63 -5.38 -0.55
C LYS A 234 9.74 -3.91 -0.96
N ILE A 235 9.21 -3.56 -2.12
CA ILE A 235 9.28 -2.14 -2.58
C ILE A 235 8.57 -1.29 -1.52
N LEU A 236 7.44 -1.78 -1.00
CA LEU A 236 6.65 -0.97 -0.03
C LEU A 236 7.46 -0.69 1.25
N SER A 237 8.14 -1.70 1.80
CA SER A 237 8.92 -1.48 3.05
C SER A 237 10.09 -0.51 2.85
N SER A 238 10.86 -0.71 1.79
CA SER A 238 12.04 0.16 1.51
C SER A 238 11.68 1.33 0.58
N PHE A 239 10.80 2.24 1.01
CA PHE A 239 10.46 3.39 0.14
C PHE A 239 11.14 4.66 0.65
N THR A 240 10.97 4.94 1.95
CA THR A 240 11.55 6.14 2.60
C THR A 240 13.09 6.07 2.61
N ASP A 241 13.64 4.89 2.88
CA ASP A 241 15.11 4.69 2.96
C ASP A 241 15.77 5.01 1.61
N LYS A 242 15.16 4.57 0.50
CA LYS A 242 15.74 4.82 -0.85
C LYS A 242 15.80 6.33 -1.11
N GLU A 243 14.74 7.04 -0.72
CA GLU A 243 14.65 8.48 -0.92
C GLU A 243 15.81 9.22 -0.27
N LEU A 244 16.07 8.95 1.00
CA LEU A 244 17.22 9.61 1.62
C LEU A 244 18.50 9.28 0.87
N LEU A 245 18.66 8.03 0.46
CA LEU A 245 19.86 7.72 -0.33
C LEU A 245 19.91 8.57 -1.59
N ALA A 246 18.75 8.84 -2.19
CA ALA A 246 18.74 9.65 -3.40
C ALA A 246 19.15 11.09 -3.13
N TYR A 247 18.86 11.59 -1.93
CA TYR A 247 19.15 12.99 -1.65
C TYR A 247 20.53 13.22 -1.06
N ALA A 248 21.23 12.16 -0.64
CA ALA A 248 22.44 12.26 0.17
C ALA A 248 23.42 13.38 -0.19
N LYS A 249 23.94 13.36 -1.41
CA LYS A 249 25.04 14.27 -1.74
C LYS A 249 24.62 15.73 -1.58
N ALA A 250 23.64 16.16 -2.38
CA ALA A 250 23.16 17.52 -2.29
C ALA A 250 22.82 17.89 -0.87
N GLY A 251 22.29 16.95 -0.09
CA GLY A 251 22.00 17.26 1.30
C GLY A 251 23.24 17.61 2.08
N ALA A 252 24.31 16.87 1.84
CA ALA A 252 25.58 17.09 2.51
C ALA A 252 26.26 18.36 2.01
N VAL A 253 25.90 18.76 0.80
CA VAL A 253 26.46 19.97 0.19
C VAL A 253 25.75 21.20 0.74
N ALA A 254 24.54 21.02 1.23
CA ALA A 254 23.76 22.10 1.79
C ALA A 254 24.24 22.39 3.20
N GLU A 255 24.37 21.33 4.00
CA GLU A 255 24.83 21.46 5.38
C GLU A 255 26.13 22.24 5.49
N GLU A 256 27.13 21.84 4.69
CA GLU A 256 28.42 22.51 4.70
C GLU A 256 28.28 24.00 4.46
N VAL A 257 27.58 24.36 3.39
CA VAL A 257 27.37 25.77 3.05
C VAL A 257 26.50 26.47 4.08
N LEU A 258 25.54 25.75 4.65
CA LEU A 258 24.65 26.32 5.66
C LEU A 258 25.44 26.70 6.90
N ALA A 259 26.36 25.82 7.31
CA ALA A 259 27.16 26.11 8.49
C ALA A 259 28.09 27.30 8.26
N ALA A 260 28.86 27.27 7.17
CA ALA A 260 29.93 28.24 6.93
C ALA A 260 29.43 29.49 6.23
N ILE A 261 28.17 29.86 6.46
CA ILE A 261 27.53 30.82 5.58
C ILE A 261 28.24 32.16 5.61
N ARG A 262 28.77 32.53 6.77
CA ARG A 262 29.43 33.83 6.89
C ARG A 262 30.58 33.95 5.92
N THR A 263 31.37 32.89 5.76
CA THR A 263 32.46 32.89 4.80
C THR A 263 31.94 33.05 3.37
N VAL A 264 31.06 32.14 2.93
CA VAL A 264 30.65 32.19 1.53
C VAL A 264 29.91 33.49 1.27
N ILE A 265 29.46 34.16 2.31
CA ILE A 265 29.10 35.54 2.12
C ILE A 265 30.34 36.36 1.82
N ALA A 266 31.41 36.13 2.59
CA ALA A 266 32.50 37.09 2.59
C ALA A 266 33.19 37.15 1.23
N PHE A 267 33.24 36.05 0.52
CA PHE A 267 33.76 36.10 -0.84
C PHE A 267 32.63 36.43 -1.81
N GLY A 268 32.88 36.25 -3.09
CA GLY A 268 31.75 36.37 -3.98
C GLY A 268 30.94 35.11 -4.13
N GLY A 269 31.20 34.12 -3.30
CA GLY A 269 30.73 32.80 -3.59
C GLY A 269 29.30 32.50 -3.23
N GLN A 270 28.36 32.99 -4.02
CA GLN A 270 27.00 32.48 -3.90
C GLN A 270 26.59 31.73 -5.15
N LYS A 271 26.73 32.36 -6.31
CA LYS A 271 26.36 31.70 -7.54
C LYS A 271 27.02 30.34 -7.66
N LYS A 272 28.26 30.20 -7.23
CA LYS A 272 28.92 28.91 -7.36
C LYS A 272 28.23 27.85 -6.51
N GLU A 273 27.94 28.21 -5.27
CA GLU A 273 27.28 27.30 -4.34
C GLU A 273 25.88 26.91 -4.80
N LEU A 274 25.22 27.81 -5.51
CA LEU A 274 23.88 27.52 -6.00
C LEU A 274 23.89 26.63 -7.24
N GLU A 275 24.79 26.90 -8.19
CA GLU A 275 24.89 25.98 -9.32
C GLU A 275 25.36 24.61 -8.85
N ARG A 276 26.28 24.61 -7.88
CA ARG A 276 26.82 23.39 -7.33
C ARG A 276 25.66 22.56 -6.81
N TYR A 277 24.77 23.20 -6.06
CA TYR A 277 23.60 22.51 -5.55
C TYR A 277 22.77 21.98 -6.71
N ASN A 278 22.33 22.88 -7.59
CA ASN A 278 21.52 22.52 -8.75
C ASN A 278 21.98 21.22 -9.39
N LYS A 279 23.28 21.05 -9.58
CA LYS A 279 23.74 19.86 -10.30
C LYS A 279 23.33 18.58 -9.58
N ASN A 280 23.58 18.51 -8.28
CA ASN A 280 23.23 17.30 -7.56
C ASN A 280 21.73 17.19 -7.33
N LEU A 281 21.02 18.31 -7.25
CA LEU A 281 19.57 18.24 -7.22
C LEU A 281 19.05 17.54 -8.44
N GLU A 282 19.54 17.91 -9.62
CA GLU A 282 19.08 17.27 -10.85
C GLU A 282 19.40 15.79 -10.84
N GLU A 283 20.54 15.41 -10.28
CA GLU A 283 20.79 13.97 -10.16
C GLU A 283 19.77 13.29 -9.25
N ALA A 284 19.41 13.94 -8.16
CA ALA A 284 18.37 13.38 -7.32
C ALA A 284 17.06 13.28 -8.08
N LYS A 285 16.80 14.19 -8.98
CA LYS A 285 15.54 14.10 -9.70
C LYS A 285 15.55 12.93 -10.68
N ARG A 286 16.65 12.73 -11.40
CA ARG A 286 16.68 11.62 -12.35
C ARG A 286 16.57 10.29 -11.64
N ILE A 287 17.35 10.11 -10.56
CA ILE A 287 17.24 8.87 -9.80
C ILE A 287 15.83 8.72 -9.23
N GLY A 288 15.24 9.81 -8.77
CA GLY A 288 13.91 9.71 -8.22
C GLY A 288 12.90 9.22 -9.24
N ILE A 289 12.83 9.88 -10.40
CA ILE A 289 11.77 9.52 -11.32
C ILE A 289 12.00 8.13 -11.90
N LYS A 290 13.26 7.70 -12.02
CA LYS A 290 13.45 6.31 -12.42
C LYS A 290 12.90 5.39 -11.36
N LYS A 291 13.08 5.73 -10.09
CA LYS A 291 12.52 4.88 -9.05
C LYS A 291 11.00 4.88 -9.11
N ALA A 292 10.39 5.99 -9.47
CA ALA A 292 8.92 6.02 -9.56
C ALA A 292 8.43 5.13 -10.69
N ILE A 293 9.08 5.21 -11.85
CA ILE A 293 8.74 4.33 -12.95
C ILE A 293 8.76 2.88 -12.49
N THR A 294 9.83 2.47 -11.81
CA THR A 294 9.97 1.04 -11.54
C THR A 294 9.07 0.57 -10.40
N ALA A 295 8.87 1.40 -9.39
CA ALA A 295 7.85 1.06 -8.40
C ALA A 295 6.52 0.78 -9.08
N ASN A 296 6.08 1.66 -9.97
CA ASN A 296 4.75 1.44 -10.51
C ASN A 296 4.69 0.28 -11.48
N ILE A 297 5.72 0.08 -12.30
CA ILE A 297 5.67 -1.12 -13.13
C ILE A 297 5.43 -2.33 -12.27
N SER A 298 6.17 -2.47 -11.17
CA SER A 298 6.06 -3.70 -10.42
C SER A 298 4.69 -3.85 -9.77
N ILE A 299 4.07 -2.74 -9.38
CA ILE A 299 2.74 -2.84 -8.78
C ILE A 299 1.68 -3.17 -9.83
N GLY A 300 1.70 -2.43 -10.92
CA GLY A 300 0.79 -2.73 -12.00
C GLY A 300 0.87 -4.17 -12.44
N ALA A 301 2.07 -4.72 -12.49
CA ALA A 301 2.17 -6.09 -12.95
C ALA A 301 1.67 -7.06 -11.91
N ALA A 302 1.76 -6.73 -10.63
CA ALA A 302 1.08 -7.57 -9.65
C ALA A 302 -0.41 -7.66 -9.95
N PHE A 303 -1.07 -6.52 -10.16
CA PHE A 303 -2.51 -6.57 -10.44
C PHE A 303 -2.82 -7.31 -11.72
N LEU A 304 -2.07 -7.05 -12.78
CA LEU A 304 -2.30 -7.77 -14.01
C LEU A 304 -2.24 -9.25 -13.79
N LEU A 305 -1.34 -9.68 -12.92
CA LEU A 305 -1.17 -11.11 -12.75
C LEU A 305 -2.31 -11.72 -11.94
N ILE A 306 -2.79 -11.01 -10.92
CA ILE A 306 -3.93 -11.50 -10.16
C ILE A 306 -5.14 -11.69 -11.07
N TYR A 307 -5.47 -10.68 -11.87
CA TYR A 307 -6.66 -10.80 -12.71
C TYR A 307 -6.49 -11.84 -13.79
N ALA A 308 -5.34 -11.92 -14.44
CA ALA A 308 -5.17 -13.03 -15.35
C ALA A 308 -5.27 -14.35 -14.64
N SER A 309 -5.06 -14.37 -13.32
CA SER A 309 -5.19 -15.64 -12.60
C SER A 309 -6.64 -16.00 -12.40
N TYR A 310 -7.50 -15.03 -12.12
CA TYR A 310 -8.94 -15.28 -12.16
C TYR A 310 -9.36 -15.82 -13.51
N ALA A 311 -8.81 -15.25 -14.57
CA ALA A 311 -9.21 -15.68 -15.91
C ALA A 311 -8.87 -17.13 -16.15
N LEU A 312 -7.66 -17.55 -15.82
CA LEU A 312 -7.35 -18.95 -16.01
C LEU A 312 -8.19 -19.83 -15.11
N ALA A 313 -8.38 -19.45 -13.86
CA ALA A 313 -9.10 -20.33 -12.95
C ALA A 313 -10.53 -20.56 -13.38
N PHE A 314 -11.23 -19.52 -13.83
CA PHE A 314 -12.62 -19.73 -14.23
C PHE A 314 -12.74 -20.35 -15.61
N TRP A 315 -11.87 -20.01 -16.55
CA TRP A 315 -11.93 -20.69 -17.82
C TRP A 315 -11.68 -22.17 -17.66
N TYR A 316 -10.87 -22.57 -16.70
CA TYR A 316 -10.70 -24.00 -16.49
C TYR A 316 -11.79 -24.59 -15.63
N GLY A 317 -12.27 -23.83 -14.66
CA GLY A 317 -13.28 -24.33 -13.77
C GLY A 317 -14.57 -24.62 -14.47
N THR A 318 -14.91 -23.87 -15.50
CA THR A 318 -16.13 -24.24 -16.19
C THR A 318 -15.97 -25.51 -16.99
N THR A 319 -14.80 -25.76 -17.57
CA THR A 319 -14.62 -27.06 -18.18
C THR A 319 -14.91 -28.15 -17.17
N LEU A 320 -14.40 -28.00 -15.96
CA LEU A 320 -14.60 -29.04 -14.95
C LEU A 320 -16.06 -29.13 -14.52
N VAL A 321 -16.67 -27.99 -14.17
CA VAL A 321 -18.06 -28.00 -13.73
C VAL A 321 -18.96 -28.67 -14.75
N LEU A 322 -18.88 -28.25 -16.01
CA LEU A 322 -19.76 -28.84 -17.00
C LEU A 322 -19.44 -30.31 -17.20
N SER A 323 -18.16 -30.68 -17.14
CA SER A 323 -17.83 -32.08 -17.39
C SER A 323 -18.50 -33.01 -16.42
N GLY A 324 -19.03 -32.49 -15.32
CA GLY A 324 -19.64 -33.31 -14.29
C GLY A 324 -18.89 -33.35 -12.97
N GLU A 325 -17.56 -33.32 -12.99
CA GLU A 325 -16.78 -33.57 -11.77
C GLU A 325 -17.14 -32.60 -10.66
N TYR A 326 -16.73 -31.35 -10.77
CA TYR A 326 -16.77 -30.49 -9.62
C TYR A 326 -18.12 -29.84 -9.53
N SER A 327 -18.22 -28.80 -8.73
CA SER A 327 -19.35 -27.90 -8.72
C SER A 327 -18.82 -26.49 -8.66
N ILE A 328 -19.70 -25.54 -8.41
CA ILE A 328 -19.23 -24.17 -8.28
C ILE A 328 -18.68 -23.93 -6.89
N GLY A 329 -19.09 -24.75 -5.94
CA GLY A 329 -18.54 -24.63 -4.60
C GLY A 329 -17.11 -25.09 -4.50
N GLN A 330 -16.80 -26.26 -5.02
CA GLN A 330 -15.44 -26.72 -4.98
C GLN A 330 -14.51 -25.78 -5.71
N VAL A 331 -14.99 -25.14 -6.76
CA VAL A 331 -14.08 -24.30 -7.52
C VAL A 331 -13.85 -22.99 -6.79
N LEU A 332 -14.88 -22.41 -6.17
CA LEU A 332 -14.61 -21.24 -5.34
C LEU A 332 -13.66 -21.56 -4.20
N THR A 333 -13.87 -22.66 -3.52
CA THR A 333 -12.95 -23.04 -2.46
C THR A 333 -11.54 -23.25 -2.97
N VAL A 334 -11.33 -24.20 -3.86
CA VAL A 334 -9.98 -24.47 -4.32
C VAL A 334 -9.31 -23.20 -4.77
N PHE A 335 -9.97 -22.41 -5.60
CA PHE A 335 -9.31 -21.24 -6.16
C PHE A 335 -8.97 -20.24 -5.08
N PHE A 336 -9.91 -19.85 -4.24
CA PHE A 336 -9.59 -18.80 -3.31
C PHE A 336 -8.54 -19.25 -2.32
N SER A 337 -8.59 -20.48 -1.88
CA SER A 337 -7.62 -20.91 -0.89
C SER A 337 -6.22 -20.96 -1.46
N VAL A 338 -6.07 -21.48 -2.67
CA VAL A 338 -4.71 -21.55 -3.21
C VAL A 338 -4.21 -20.18 -3.63
N LEU A 339 -5.10 -19.35 -4.19
CA LEU A 339 -4.71 -17.99 -4.65
C LEU A 339 -4.25 -17.16 -3.45
N ILE A 340 -4.99 -17.21 -2.34
CA ILE A 340 -4.65 -16.44 -1.11
C ILE A 340 -3.31 -16.94 -0.54
N GLY A 341 -3.10 -18.26 -0.54
CA GLY A 341 -1.87 -18.85 0.01
C GLY A 341 -0.63 -18.41 -0.74
N ALA A 342 -0.66 -18.43 -2.07
CA ALA A 342 0.51 -18.02 -2.88
C ALA A 342 0.81 -16.53 -2.62
N PHE A 343 -0.22 -15.69 -2.64
CA PHE A 343 -0.06 -14.23 -2.47
C PHE A 343 0.51 -13.92 -1.09
N SER A 344 0.07 -14.66 -0.07
CA SER A 344 0.51 -14.42 1.32
C SER A 344 2.02 -14.60 1.47
N VAL A 345 2.61 -15.61 0.84
CA VAL A 345 4.07 -15.85 1.01
C VAL A 345 4.83 -14.54 0.76
N GLY A 346 4.46 -13.77 -0.27
CA GLY A 346 5.12 -12.48 -0.55
C GLY A 346 5.22 -11.61 0.70
N GLN A 347 4.17 -11.62 1.53
CA GLN A 347 4.10 -10.83 2.80
C GLN A 347 5.21 -11.27 3.78
N ALA A 348 5.53 -12.57 3.78
CA ALA A 348 6.58 -13.18 4.63
C ALA A 348 7.99 -12.64 4.30
N SER A 349 8.27 -12.35 3.03
CA SER A 349 9.64 -11.98 2.56
C SER A 349 10.21 -10.75 3.28
N PRO A 350 9.47 -9.64 3.50
CA PRO A 350 10.03 -8.47 4.19
C PRO A 350 10.52 -8.87 5.60
N SER A 351 9.73 -9.69 6.30
CA SER A 351 10.10 -10.22 7.64
C SER A 351 11.48 -10.89 7.57
N ILE A 352 11.75 -11.66 6.51
CA ILE A 352 13.05 -12.37 6.36
C ILE A 352 14.20 -11.35 6.25
N GLU A 353 14.00 -10.28 5.48
CA GLU A 353 15.05 -9.24 5.29
C GLU A 353 15.35 -8.55 6.62
N ALA A 354 14.32 -8.28 7.43
CA ALA A 354 14.50 -7.58 8.72
C ALA A 354 15.41 -8.39 9.65
N PHE A 355 15.22 -9.72 9.69
CA PHE A 355 16.04 -10.60 10.56
C PHE A 355 17.51 -10.45 10.15
N ALA A 356 17.77 -10.38 8.84
CA ALA A 356 19.14 -10.21 8.33
C ALA A 356 19.69 -8.88 8.86
N ASN A 357 18.84 -7.84 8.84
CA ASN A 357 19.23 -6.53 9.37
C ASN A 357 19.51 -6.59 10.87
N ALA A 358 18.62 -7.21 11.64
CA ALA A 358 18.90 -7.31 13.06
C ALA A 358 20.21 -8.04 13.27
N ARG A 359 20.25 -9.33 12.92
CA ARG A 359 21.44 -10.09 13.29
C ARG A 359 22.68 -9.54 12.64
N GLY A 360 22.56 -8.49 11.85
CA GLY A 360 23.71 -7.70 11.46
C GLY A 360 24.06 -6.59 12.42
N ALA A 361 23.09 -5.70 12.72
CA ALA A 361 23.38 -4.58 13.62
C ALA A 361 23.75 -5.07 15.01
N ALA A 362 23.26 -6.24 15.38
CA ALA A 362 23.63 -6.79 16.66
C ALA A 362 25.12 -7.02 16.76
N TYR A 363 25.82 -7.17 15.64
CA TYR A 363 27.28 -7.35 15.69
C TYR A 363 27.93 -6.18 16.37
N GLU A 364 27.70 -4.98 15.87
CA GLU A 364 28.37 -3.82 16.44
C GLU A 364 27.85 -3.51 17.83
N ILE A 365 26.55 -3.62 18.08
CA ILE A 365 26.09 -3.31 19.43
C ILE A 365 26.65 -4.31 20.44
N PHE A 366 26.54 -5.60 20.16
CA PHE A 366 27.15 -6.58 21.04
C PHE A 366 28.66 -6.51 21.00
N LYS A 367 29.24 -5.61 20.21
CA LYS A 367 30.69 -5.43 20.28
C LYS A 367 31.10 -4.56 21.48
N ILE A 368 30.57 -3.34 21.56
CA ILE A 368 30.86 -2.47 22.71
C ILE A 368 30.58 -3.19 24.01
N ILE A 369 29.65 -4.15 24.00
CA ILE A 369 29.35 -4.99 25.15
C ILE A 369 30.45 -5.99 25.43
N ASP A 370 31.37 -6.19 24.46
CA ASP A 370 32.34 -7.28 24.52
C ASP A 370 33.64 -6.91 25.24
N ASN A 371 34.33 -5.91 24.74
CA ASN A 371 35.69 -5.66 25.19
C ASN A 371 35.74 -4.76 26.42
N LYS A 372 36.71 -5.09 27.32
CA LYS A 372 37.10 -4.51 28.61
C LYS A 372 38.35 -3.69 28.41
N PRO A 373 38.28 -2.38 28.71
CA PRO A 373 39.45 -1.49 28.56
C PRO A 373 40.57 -1.88 29.53
N SER A 374 41.81 -1.65 29.12
CA SER A 374 42.97 -1.97 29.95
C SER A 374 42.84 -1.40 31.36
N ILE A 375 42.51 -0.12 31.45
CA ILE A 375 42.33 0.55 32.73
C ILE A 375 40.85 0.59 33.07
N ASP A 376 40.34 -0.52 33.61
CA ASP A 376 38.93 -0.63 33.98
C ASP A 376 38.46 0.54 34.84
N SER A 377 37.56 1.35 34.30
CA SER A 377 37.03 2.50 35.01
C SER A 377 36.25 2.09 36.25
N TYR A 378 35.52 0.98 36.13
CA TYR A 378 34.72 0.47 37.25
C TYR A 378 35.62 -0.24 38.26
N SER A 379 35.81 -1.54 38.06
CA SER A 379 36.94 -2.29 38.61
C SER A 379 36.97 -2.35 40.13
N LYS A 380 36.17 -3.24 40.71
CA LYS A 380 36.10 -3.40 42.17
C LYS A 380 37.23 -4.25 42.75
N SER A 381 38.03 -4.86 41.89
CA SER A 381 39.15 -5.68 42.33
C SER A 381 40.43 -4.85 42.50
N GLY A 382 40.35 -3.58 42.14
CA GLY A 382 41.49 -2.68 42.27
C GLY A 382 41.96 -2.53 43.69
N HIS A 383 43.26 -2.38 43.88
CA HIS A 383 43.84 -2.24 45.20
C HIS A 383 43.62 -0.82 45.70
N LYS A 384 43.43 -0.68 47.01
CA LYS A 384 43.14 0.60 47.62
C LYS A 384 44.16 0.88 48.72
N PRO A 385 44.85 2.01 48.67
CA PRO A 385 45.81 2.35 49.74
C PRO A 385 45.12 2.98 50.93
N ASP A 386 45.83 3.00 52.06
CA ASP A 386 45.29 3.54 53.30
C ASP A 386 46.08 4.72 53.84
N ASN A 387 47.42 4.59 53.94
CA ASN A 387 48.25 5.69 54.45
C ASN A 387 48.75 6.50 53.25
N ILE A 388 47.81 7.19 52.62
CA ILE A 388 48.08 7.87 51.35
C ILE A 388 48.67 9.24 51.66
N LYS A 389 49.99 9.33 51.68
CA LYS A 389 50.70 10.59 51.83
C LYS A 389 51.00 11.15 50.47
N GLY A 390 50.98 12.48 50.35
CA GLY A 390 51.27 13.13 49.08
C GLY A 390 52.64 12.82 48.53
N ASN A 391 52.69 12.06 47.44
CA ASN A 391 53.93 11.77 46.73
C ASN A 391 53.65 11.75 45.24
N LEU A 392 54.68 11.96 44.43
CA LEU A 392 54.56 11.95 42.98
C LEU A 392 55.86 11.47 42.36
N GLU A 393 55.80 10.37 41.58
CA GLU A 393 57.02 9.73 41.10
C GLU A 393 56.89 9.39 39.62
N PHE A 394 57.76 9.98 38.80
CA PHE A 394 57.87 9.76 37.37
C PHE A 394 59.31 9.38 37.06
N ARG A 395 59.51 8.53 36.06
CA ARG A 395 60.86 8.12 35.65
C ARG A 395 60.86 7.74 34.19
N ASN A 396 61.43 8.60 33.33
CA ASN A 396 61.60 8.32 31.91
C ASN A 396 60.25 8.09 31.23
N VAL A 397 59.37 9.08 31.35
CA VAL A 397 57.96 8.93 31.01
C VAL A 397 57.72 9.47 29.59
N HIS A 398 57.09 8.66 28.75
CA HIS A 398 56.76 9.01 27.38
C HIS A 398 55.29 8.69 27.13
N PHE A 399 54.67 9.38 26.18
CA PHE A 399 53.36 8.95 25.71
C PHE A 399 53.01 9.64 24.40
N SER A 400 52.23 8.92 23.57
CA SER A 400 51.61 9.46 22.36
C SER A 400 50.12 9.18 22.38
N TYR A 401 49.34 10.17 21.98
CA TYR A 401 47.90 10.01 21.94
C TYR A 401 47.55 9.09 20.77
N PRO A 402 47.13 7.84 21.03
CA PRO A 402 47.01 6.85 19.95
C PRO A 402 46.21 7.31 18.75
N SER A 403 45.51 8.45 18.85
CA SER A 403 44.96 9.09 17.66
C SER A 403 46.07 9.47 16.69
N ARG A 404 47.28 9.69 17.20
CA ARG A 404 48.49 9.84 16.38
C ARG A 404 49.63 9.12 17.09
N LYS A 405 49.82 7.83 16.79
CA LYS A 405 50.91 7.06 17.38
C LYS A 405 52.22 7.19 16.61
N GLU A 406 52.23 7.92 15.50
CA GLU A 406 53.49 8.15 14.79
C GLU A 406 54.35 9.18 15.52
N VAL A 407 53.74 10.17 16.18
CA VAL A 407 54.47 11.20 16.89
C VAL A 407 54.50 10.87 18.37
N LYS A 408 55.70 10.83 18.94
CA LYS A 408 55.89 10.68 20.38
C LYS A 408 56.18 12.07 20.92
N ILE A 409 55.19 12.66 21.60
CA ILE A 409 55.25 14.09 21.87
C ILE A 409 56.05 14.39 23.13
N LEU A 410 55.87 13.59 24.18
CA LEU A 410 56.70 13.66 25.37
C LEU A 410 57.81 12.63 25.27
N LYS A 411 59.06 13.12 25.30
CA LYS A 411 60.23 12.31 25.02
C LYS A 411 61.12 12.23 26.26
N GLY A 412 60.49 12.01 27.41
CA GLY A 412 61.24 11.87 28.64
C GLY A 412 60.83 12.83 29.74
N LEU A 413 60.57 12.27 30.93
CA LEU A 413 60.32 13.06 32.12
C LEU A 413 60.58 12.18 33.33
N ASN A 414 61.50 12.61 34.18
CA ASN A 414 61.90 11.87 35.38
C ASN A 414 61.79 12.81 36.56
N LEU A 415 60.67 12.72 37.28
CA LEU A 415 60.31 13.75 38.26
C LEU A 415 60.03 13.13 39.61
N LYS A 416 60.45 13.80 40.67
CA LYS A 416 60.15 13.38 42.03
C LYS A 416 59.63 14.59 42.77
N VAL A 417 58.40 14.51 43.25
CA VAL A 417 57.77 15.60 43.99
C VAL A 417 57.21 15.04 45.28
N GLN A 418 57.41 15.76 46.38
CA GLN A 418 57.00 15.33 47.70
C GLN A 418 55.66 15.96 48.09
N SER A 419 55.26 15.80 49.35
CA SER A 419 53.99 16.32 49.83
C SER A 419 53.99 17.84 49.84
N GLY A 420 52.81 18.42 49.64
CA GLY A 420 52.63 19.85 49.67
C GLY A 420 53.39 20.61 48.61
N GLN A 421 54.23 19.94 47.83
CA GLN A 421 55.17 20.59 46.93
C GLN A 421 54.40 21.11 45.71
N THR A 422 54.19 22.43 45.70
CA THR A 422 53.47 23.10 44.62
C THR A 422 54.44 23.37 43.48
N VAL A 423 54.23 22.69 42.36
CA VAL A 423 55.10 22.80 41.20
C VAL A 423 54.33 23.49 40.07
N ALA A 424 55.00 24.44 39.42
CA ALA A 424 54.51 25.01 38.18
C ALA A 424 55.40 24.56 37.04
N LEU A 425 54.87 24.63 35.82
CA LEU A 425 55.54 24.16 34.61
C LEU A 425 55.58 25.29 33.59
N VAL A 426 56.78 25.82 33.34
CA VAL A 426 56.97 26.95 32.43
C VAL A 426 57.48 26.42 31.10
N GLY A 427 56.93 26.97 30.02
CA GLY A 427 57.31 26.56 28.68
C GLY A 427 56.24 26.97 27.71
N ASN A 428 56.60 26.95 26.43
CA ASN A 428 55.67 27.38 25.40
C ASN A 428 54.54 26.38 25.21
N SER A 429 53.46 26.86 24.59
CA SER A 429 52.45 25.97 24.05
C SER A 429 53.08 25.15 22.94
N GLY A 430 53.34 23.88 23.21
CA GLY A 430 54.12 23.05 22.31
C GLY A 430 54.96 22.06 23.07
N CYS A 431 55.00 22.18 24.40
CA CYS A 431 55.79 21.26 25.23
C CYS A 431 54.98 20.04 25.69
N GLY A 432 53.71 20.22 26.02
CA GLY A 432 52.94 19.07 26.49
C GLY A 432 52.84 18.87 27.98
N LYS A 433 52.36 19.88 28.72
CA LYS A 433 52.13 19.72 30.15
C LYS A 433 50.85 18.94 30.43
N SER A 434 49.75 19.33 29.78
CA SER A 434 48.45 18.70 30.02
C SER A 434 48.45 17.23 29.63
N THR A 435 49.36 16.81 28.76
CA THR A 435 49.56 15.39 28.49
C THR A 435 49.97 14.66 29.78
N THR A 436 51.01 15.15 30.43
CA THR A 436 51.38 14.63 31.75
C THR A 436 50.18 14.67 32.69
N VAL A 437 49.46 15.79 32.70
CA VAL A 437 48.29 15.97 33.56
C VAL A 437 47.34 14.79 33.46
N GLN A 438 46.89 14.49 32.25
CA GLN A 438 45.98 13.36 32.09
C GLN A 438 46.66 12.04 32.43
N LEU A 439 47.92 11.88 32.04
CA LEU A 439 48.67 10.66 32.31
C LEU A 439 48.76 10.34 33.80
N MET A 440 48.77 11.36 34.67
CA MET A 440 48.85 11.11 36.10
C MET A 440 47.58 10.44 36.64
N GLN A 441 46.42 10.87 36.15
CA GLN A 441 45.12 10.42 36.64
C GLN A 441 44.76 9.03 36.17
N ARG A 442 45.75 8.31 35.65
CA ARG A 442 45.56 7.00 35.03
C ARG A 442 44.48 7.05 33.96
N LEU A 443 44.24 8.23 33.41
CA LEU A 443 43.52 8.33 32.16
C LEU A 443 44.27 7.69 31.00
N TYR A 444 45.53 7.28 31.19
CA TYR A 444 46.23 6.50 30.18
C TYR A 444 47.26 5.62 30.90
N ASP A 445 47.90 4.73 30.14
CA ASP A 445 49.14 4.10 30.58
C ASP A 445 50.31 4.91 30.00
N PRO A 446 51.21 5.37 30.86
CA PRO A 446 52.47 5.90 30.33
C PRO A 446 53.29 4.76 29.72
N THR A 447 53.94 5.07 28.60
CA THR A 447 54.59 4.06 27.79
C THR A 447 55.91 3.58 28.36
N GLU A 448 56.77 4.50 28.80
CA GLU A 448 58.11 4.14 29.26
C GLU A 448 58.29 4.58 30.70
N GLY A 449 59.02 3.76 31.44
CA GLY A 449 59.27 4.02 32.84
C GLY A 449 58.26 3.36 33.75
N MET A 450 58.03 4.01 34.88
CA MET A 450 57.05 3.53 35.84
C MET A 450 56.69 4.66 36.79
N VAL A 451 55.45 5.11 36.72
CA VAL A 451 54.95 6.18 37.60
C VAL A 451 54.32 5.55 38.83
N SER A 452 54.62 6.15 39.98
CA SER A 452 54.09 5.69 41.25
C SER A 452 53.75 6.87 42.14
N VAL A 453 53.05 6.56 43.23
CA VAL A 453 52.66 7.54 44.23
C VAL A 453 52.86 6.89 45.59
N ASP A 454 53.91 7.30 46.30
CA ASP A 454 54.15 6.90 47.69
C ASP A 454 54.39 5.39 47.82
N GLY A 455 55.40 4.92 47.09
CA GLY A 455 55.82 3.54 47.22
C GLY A 455 55.24 2.56 46.21
N GLN A 456 53.91 2.47 46.13
CA GLN A 456 53.28 1.54 45.21
C GLN A 456 52.92 2.23 43.90
N ASP A 457 52.70 1.41 42.86
CA ASP A 457 52.46 1.91 41.52
C ASP A 457 50.97 2.00 41.22
N ILE A 458 50.63 2.87 40.25
CA ILE A 458 49.23 3.11 39.93
C ILE A 458 48.66 1.99 39.08
N ARG A 459 49.48 1.40 38.19
CA ARG A 459 49.01 0.47 37.19
C ARG A 459 48.20 -0.70 37.76
N THR A 460 48.22 -0.92 39.07
CA THR A 460 47.56 -2.08 39.66
C THR A 460 46.52 -1.74 40.71
N ILE A 461 46.17 -0.48 40.88
CA ILE A 461 45.30 -0.04 41.97
C ILE A 461 44.08 0.66 41.38
N ASN A 462 43.11 0.98 42.25
CA ASN A 462 41.80 1.44 41.80
C ASN A 462 41.88 2.82 41.18
N VAL A 463 41.18 2.98 40.04
CA VAL A 463 41.22 4.22 39.28
C VAL A 463 40.11 5.15 39.72
N ARG A 464 39.01 4.62 40.22
CA ARG A 464 37.94 5.49 40.71
C ARG A 464 38.40 6.23 41.96
N PHE A 465 38.76 5.48 43.00
CA PHE A 465 39.44 6.04 44.17
C PHE A 465 40.51 7.05 43.80
N LEU A 466 41.38 6.71 42.85
CA LEU A 466 42.58 7.51 42.59
C LEU A 466 42.27 8.74 41.74
N ARG A 467 41.50 8.51 40.68
CA ARG A 467 41.02 9.57 39.79
C ARG A 467 40.31 10.59 40.68
N GLU A 468 39.80 10.11 41.81
CA GLU A 468 39.20 10.99 42.79
C GLU A 468 40.21 11.79 43.59
N ILE A 469 41.14 11.13 44.27
CA ILE A 469 41.99 11.82 45.23
C ILE A 469 42.99 12.75 44.55
N ILE A 470 43.00 12.79 43.22
CA ILE A 470 43.72 13.82 42.49
C ILE A 470 42.68 14.66 41.78
N GLY A 471 42.15 15.66 42.49
CA GLY A 471 41.13 16.48 41.92
C GLY A 471 41.78 17.43 40.95
N VAL A 472 41.21 17.54 39.76
CA VAL A 472 41.79 18.34 38.68
C VAL A 472 40.80 19.43 38.31
N VAL A 473 41.32 20.53 37.76
CA VAL A 473 40.58 21.38 36.85
C VAL A 473 41.43 21.51 35.59
N SER A 474 40.79 21.54 34.44
CA SER A 474 41.53 21.48 33.19
C SER A 474 41.48 22.82 32.46
N GLN A 475 42.01 22.83 31.23
CA GLN A 475 42.21 24.07 30.49
C GLN A 475 40.89 24.78 30.23
N GLU A 476 39.98 24.13 29.52
CA GLU A 476 38.66 24.69 29.19
C GLU A 476 37.58 23.85 29.85
N PRO A 477 37.45 23.90 31.16
CA PRO A 477 36.37 23.16 31.82
C PRO A 477 35.02 23.57 31.25
N VAL A 478 34.04 22.69 31.44
CA VAL A 478 32.71 22.85 30.86
C VAL A 478 31.67 22.78 31.97
N LEU A 479 30.48 23.30 31.69
CA LEU A 479 29.41 23.38 32.69
C LEU A 479 28.25 22.51 32.27
N PHE A 480 27.71 21.76 33.23
CA PHE A 480 26.58 20.89 32.99
C PHE A 480 25.27 21.65 33.06
N ALA A 481 24.24 21.11 32.40
CA ALA A 481 22.91 21.69 32.47
C ALA A 481 22.08 21.02 33.56
N THR A 482 22.67 20.90 34.74
CA THR A 482 21.96 20.46 35.93
C THR A 482 21.69 21.68 36.80
N THR A 483 21.09 21.46 37.97
CA THR A 483 21.01 22.54 38.93
C THR A 483 22.43 22.86 39.42
N ILE A 484 22.66 24.14 39.72
CA ILE A 484 23.96 24.59 40.19
C ILE A 484 24.45 23.77 41.39
N ALA A 485 23.59 23.55 42.38
CA ALA A 485 23.98 22.72 43.51
C ALA A 485 24.27 21.29 43.09
N GLU A 486 23.74 20.86 41.94
CA GLU A 486 24.03 19.52 41.45
C GLU A 486 25.39 19.45 40.79
N ASN A 487 25.67 20.40 39.88
CA ASN A 487 27.04 20.58 39.41
C ASN A 487 28.02 20.42 40.56
N ILE A 488 27.85 21.24 41.60
CA ILE A 488 28.73 21.12 42.74
C ILE A 488 28.69 19.72 43.32
N ARG A 489 27.53 19.28 43.82
CA ARG A 489 27.40 18.02 44.55
C ARG A 489 28.04 16.87 43.80
N TYR A 490 28.34 17.06 42.52
CA TYR A 490 29.14 16.06 41.82
C TYR A 490 30.50 15.88 42.48
N GLY A 491 30.79 16.66 43.52
CA GLY A 491 31.89 16.32 44.40
C GLY A 491 31.67 14.99 45.10
N ARG A 492 30.41 14.70 45.45
CA ARG A 492 30.08 13.45 46.13
C ARG A 492 28.57 13.26 46.18
N GLU A 493 28.13 12.01 46.10
CA GLU A 493 26.73 11.69 46.31
C GLU A 493 26.26 12.25 47.64
N ASN A 494 27.09 12.14 48.66
CA ASN A 494 26.80 12.69 49.98
C ASN A 494 27.61 13.97 50.12
N VAL A 495 26.89 15.09 50.11
CA VAL A 495 27.43 16.40 50.46
C VAL A 495 26.31 17.17 51.16
N THR A 496 26.68 18.01 52.13
CA THR A 496 25.73 18.89 52.79
C THR A 496 25.71 20.26 52.12
N MET A 497 24.62 20.99 52.35
CA MET A 497 24.49 22.35 51.85
C MET A 497 25.46 23.31 52.55
N ASP A 498 25.77 23.06 53.82
CA ASP A 498 26.74 23.90 54.51
C ASP A 498 28.13 23.75 53.90
N GLU A 499 28.46 22.57 53.40
CA GLU A 499 29.75 22.41 52.73
C GLU A 499 29.80 23.21 51.44
N ILE A 500 28.73 23.16 50.65
CA ILE A 500 28.69 23.96 49.42
C ILE A 500 28.84 25.44 49.76
N GLU A 501 28.14 25.90 50.81
CA GLU A 501 28.25 27.29 51.23
C GLU A 501 29.69 27.61 51.65
N LYS A 502 30.30 26.75 52.46
CA LYS A 502 31.68 26.96 52.89
C LYS A 502 32.62 27.07 51.70
N ALA A 503 32.48 26.17 50.73
CA ALA A 503 33.41 26.14 49.60
C ALA A 503 33.18 27.32 48.67
N VAL A 504 31.94 27.77 48.52
CA VAL A 504 31.68 28.88 47.61
C VAL A 504 32.04 30.21 48.28
N LYS A 505 32.08 30.26 49.62
CA LYS A 505 32.64 31.44 50.27
C LYS A 505 34.16 31.37 50.36
N GLU A 506 34.74 30.17 50.31
CA GLU A 506 36.19 30.07 50.22
C GLU A 506 36.68 30.51 48.85
N ALA A 507 36.21 29.85 47.79
CA ALA A 507 36.56 30.26 46.43
C ALA A 507 36.17 31.70 46.14
N ASN A 508 35.32 32.29 46.98
CA ASN A 508 34.83 33.65 46.81
C ASN A 508 34.23 33.83 45.42
N ALA A 509 33.38 32.88 45.04
CA ALA A 509 32.54 32.97 43.86
C ALA A 509 31.08 33.03 44.30
N TYR A 510 30.82 33.80 45.35
CA TYR A 510 29.52 33.78 46.01
C TYR A 510 28.69 35.04 45.75
N ASP A 511 29.29 36.11 45.24
CA ASP A 511 28.50 37.32 44.99
C ASP A 511 27.46 37.06 43.90
N PHE A 512 27.90 36.58 42.74
CA PHE A 512 26.93 36.25 41.70
C PHE A 512 26.02 35.11 42.11
N ILE A 513 26.41 34.31 43.10
CA ILE A 513 25.49 33.34 43.68
C ILE A 513 24.33 34.06 44.36
N MET A 514 24.63 35.14 45.08
CA MET A 514 23.57 35.96 45.66
C MET A 514 22.73 36.64 44.59
N LYS A 515 23.36 37.11 43.51
CA LYS A 515 22.63 37.94 42.55
C LYS A 515 21.56 37.17 41.77
N LEU A 516 21.69 35.82 41.62
CA LEU A 516 20.78 35.22 40.66
C LEU A 516 19.44 34.85 41.30
N PRO A 517 18.38 34.81 40.50
CA PRO A 517 17.08 34.35 41.01
C PRO A 517 17.14 32.91 41.50
N HIS A 518 16.42 32.68 42.61
CA HIS A 518 16.30 31.35 43.23
C HIS A 518 17.68 30.80 43.58
N LYS A 519 18.28 31.48 44.58
CA LYS A 519 19.68 31.33 44.96
C LYS A 519 20.19 29.90 44.94
N PHE A 520 19.34 28.92 45.24
CA PHE A 520 19.72 27.51 45.17
C PHE A 520 18.91 26.72 44.16
N ASP A 521 18.12 27.40 43.32
CA ASP A 521 17.36 26.76 42.27
C ASP A 521 17.72 27.31 40.89
N THR A 522 18.82 28.03 40.78
CA THR A 522 19.10 28.78 39.56
C THR A 522 19.38 27.82 38.42
N LEU A 523 18.49 27.80 37.44
CA LEU A 523 18.59 26.85 36.33
C LEU A 523 19.54 27.41 35.29
N VAL A 524 20.60 26.65 35.01
CA VAL A 524 21.46 26.95 33.88
C VAL A 524 20.98 26.15 32.67
N GLY A 525 21.25 26.67 31.48
CA GLY A 525 20.92 25.96 30.26
C GLY A 525 22.02 25.03 29.77
N GLU A 526 22.08 24.82 28.45
CA GLU A 526 23.10 23.94 27.88
C GLU A 526 24.48 24.57 28.03
N ARG A 527 25.43 23.77 28.51
CA ARG A 527 26.86 24.11 28.53
C ARG A 527 27.18 25.16 29.59
N GLY A 528 26.15 25.77 30.17
CA GLY A 528 26.41 26.88 31.06
C GLY A 528 26.86 28.16 30.38
N ALA A 529 26.02 28.73 29.51
CA ALA A 529 26.37 29.94 28.78
C ALA A 529 25.39 31.09 28.99
N GLN A 530 24.53 31.00 30.01
CA GLN A 530 23.72 32.17 30.38
C GLN A 530 24.55 33.17 31.18
N LEU A 531 25.48 32.69 31.99
CA LEU A 531 26.33 33.51 32.84
C LEU A 531 27.71 33.66 32.20
N SER A 532 28.62 34.28 32.95
CA SER A 532 29.93 34.68 32.43
C SER A 532 30.87 33.48 32.31
N GLY A 533 32.07 33.75 31.80
CA GLY A 533 33.10 32.73 31.77
C GLY A 533 34.03 32.79 32.96
N GLY A 534 34.21 33.99 33.52
CA GLY A 534 34.99 34.12 34.74
C GLY A 534 34.34 33.44 35.92
N GLN A 535 33.05 33.70 36.13
CA GLN A 535 32.31 32.94 37.13
C GLN A 535 32.34 31.45 36.82
N LYS A 536 32.42 31.11 35.53
CA LYS A 536 32.45 29.71 35.12
C LYS A 536 33.73 29.03 35.56
N GLN A 537 34.86 29.70 35.40
CA GLN A 537 36.10 29.15 35.91
C GLN A 537 36.14 29.16 37.43
N ARG A 538 35.56 30.19 38.06
CA ARG A 538 35.46 30.20 39.52
C ARG A 538 34.70 28.98 40.03
N ILE A 539 33.66 28.56 39.31
CA ILE A 539 32.88 27.43 39.83
C ILE A 539 33.44 26.08 39.39
N ALA A 540 34.21 26.01 38.30
CA ALA A 540 35.00 24.80 38.07
C ALA A 540 36.04 24.62 39.17
N ILE A 541 36.71 25.71 39.55
CA ILE A 541 37.49 25.76 40.79
C ILE A 541 36.68 25.23 41.95
N ALA A 542 35.51 25.81 42.18
CA ALA A 542 34.67 25.43 43.31
C ALA A 542 34.39 23.94 43.31
N ARG A 543 34.21 23.34 42.13
CA ARG A 543 33.92 21.92 42.06
C ARG A 543 35.13 21.08 42.42
N ALA A 544 36.29 21.36 41.79
CA ALA A 544 37.47 20.61 42.19
C ALA A 544 37.89 20.93 43.62
N LEU A 545 37.26 21.94 44.23
CA LEU A 545 37.43 22.26 45.65
C LEU A 545 36.53 21.43 46.55
N VAL A 546 35.24 21.36 46.26
CA VAL A 546 34.33 20.51 47.01
C VAL A 546 34.66 19.05 46.81
N ARG A 547 35.36 18.72 45.74
CA ARG A 547 35.78 17.34 45.53
C ARG A 547 36.73 16.88 46.62
N ASN A 548 37.24 17.80 47.44
CA ASN A 548 38.17 17.61 48.56
C ASN A 548 39.21 16.54 48.27
N PRO A 549 40.09 16.76 47.30
CA PRO A 549 41.05 15.71 46.94
C PRO A 549 42.33 15.72 47.76
N LYS A 550 43.08 14.62 47.67
CA LYS A 550 44.39 14.49 48.29
C LYS A 550 45.49 15.21 47.53
N ILE A 551 45.27 15.51 46.25
CA ILE A 551 46.18 16.30 45.43
C ILE A 551 45.32 17.24 44.60
N LEU A 552 45.84 18.43 44.34
CA LEU A 552 45.10 19.43 43.56
C LEU A 552 45.89 19.80 42.32
N LEU A 553 45.33 19.50 41.15
CA LEU A 553 46.01 19.71 39.88
C LEU A 553 45.23 20.72 39.06
N LEU A 554 45.82 21.89 38.87
CA LEU A 554 45.20 22.97 38.10
C LEU A 554 45.79 23.01 36.70
N ASP A 555 44.94 23.27 35.70
CA ASP A 555 45.38 23.53 34.34
C ASP A 555 44.71 24.84 33.90
N GLU A 556 45.34 25.97 34.23
CA GLU A 556 44.86 27.27 33.78
C GLU A 556 43.38 27.47 34.16
N ALA A 557 43.13 27.49 35.47
CA ALA A 557 41.79 27.75 35.98
C ALA A 557 41.45 29.23 35.99
N THR A 558 42.22 30.05 35.29
CA THR A 558 42.02 31.50 35.23
C THR A 558 41.97 31.93 33.76
N SER A 559 41.16 31.22 32.96
CA SER A 559 41.17 31.41 31.52
C SER A 559 40.84 32.86 31.14
N ALA A 560 39.62 33.28 31.44
CA ALA A 560 39.18 34.65 31.21
C ALA A 560 38.72 35.33 32.50
N LEU A 561 39.50 35.21 33.57
CA LEU A 561 39.10 35.71 34.88
C LEU A 561 39.80 37.03 35.15
N ASP A 562 39.30 37.74 36.16
CA ASP A 562 39.79 39.07 36.53
C ASP A 562 41.07 38.96 37.35
N THR A 563 41.42 40.05 38.04
CA THR A 563 42.60 40.08 38.90
C THR A 563 42.27 39.83 40.37
N GLU A 564 41.37 40.63 40.94
CA GLU A 564 41.14 40.52 42.39
C GLU A 564 40.52 39.18 42.77
N SER A 565 39.59 38.68 41.96
CA SER A 565 39.07 37.34 42.21
C SER A 565 40.15 36.29 42.02
N GLU A 566 41.08 36.51 41.08
CA GLU A 566 42.18 35.57 40.92
C GLU A 566 43.07 35.55 42.16
N ALA A 567 43.29 36.70 42.78
CA ALA A 567 44.11 36.75 43.99
C ALA A 567 43.40 36.07 45.16
N VAL A 568 42.09 36.30 45.30
CA VAL A 568 41.39 35.63 46.40
C VAL A 568 41.31 34.13 46.14
N VAL A 569 41.19 33.71 44.88
CA VAL A 569 41.17 32.29 44.54
C VAL A 569 42.52 31.66 44.83
N GLN A 570 43.60 32.35 44.50
CA GLN A 570 44.92 31.81 44.78
C GLN A 570 45.17 31.73 46.28
N VAL A 571 44.65 32.68 47.06
CA VAL A 571 44.84 32.62 48.51
C VAL A 571 44.02 31.49 49.12
N ALA A 572 42.78 31.29 48.65
CA ALA A 572 41.99 30.16 49.12
C ALA A 572 42.61 28.83 48.68
N LEU A 573 43.28 28.82 47.53
CA LEU A 573 44.10 27.67 47.14
C LEU A 573 45.22 27.44 48.14
N ASP A 574 46.10 28.43 48.32
CA ASP A 574 47.18 28.40 49.29
C ASP A 574 46.72 28.02 50.69
N LYS A 575 45.43 28.16 50.99
CA LYS A 575 44.89 27.68 52.25
C LYS A 575 44.93 26.17 52.34
N ALA A 576 44.91 25.46 51.21
CA ALA A 576 44.83 24.00 51.21
C ALA A 576 46.07 23.37 50.58
N ARG A 577 47.18 24.11 50.55
CA ARG A 577 48.40 23.64 49.91
C ARG A 577 49.44 23.12 50.87
N LYS A 578 49.13 23.03 52.16
CA LYS A 578 50.12 22.49 53.09
C LYS A 578 50.20 20.96 53.06
N GLY A 579 49.12 20.28 53.45
CA GLY A 579 49.12 18.84 53.54
C GLY A 579 48.75 18.10 52.27
N ARG A 580 48.23 18.81 51.28
CA ARG A 580 47.84 18.22 50.01
C ARG A 580 48.75 18.74 48.90
N THR A 581 49.47 17.81 48.29
CA THR A 581 50.31 18.12 47.15
C THR A 581 49.50 18.86 46.09
N THR A 582 50.13 19.82 45.43
CA THR A 582 49.47 20.58 44.38
C THR A 582 50.43 20.77 43.22
N ILE A 583 49.88 20.98 42.02
CA ILE A 583 50.66 21.32 40.84
C ILE A 583 49.81 22.18 39.92
N VAL A 584 50.39 23.25 39.38
CA VAL A 584 49.69 24.21 38.54
C VAL A 584 50.30 24.22 37.15
N ILE A 585 49.44 24.22 36.13
CA ILE A 585 49.81 24.34 34.73
C ILE A 585 49.18 25.62 34.22
N ALA A 586 49.92 26.72 34.30
CA ALA A 586 49.35 28.02 34.00
C ALA A 586 50.37 28.86 33.25
N HIS A 587 49.88 29.64 32.30
CA HIS A 587 50.67 30.62 31.60
C HIS A 587 50.60 31.97 32.28
N ARG A 588 49.47 32.28 32.90
CA ARG A 588 49.38 33.48 33.71
C ARG A 588 50.32 33.37 34.90
N LEU A 589 51.44 34.08 34.83
CA LEU A 589 52.49 34.04 35.83
C LEU A 589 52.00 34.51 37.20
N SER A 590 50.85 35.19 37.26
CA SER A 590 50.36 35.75 38.51
C SER A 590 50.16 34.69 39.58
N THR A 591 49.45 33.61 39.24
CA THR A 591 49.29 32.46 40.12
C THR A 591 50.41 31.45 39.97
N VAL A 592 51.58 31.87 39.50
CA VAL A 592 52.71 30.99 39.24
C VAL A 592 53.89 31.39 40.11
N ARG A 593 54.10 32.70 40.29
CA ARG A 593 55.20 33.16 41.13
C ARG A 593 55.08 32.68 42.56
N ASN A 594 53.87 32.53 43.08
CA ASN A 594 53.66 32.31 44.52
C ASN A 594 53.62 30.83 44.87
N ALA A 595 54.19 29.97 44.02
CA ALA A 595 54.31 28.56 44.35
C ALA A 595 55.73 28.25 44.81
N ASP A 596 55.94 27.04 45.31
CA ASP A 596 57.25 26.66 45.82
C ASP A 596 58.24 26.41 44.70
N VAL A 597 57.92 25.49 43.78
CA VAL A 597 58.85 25.05 42.76
C VAL A 597 58.34 25.48 41.40
N ILE A 598 59.25 25.93 40.55
CA ILE A 598 58.97 26.24 39.15
C ILE A 598 59.94 25.43 38.30
N ALA A 599 59.40 24.49 37.53
CA ALA A 599 60.21 23.66 36.66
C ALA A 599 59.96 24.08 35.22
N GLY A 600 60.91 23.76 34.35
CA GLY A 600 60.84 24.21 32.97
C GLY A 600 60.83 23.11 31.94
N PHE A 601 59.75 23.04 31.15
CA PHE A 601 59.76 22.23 29.94
C PHE A 601 60.41 22.98 28.78
N ASP A 602 61.07 22.21 27.90
CA ASP A 602 61.37 22.63 26.54
C ASP A 602 61.38 21.37 25.70
N ASP A 603 60.71 21.42 24.54
CA ASP A 603 60.63 20.26 23.65
C ASP A 603 60.06 19.04 24.35
N GLY A 604 59.15 19.28 25.30
CA GLY A 604 58.54 18.22 26.06
C GLY A 604 59.43 17.54 27.07
N VAL A 605 60.66 18.01 27.25
CA VAL A 605 61.56 17.45 28.25
C VAL A 605 61.80 18.48 29.34
N ILE A 606 62.02 18.01 30.56
CA ILE A 606 62.34 18.89 31.69
C ILE A 606 63.79 19.35 31.54
N VAL A 607 63.97 20.59 31.07
CA VAL A 607 65.32 21.12 30.89
C VAL A 607 65.79 21.87 32.13
N GLU A 608 65.08 22.93 32.50
CA GLU A 608 65.50 23.78 33.60
C GLU A 608 64.90 23.31 34.91
N LYS A 609 65.78 22.96 35.86
CA LYS A 609 65.36 22.51 37.17
C LYS A 609 65.88 23.48 38.21
N GLY A 610 65.13 23.61 39.29
CA GLY A 610 65.47 24.49 40.38
C GLY A 610 64.28 25.30 40.85
N ASN A 611 64.48 25.96 41.99
CA ASN A 611 63.47 26.82 42.57
C ASN A 611 63.49 28.17 41.85
N HIS A 612 62.81 29.16 42.43
CA HIS A 612 62.79 30.50 41.83
C HIS A 612 64.20 31.06 41.66
N ASP A 613 64.92 31.22 42.76
CA ASP A 613 66.27 31.77 42.70
C ASP A 613 67.18 30.92 41.81
N GLU A 614 66.97 29.60 41.80
CA GLU A 614 67.82 28.75 40.98
C GLU A 614 67.62 29.04 39.50
N LEU A 615 66.37 29.20 39.07
CA LEU A 615 66.10 29.61 37.69
C LEU A 615 66.54 31.05 37.42
N MET A 616 66.57 31.90 38.45
CA MET A 616 67.10 33.25 38.28
C MET A 616 68.57 33.21 37.91
N LYS A 617 69.36 32.44 38.65
CA LYS A 617 70.78 32.33 38.37
C LYS A 617 71.10 31.32 37.28
N GLU A 618 70.11 30.57 36.78
CA GLU A 618 70.37 29.48 35.84
C GLU A 618 70.41 29.93 34.39
N LYS A 619 69.76 31.05 34.06
CA LYS A 619 69.64 31.53 32.68
C LYS A 619 69.05 30.44 31.79
N GLY A 620 67.80 30.11 32.09
CA GLY A 620 67.03 29.19 31.27
C GLY A 620 65.91 29.87 30.52
N ILE A 621 64.70 29.33 30.61
CA ILE A 621 63.56 30.00 29.98
C ILE A 621 62.78 30.83 30.98
N TYR A 622 62.63 30.33 32.21
CA TYR A 622 61.88 31.08 33.21
C TYR A 622 62.56 32.39 33.55
N PHE A 623 63.89 32.45 33.42
CA PHE A 623 64.61 33.71 33.62
C PHE A 623 64.21 34.76 32.59
N LYS A 624 64.25 34.39 31.30
CA LYS A 624 63.84 35.33 30.26
C LYS A 624 62.38 35.72 30.44
N LEU A 625 61.52 34.76 30.78
CA LEU A 625 60.11 35.06 30.95
C LEU A 625 59.89 36.07 32.08
N VAL A 626 60.46 35.83 33.26
CA VAL A 626 60.26 36.77 34.36
C VAL A 626 60.98 38.08 34.09
N THR A 627 61.97 38.09 33.19
CA THR A 627 62.68 39.33 32.91
C THR A 627 61.89 40.23 31.97
N MET A 628 61.25 39.66 30.95
CA MET A 628 60.42 40.47 30.05
C MET A 628 58.99 40.64 30.57
N GLN A 629 58.58 39.81 31.53
CA GLN A 629 57.27 39.98 32.18
C GLN A 629 57.31 41.08 33.23
N THR A 630 58.50 41.44 33.71
CA THR A 630 58.62 42.43 34.78
C THR A 630 58.75 43.83 34.19
N PRO A 694 2.43 27.99 13.03
CA PRO A 694 1.95 29.38 13.00
C PRO A 694 0.68 29.52 12.18
N VAL A 695 0.22 30.75 11.93
CA VAL A 695 -1.02 30.94 11.21
C VAL A 695 -0.82 30.43 9.80
N SER A 696 -1.41 29.29 9.50
CA SER A 696 -1.19 28.61 8.23
C SER A 696 -2.32 28.92 7.27
N PHE A 697 -1.98 29.12 6.01
CA PHE A 697 -2.92 29.48 4.96
C PHE A 697 -2.89 28.47 3.83
N TRP A 698 -4.03 28.35 3.17
CA TRP A 698 -4.14 27.55 1.94
C TRP A 698 -4.03 28.47 0.74
N ARG A 699 -2.80 28.54 0.16
CA ARG A 699 -2.49 29.07 -1.17
C ARG A 699 -1.48 28.21 -1.89
N ILE A 700 -1.50 26.88 -1.69
CA ILE A 700 -0.31 26.10 -1.98
C ILE A 700 -0.43 25.34 -3.28
N MET A 701 -1.63 25.18 -3.82
CA MET A 701 -1.74 24.59 -5.14
C MET A 701 -1.02 25.45 -6.16
N LYS A 702 -0.91 26.75 -5.89
CA LYS A 702 -0.36 27.67 -6.87
C LYS A 702 1.14 27.48 -7.03
N LEU A 703 1.76 26.74 -6.12
CA LEU A 703 3.18 26.45 -6.27
C LEU A 703 3.40 25.42 -7.35
N ASN A 704 2.35 24.69 -7.73
CA ASN A 704 2.40 23.66 -8.76
C ASN A 704 1.36 23.88 -9.83
N LEU A 705 1.27 25.09 -10.37
CA LEU A 705 0.28 25.34 -11.42
C LEU A 705 0.88 24.99 -12.76
N THR A 706 2.20 25.16 -12.90
CA THR A 706 2.87 24.80 -14.13
C THR A 706 2.50 23.40 -14.59
N GLU A 707 2.31 22.48 -13.65
CA GLU A 707 1.99 21.10 -13.98
C GLU A 707 0.49 20.87 -13.91
N TRP A 708 -0.20 21.47 -14.83
CA TRP A 708 -1.57 21.10 -15.11
C TRP A 708 -1.71 19.87 -16.00
N PRO A 709 -0.83 19.61 -16.98
CA PRO A 709 -1.05 18.43 -17.82
C PRO A 709 -0.90 17.11 -17.10
N TYR A 710 0.12 16.99 -16.27
CA TYR A 710 0.24 15.76 -15.50
C TYR A 710 -0.98 15.56 -14.63
N PHE A 711 -1.51 16.64 -14.07
CA PHE A 711 -2.64 16.48 -13.16
C PHE A 711 -3.88 16.04 -13.90
N VAL A 712 -4.14 16.62 -15.07
CA VAL A 712 -5.28 16.19 -15.85
C VAL A 712 -5.22 14.69 -16.11
N VAL A 713 -4.10 14.22 -16.66
CA VAL A 713 -3.99 12.79 -16.94
C VAL A 713 -4.09 12.00 -15.64
N GLY A 714 -3.60 12.54 -14.54
CA GLY A 714 -3.61 11.81 -13.31
C GLY A 714 -5.00 11.64 -12.75
N VAL A 715 -5.80 12.69 -12.76
CA VAL A 715 -7.16 12.59 -12.24
C VAL A 715 -7.99 11.66 -13.10
N PHE A 716 -7.77 11.70 -14.42
CA PHE A 716 -8.48 10.74 -15.25
C PHE A 716 -8.13 9.31 -14.86
N CYS A 717 -6.85 8.98 -14.85
CA CYS A 717 -6.48 7.60 -14.56
C CYS A 717 -6.82 7.20 -13.13
N ALA A 718 -6.93 8.16 -12.22
CA ALA A 718 -7.34 7.79 -10.88
C ALA A 718 -8.83 7.48 -10.83
N ILE A 719 -9.64 8.24 -11.57
CA ILE A 719 -11.05 7.88 -11.70
C ILE A 719 -11.18 6.44 -12.14
N ILE A 720 -10.41 6.06 -13.14
CA ILE A 720 -10.58 4.71 -13.70
C ILE A 720 -10.06 3.65 -12.74
N ASN A 721 -8.98 3.93 -12.03
CA ASN A 721 -8.55 2.98 -11.01
C ASN A 721 -9.60 2.81 -9.93
N GLY A 722 -10.27 3.88 -9.58
CA GLY A 722 -11.31 3.75 -8.59
C GLY A 722 -12.43 2.89 -9.10
N GLY A 723 -12.92 3.19 -10.29
CA GLY A 723 -13.99 2.40 -10.83
C GLY A 723 -13.67 0.97 -11.08
N LEU A 724 -12.40 0.59 -11.07
CA LEU A 724 -12.08 -0.79 -11.43
C LEU A 724 -12.43 -1.79 -10.35
N GLN A 725 -12.93 -1.34 -9.21
CA GLN A 725 -13.44 -2.33 -8.25
C GLN A 725 -14.92 -2.67 -8.47
N PRO A 726 -15.83 -1.73 -8.65
CA PRO A 726 -17.19 -2.14 -9.02
C PRO A 726 -17.28 -2.92 -10.32
N ALA A 727 -16.43 -2.66 -11.29
CA ALA A 727 -16.47 -3.47 -12.50
C ALA A 727 -16.17 -4.92 -12.17
N PHE A 728 -15.26 -5.15 -11.24
CA PHE A 728 -15.00 -6.52 -10.87
C PHE A 728 -16.14 -7.08 -10.05
N ALA A 729 -16.76 -6.27 -9.22
CA ALA A 729 -17.92 -6.77 -8.49
C ALA A 729 -18.95 -7.34 -9.43
N ILE A 730 -19.36 -6.56 -10.42
CA ILE A 730 -20.36 -7.00 -11.39
C ILE A 730 -19.91 -8.25 -12.14
N ILE A 731 -18.72 -8.21 -12.73
CA ILE A 731 -18.30 -9.35 -13.53
C ILE A 731 -18.24 -10.63 -12.70
N PHE A 732 -17.78 -10.53 -11.46
CA PHE A 732 -17.70 -11.72 -10.63
C PHE A 732 -19.07 -12.25 -10.28
N SER A 733 -19.94 -11.38 -9.78
CA SER A 733 -21.26 -11.86 -9.44
C SER A 733 -22.11 -12.07 -10.66
N LYS A 734 -21.55 -12.05 -11.86
CA LYS A 734 -22.27 -12.59 -13.00
C LYS A 734 -21.70 -13.90 -13.49
N ILE A 735 -20.39 -14.10 -13.40
CA ILE A 735 -19.90 -15.41 -13.78
C ILE A 735 -20.27 -16.43 -12.72
N ILE A 736 -20.77 -16.01 -11.57
CA ILE A 736 -21.36 -16.98 -10.66
C ILE A 736 -22.82 -17.24 -11.03
N GLY A 737 -23.58 -16.18 -11.21
CA GLY A 737 -24.94 -16.33 -11.64
C GLY A 737 -25.11 -17.22 -12.84
N VAL A 738 -24.11 -17.28 -13.71
CA VAL A 738 -24.23 -18.19 -14.84
C VAL A 738 -24.45 -19.62 -14.38
N PHE A 739 -23.73 -20.06 -13.37
CA PHE A 739 -23.90 -21.42 -12.91
C PHE A 739 -25.07 -21.58 -11.96
N THR A 740 -25.62 -20.49 -11.48
CA THR A 740 -26.86 -20.63 -10.75
C THR A 740 -28.06 -20.84 -11.65
N ARG A 741 -28.06 -20.26 -12.84
CA ARG A 741 -29.23 -20.35 -13.70
C ARG A 741 -29.43 -21.74 -14.26
N ILE A 742 -30.50 -21.90 -15.02
CA ILE A 742 -30.85 -23.18 -15.61
C ILE A 742 -30.80 -23.05 -17.11
N ASP A 743 -29.69 -23.43 -17.72
CA ASP A 743 -29.43 -23.16 -19.11
C ASP A 743 -28.79 -24.38 -19.73
N ASP A 744 -28.40 -24.23 -20.90
CA ASP A 744 -27.85 -25.30 -21.70
C ASP A 744 -26.44 -25.58 -21.20
N PRO A 745 -25.70 -26.46 -21.83
CA PRO A 745 -24.24 -26.40 -21.63
C PRO A 745 -23.57 -25.48 -22.61
N GLU A 746 -24.26 -25.11 -23.68
CA GLU A 746 -23.71 -24.15 -24.62
C GLU A 746 -23.81 -22.74 -24.09
N THR A 747 -24.89 -22.38 -23.43
CA THR A 747 -24.94 -21.03 -22.91
C THR A 747 -24.02 -20.87 -21.74
N LYS A 748 -23.90 -21.89 -20.90
CA LYS A 748 -22.94 -21.80 -19.83
C LYS A 748 -21.52 -21.71 -20.36
N ARG A 749 -21.23 -22.40 -21.46
CA ARG A 749 -19.88 -22.30 -21.99
C ARG A 749 -19.62 -20.95 -22.62
N GLN A 750 -20.50 -20.46 -23.47
CA GLN A 750 -20.22 -19.17 -24.09
C GLN A 750 -20.12 -18.06 -23.05
N ASN A 751 -20.95 -18.07 -22.03
CA ASN A 751 -20.83 -16.98 -21.07
C ASN A 751 -19.64 -17.15 -20.14
N SER A 752 -19.21 -18.38 -19.86
CA SER A 752 -17.92 -18.54 -19.20
C SER A 752 -16.80 -17.93 -20.03
N ASN A 753 -16.78 -18.18 -21.34
CA ASN A 753 -15.71 -17.64 -22.16
C ASN A 753 -15.76 -16.12 -22.23
N LEU A 754 -16.93 -15.54 -22.41
CA LEU A 754 -17.01 -14.09 -22.42
C LEU A 754 -16.53 -13.49 -21.12
N PHE A 755 -16.89 -14.08 -19.98
CA PHE A 755 -16.52 -13.39 -18.75
C PHE A 755 -15.09 -13.68 -18.33
N SER A 756 -14.55 -14.83 -18.70
CA SER A 756 -13.11 -14.98 -18.64
C SER A 756 -12.38 -13.89 -19.40
N LEU A 757 -12.82 -13.59 -20.62
CA LEU A 757 -12.12 -12.58 -21.39
C LEU A 757 -12.29 -11.20 -20.78
N LEU A 758 -13.46 -10.90 -20.25
CA LEU A 758 -13.60 -9.61 -19.58
C LEU A 758 -12.70 -9.53 -18.36
N PHE A 759 -12.41 -10.67 -17.73
CA PHE A 759 -11.47 -10.72 -16.58
C PHE A 759 -10.06 -10.34 -17.06
N LEU A 760 -9.62 -10.90 -18.19
CA LEU A 760 -8.33 -10.55 -18.77
C LEU A 760 -8.27 -9.07 -19.12
N ALA A 761 -9.32 -8.53 -19.71
CA ALA A 761 -9.27 -7.13 -20.12
C ALA A 761 -9.26 -6.21 -18.93
N LEU A 762 -9.95 -6.57 -17.87
CA LEU A 762 -9.88 -5.74 -16.67
C LEU A 762 -8.46 -5.75 -16.13
N GLY A 763 -7.78 -6.86 -16.28
CA GLY A 763 -6.40 -6.92 -15.82
C GLY A 763 -5.48 -6.01 -16.60
N ILE A 764 -5.57 -6.05 -17.92
CA ILE A 764 -4.70 -5.22 -18.74
C ILE A 764 -4.96 -3.74 -18.49
N ILE A 765 -6.23 -3.34 -18.48
CA ILE A 765 -6.46 -1.93 -18.22
C ILE A 765 -6.02 -1.56 -16.82
N SER A 766 -6.03 -2.48 -15.88
CA SER A 766 -5.48 -2.16 -14.56
C SER A 766 -4.00 -1.88 -14.65
N PHE A 767 -3.28 -2.71 -15.39
CA PHE A 767 -1.85 -2.47 -15.55
C PHE A 767 -1.60 -1.07 -16.07
N ILE A 768 -2.18 -0.73 -17.22
CA ILE A 768 -1.83 0.53 -17.87
C ILE A 768 -2.26 1.70 -17.01
N THR A 769 -3.40 1.63 -16.37
CA THR A 769 -3.83 2.78 -15.59
C THR A 769 -3.01 2.95 -14.31
N PHE A 770 -2.62 1.88 -13.64
CA PHE A 770 -1.71 2.05 -12.51
C PHE A 770 -0.38 2.63 -12.97
N PHE A 771 0.21 2.07 -14.00
CA PHE A 771 1.45 2.65 -14.45
C PHE A 771 1.32 4.13 -14.71
N LEU A 772 0.21 4.57 -15.32
CA LEU A 772 0.12 5.99 -15.65
C LEU A 772 -0.12 6.85 -14.44
N GLN A 773 -1.02 6.45 -13.54
CA GLN A 773 -1.26 7.29 -12.38
C GLN A 773 0.00 7.39 -11.54
N GLY A 774 0.73 6.30 -11.41
CA GLY A 774 1.96 6.35 -10.66
C GLY A 774 3.01 7.21 -11.32
N PHE A 775 3.37 6.90 -12.56
CA PHE A 775 4.39 7.67 -13.23
C PHE A 775 4.06 9.15 -13.25
N THR A 776 2.80 9.50 -13.50
CA THR A 776 2.48 10.91 -13.69
C THR A 776 2.44 11.67 -12.38
N PHE A 777 1.75 11.17 -11.37
CA PHE A 777 1.83 11.89 -10.11
C PHE A 777 3.23 11.87 -9.55
N GLY A 778 3.98 10.80 -9.81
CA GLY A 778 5.37 10.76 -9.37
C GLY A 778 6.19 11.85 -10.01
N LYS A 779 6.04 12.04 -11.32
CA LYS A 779 6.88 13.00 -11.98
C LYS A 779 6.48 14.42 -11.64
N ALA A 780 5.19 14.69 -11.48
CA ALA A 780 4.83 16.03 -11.01
C ALA A 780 5.34 16.27 -9.60
N GLY A 781 5.32 15.23 -8.77
CA GLY A 781 5.81 15.40 -7.41
C GLY A 781 7.30 15.66 -7.36
N GLU A 782 8.07 14.93 -8.15
CA GLU A 782 9.51 15.17 -8.15
C GLU A 782 9.82 16.55 -8.69
N ILE A 783 9.12 17.00 -9.71
CA ILE A 783 9.47 18.31 -10.25
C ILE A 783 9.12 19.41 -9.27
N LEU A 784 7.95 19.32 -8.63
CA LEU A 784 7.68 20.30 -7.60
C LEU A 784 8.75 20.30 -6.54
N THR A 785 9.12 19.11 -6.04
CA THR A 785 10.13 19.03 -5.01
C THR A 785 11.40 19.74 -5.43
N LYS A 786 11.88 19.46 -6.64
CA LYS A 786 13.17 20.02 -7.04
C LYS A 786 13.10 21.53 -7.16
N ARG A 787 12.04 22.08 -7.75
CA ARG A 787 12.09 23.53 -7.89
C ARG A 787 11.88 24.18 -6.53
N LEU A 788 11.21 23.50 -5.61
CA LEU A 788 11.04 24.10 -4.29
C LEU A 788 12.33 24.10 -3.50
N ARG A 789 13.11 23.03 -3.59
CA ARG A 789 14.40 23.06 -2.93
C ARG A 789 15.29 24.14 -3.51
N TYR A 790 15.43 24.17 -4.84
CA TYR A 790 16.33 25.16 -5.43
C TYR A 790 15.90 26.56 -5.08
N MET A 791 14.61 26.85 -5.08
CA MET A 791 14.20 28.23 -4.85
C MET A 791 14.27 28.59 -3.37
N VAL A 792 13.95 27.67 -2.46
CA VAL A 792 14.09 28.03 -1.06
C VAL A 792 15.54 28.19 -0.68
N PHE A 793 16.46 27.50 -1.36
CA PHE A 793 17.87 27.73 -1.11
C PHE A 793 18.30 29.08 -1.67
N ARG A 794 17.89 29.41 -2.88
CA ARG A 794 18.29 30.71 -3.41
C ARG A 794 17.73 31.83 -2.57
N SER A 795 16.69 31.57 -1.79
CA SER A 795 16.24 32.64 -0.91
C SER A 795 16.84 32.55 0.47
N MET A 796 17.31 31.39 0.89
CA MET A 796 18.08 31.33 2.11
C MET A 796 19.33 32.16 1.96
N LEU A 797 20.10 31.90 0.91
CA LEU A 797 21.39 32.55 0.75
C LEU A 797 21.29 34.07 0.82
N ARG A 798 20.52 34.68 -0.06
CA ARG A 798 20.50 36.13 -0.12
C ARG A 798 20.05 36.79 1.17
N GLN A 799 19.49 36.03 2.11
CA GLN A 799 19.10 36.61 3.39
C GLN A 799 20.32 37.14 4.12
N ASP A 800 20.09 37.89 5.20
CA ASP A 800 21.16 38.58 5.88
C ASP A 800 21.97 37.61 6.73
N VAL A 801 22.70 38.18 7.70
CA VAL A 801 23.44 37.40 8.68
C VAL A 801 22.76 37.37 10.04
N SER A 802 21.97 38.41 10.34
CA SER A 802 21.18 38.40 11.57
C SER A 802 20.17 37.26 11.56
N TRP A 803 19.49 37.07 10.44
CA TRP A 803 18.58 35.95 10.31
C TRP A 803 19.29 34.63 10.52
N PHE A 804 20.57 34.55 10.16
CA PHE A 804 21.28 33.29 10.31
C PHE A 804 21.69 33.04 11.74
N ASP A 805 22.27 34.04 12.40
CA ASP A 805 22.74 33.81 13.76
C ASP A 805 21.58 33.70 14.75
N ASP A 806 20.36 34.04 14.34
CA ASP A 806 19.22 33.97 15.24
C ASP A 806 19.02 32.53 15.71
N PRO A 807 18.89 32.31 17.01
CA PRO A 807 18.51 30.99 17.50
C PRO A 807 17.09 30.66 17.06
N LYS A 808 16.84 29.35 16.97
CA LYS A 808 15.65 28.72 16.39
C LYS A 808 15.65 28.80 14.88
N ASN A 809 16.65 29.45 14.28
CA ASN A 809 16.90 29.43 12.84
C ASN A 809 18.39 29.09 12.69
N THR A 810 18.71 27.81 12.76
CA THR A 810 20.06 27.29 12.95
C THR A 810 20.42 26.43 11.75
N THR A 811 21.52 25.70 11.86
CA THR A 811 21.90 24.81 10.77
C THR A 811 21.12 23.52 10.79
N GLY A 812 20.94 22.92 11.96
CA GLY A 812 20.10 21.73 12.05
C GLY A 812 18.66 22.01 11.67
N ALA A 813 18.08 23.05 12.27
CA ALA A 813 16.72 23.45 11.92
C ALA A 813 16.57 23.62 10.42
N LEU A 814 17.50 24.33 9.79
CA LEU A 814 17.34 24.70 8.40
C LEU A 814 17.57 23.52 7.48
N THR A 815 18.51 22.63 7.79
CA THR A 815 18.66 21.47 6.93
C THR A 815 17.48 20.52 7.06
N THR A 816 16.95 20.35 8.27
CA THR A 816 15.74 19.55 8.39
C THR A 816 14.61 20.14 7.57
N ARG A 817 14.40 21.45 7.67
CA ARG A 817 13.38 22.11 6.87
C ARG A 817 13.58 21.85 5.39
N LEU A 818 14.76 22.16 4.88
CA LEU A 818 14.98 22.17 3.44
C LEU A 818 15.13 20.76 2.89
N ALA A 819 15.27 19.77 3.76
CA ALA A 819 15.40 18.42 3.23
C ALA A 819 14.17 17.56 3.48
N ASN A 820 13.25 18.01 4.32
CA ASN A 820 11.99 17.31 4.51
C ASN A 820 10.81 18.14 4.02
N ASP A 821 10.65 19.35 4.52
CA ASP A 821 9.38 20.03 4.34
C ASP A 821 9.08 20.30 2.87
N ALA A 822 10.09 20.32 2.02
CA ALA A 822 9.82 20.35 0.59
C ALA A 822 9.07 19.10 0.17
N ALA A 823 9.56 17.94 0.58
CA ALA A 823 8.88 16.70 0.19
C ALA A 823 7.52 16.57 0.86
N GLN A 824 7.37 17.12 2.04
CA GLN A 824 6.05 17.16 2.66
C GLN A 824 5.05 17.89 1.77
N VAL A 825 5.42 19.06 1.23
CA VAL A 825 4.45 19.83 0.46
C VAL A 825 4.08 19.11 -0.84
N LYS A 826 5.08 18.54 -1.50
CA LYS A 826 4.79 17.59 -2.57
C LYS A 826 3.66 16.67 -2.15
N GLY A 827 3.83 16.02 -1.00
CA GLY A 827 2.81 15.08 -0.55
C GLY A 827 1.43 15.70 -0.54
N ALA A 828 1.29 16.85 0.11
CA ALA A 828 -0.04 17.42 0.29
C ALA A 828 -0.78 17.54 -1.03
N ILE A 829 -0.22 18.26 -2.02
CA ILE A 829 -1.02 18.58 -3.22
C ILE A 829 -1.44 17.30 -3.97
N GLY A 830 -0.45 16.60 -4.52
CA GLY A 830 -0.74 15.47 -5.37
C GLY A 830 -1.42 14.33 -4.63
N SER A 831 -0.93 13.98 -3.44
CA SER A 831 -1.55 12.89 -2.71
C SER A 831 -2.99 13.18 -2.38
N ARG A 832 -3.27 14.33 -1.77
CA ARG A 832 -4.64 14.62 -1.42
C ARG A 832 -5.55 14.46 -2.63
N LEU A 833 -5.12 14.97 -3.78
CA LEU A 833 -5.98 14.89 -4.94
C LEU A 833 -6.19 13.45 -5.41
N ALA A 834 -5.10 12.69 -5.57
CA ALA A 834 -5.21 11.32 -6.08
C ALA A 834 -6.06 10.45 -5.18
N VAL A 835 -5.88 10.57 -3.86
CA VAL A 835 -6.63 9.71 -2.95
C VAL A 835 -8.10 10.09 -2.86
N ILE A 836 -8.42 11.38 -2.76
CA ILE A 836 -9.83 11.76 -2.75
C ILE A 836 -10.53 11.24 -3.99
N THR A 837 -9.96 11.43 -5.17
CA THR A 837 -10.75 11.05 -6.35
C THR A 837 -10.78 9.56 -6.56
N GLN A 838 -9.71 8.84 -6.22
CA GLN A 838 -9.76 7.41 -6.39
C GLN A 838 -10.78 6.79 -5.45
N ASN A 839 -10.84 7.27 -4.22
CA ASN A 839 -11.82 6.74 -3.30
C ASN A 839 -13.23 7.09 -3.71
N ILE A 840 -13.46 8.29 -4.19
CA ILE A 840 -14.84 8.60 -4.57
C ILE A 840 -15.29 7.75 -5.73
N ALA A 841 -14.44 7.55 -6.75
CA ALA A 841 -14.83 6.61 -7.78
C ALA A 841 -15.17 5.25 -7.20
N ASN A 842 -14.22 4.65 -6.47
CA ASN A 842 -14.40 3.32 -5.90
C ASN A 842 -15.70 3.17 -5.12
N LEU A 843 -15.83 3.93 -4.04
CA LEU A 843 -16.95 3.62 -3.17
C LEU A 843 -18.23 4.33 -3.61
N GLY A 844 -18.16 5.53 -4.16
CA GLY A 844 -19.36 6.13 -4.72
C GLY A 844 -20.04 5.21 -5.72
N THR A 845 -19.26 4.56 -6.59
CA THR A 845 -19.88 3.65 -7.53
C THR A 845 -20.32 2.37 -6.86
N GLY A 846 -19.55 1.85 -5.91
CA GLY A 846 -20.01 0.68 -5.16
C GLY A 846 -21.38 0.88 -4.56
N ILE A 847 -21.57 2.00 -3.87
CA ILE A 847 -22.84 2.24 -3.21
C ILE A 847 -23.96 2.59 -4.20
N ILE A 848 -23.68 3.23 -5.33
CA ILE A 848 -24.80 3.53 -6.21
C ILE A 848 -25.27 2.27 -6.95
N ILE A 849 -24.35 1.55 -7.59
CA ILE A 849 -24.69 0.23 -8.09
C ILE A 849 -25.49 -0.55 -7.05
N SER A 850 -24.99 -0.53 -5.80
CA SER A 850 -25.58 -1.35 -4.71
C SER A 850 -27.05 -0.99 -4.44
N PHE A 851 -27.38 0.31 -4.39
CA PHE A 851 -28.79 0.71 -4.12
C PHE A 851 -29.67 0.22 -5.28
N ILE A 852 -29.17 0.36 -6.51
CA ILE A 852 -29.90 -0.01 -7.76
C ILE A 852 -30.17 -1.52 -7.82
N TYR A 853 -29.12 -2.33 -7.64
CA TYR A 853 -29.24 -3.82 -7.63
C TYR A 853 -29.96 -4.32 -6.37
N GLY A 854 -29.63 -3.76 -5.20
CA GLY A 854 -30.22 -4.18 -3.91
C GLY A 854 -30.86 -3.04 -3.15
N TRP A 855 -32.09 -3.21 -2.64
CA TRP A 855 -32.73 -2.10 -1.90
C TRP A 855 -32.80 -2.36 -0.38
N GLN A 856 -32.27 -3.46 0.13
CA GLN A 856 -32.43 -3.69 1.57
C GLN A 856 -31.14 -4.12 2.23
N LEU A 857 -30.26 -4.77 1.48
CA LEU A 857 -29.03 -5.26 2.10
C LEU A 857 -27.99 -4.15 2.21
N THR A 858 -27.94 -3.23 1.25
CA THR A 858 -26.95 -2.17 1.31
C THR A 858 -27.16 -1.28 2.53
N LEU A 859 -28.39 -1.14 2.96
CA LEU A 859 -28.62 -0.38 4.17
C LEU A 859 -28.01 -1.07 5.38
N LEU A 860 -28.13 -2.39 5.47
CA LEU A 860 -27.50 -3.06 6.61
C LEU A 860 -25.98 -3.00 6.50
N LEU A 861 -25.43 -3.13 5.29
CA LEU A 861 -23.98 -3.10 5.17
C LEU A 861 -23.37 -1.73 5.41
N LEU A 862 -24.11 -0.65 5.21
CA LEU A 862 -23.55 0.66 5.52
C LEU A 862 -23.25 0.79 7.00
N ALA A 863 -23.82 -0.06 7.83
CA ALA A 863 -23.50 -0.03 9.25
C ALA A 863 -22.21 -0.78 9.54
N ILE A 864 -21.63 -1.44 8.54
CA ILE A 864 -20.36 -2.11 8.81
C ILE A 864 -19.24 -1.45 8.06
N VAL A 865 -19.56 -0.68 7.01
CA VAL A 865 -18.49 -0.09 6.20
C VAL A 865 -17.45 0.68 7.00
N PRO A 866 -17.80 1.53 7.96
CA PRO A 866 -16.73 2.19 8.71
C PRO A 866 -15.74 1.21 9.31
N ILE A 867 -16.21 0.13 9.92
CA ILE A 867 -15.30 -0.79 10.58
C ILE A 867 -14.45 -1.53 9.56
N ILE A 868 -15.00 -1.82 8.39
CA ILE A 868 -14.18 -2.50 7.40
C ILE A 868 -13.09 -1.57 6.91
N ALA A 869 -13.43 -0.31 6.67
CA ALA A 869 -12.39 0.64 6.29
C ALA A 869 -11.28 0.64 7.33
N ILE A 870 -11.64 0.86 8.58
CA ILE A 870 -10.65 0.89 9.64
C ILE A 870 -9.82 -0.40 9.66
N ALA A 871 -10.44 -1.52 9.33
CA ALA A 871 -9.69 -2.77 9.37
C ALA A 871 -8.65 -2.79 8.29
N GLY A 872 -9.00 -2.34 7.10
CA GLY A 872 -8.03 -2.30 6.04
C GLY A 872 -6.87 -1.39 6.40
N VAL A 873 -7.17 -0.25 7.02
CA VAL A 873 -6.10 0.70 7.29
C VAL A 873 -5.15 0.14 8.33
N VAL A 874 -5.67 -0.51 9.37
CA VAL A 874 -4.80 -1.05 10.42
C VAL A 874 -3.96 -2.19 9.88
N GLU A 875 -4.51 -3.02 9.01
CA GLU A 875 -3.69 -4.09 8.47
C GLU A 875 -2.59 -3.55 7.59
N MET A 876 -2.87 -2.53 6.78
CA MET A 876 -1.82 -2.08 5.88
C MET A 876 -0.77 -1.26 6.61
N LYS A 877 -1.16 -0.63 7.71
CA LYS A 877 -0.25 0.18 8.51
C LYS A 877 0.79 -0.70 9.20
N MET A 878 0.53 -2.01 9.18
CA MET A 878 1.42 -2.98 9.80
C MET A 878 2.42 -3.54 8.79
N LEU A 879 1.91 -4.12 7.71
CA LEU A 879 2.76 -4.69 6.67
C LEU A 879 3.57 -3.62 5.94
N SER A 880 2.98 -2.44 5.79
CA SER A 880 3.64 -1.33 5.11
C SER A 880 5.00 -1.05 5.75
N GLY A 881 4.98 -0.74 7.04
CA GLY A 881 6.21 -0.45 7.77
C GLY A 881 5.99 0.38 9.01
N GLN A 882 5.27 -0.18 9.98
CA GLN A 882 5.00 0.52 11.23
C GLN A 882 6.30 0.75 12.01
N ALA A 883 6.56 2.02 12.31
CA ALA A 883 7.77 2.38 13.05
C ALA A 883 7.44 2.73 14.50
N LEU A 884 8.48 2.85 15.32
CA LEU A 884 8.31 3.19 16.74
C LEU A 884 8.26 4.70 16.91
N LYS A 885 7.52 5.15 17.93
CA LYS A 885 7.38 6.57 18.20
C LYS A 885 8.53 7.09 19.06
N ASP A 886 9.11 6.20 19.87
CA ASP A 886 10.23 6.57 20.74
C ASP A 886 11.35 7.20 19.93
N LYS A 887 11.53 6.71 18.70
CA LYS A 887 12.57 7.23 17.81
C LYS A 887 12.35 8.72 17.51
N LYS A 888 11.19 9.26 17.88
CA LYS A 888 10.93 10.69 17.81
C LYS A 888 10.53 11.30 19.14
N GLU A 889 9.64 10.64 19.89
CA GLU A 889 9.26 11.12 21.21
C GLU A 889 10.43 11.01 22.20
N LEU A 890 10.90 9.78 22.43
CA LEU A 890 11.90 9.51 23.47
C LEU A 890 13.00 10.57 23.51
N GLU A 891 13.37 11.11 22.34
CA GLU A 891 14.25 12.27 22.21
C GLU A 891 15.71 11.95 22.52
N GLY A 892 15.99 10.71 22.92
CA GLY A 892 17.31 10.41 23.44
C GLY A 892 17.38 10.49 24.94
N ALA A 893 16.52 9.74 25.62
CA ALA A 893 16.39 9.76 27.08
C ALA A 893 16.06 11.17 27.55
N GLY A 894 15.38 11.93 26.71
CA GLY A 894 15.46 13.36 26.82
C GLY A 894 16.71 13.86 26.10
N LYS A 895 17.60 14.48 26.86
CA LYS A 895 18.84 15.01 26.31
C LYS A 895 20.05 14.47 27.08
N ILE A 896 19.85 13.33 27.74
CA ILE A 896 20.92 12.70 28.52
C ILE A 896 21.93 12.00 27.63
N ALA A 897 21.51 11.63 26.43
CA ALA A 897 22.38 10.96 25.48
C ALA A 897 23.47 11.89 24.98
N THR A 898 23.08 12.90 24.23
CA THR A 898 24.03 13.86 23.67
C THR A 898 24.94 14.46 24.74
N GLU A 899 24.33 15.03 25.78
CA GLU A 899 25.08 15.66 26.87
C GLU A 899 26.20 14.78 27.45
N ALA A 900 25.88 13.52 27.71
CA ALA A 900 26.87 12.59 28.25
C ALA A 900 28.05 12.39 27.31
N ILE A 901 27.77 12.33 26.01
CA ILE A 901 28.81 12.14 25.00
C ILE A 901 29.50 13.46 24.64
N GLU A 902 28.70 14.44 24.23
CA GLU A 902 29.22 15.74 23.85
C GLU A 902 30.08 16.33 24.96
N ASN A 903 29.47 16.55 26.13
CA ASN A 903 30.19 17.09 27.26
C ASN A 903 30.81 15.92 28.03
N PHE A 904 31.47 15.05 27.26
CA PHE A 904 32.03 13.86 27.86
C PHE A 904 33.22 14.23 28.72
N ARG A 905 33.67 15.48 28.63
CA ARG A 905 35.00 15.84 29.13
C ARG A 905 34.99 16.04 30.63
N THR A 906 34.03 16.78 31.15
CA THR A 906 33.97 16.90 32.60
C THR A 906 33.54 15.58 33.24
N VAL A 907 33.19 14.58 32.43
CA VAL A 907 33.11 13.22 32.93
C VAL A 907 34.47 12.57 32.81
N VAL A 908 35.30 13.05 31.88
CA VAL A 908 36.74 12.81 31.91
C VAL A 908 37.36 13.60 33.06
N SER A 909 36.52 14.24 33.86
CA SER A 909 37.01 14.85 35.10
C SER A 909 37.04 13.84 36.25
N LEU A 910 35.86 13.41 36.70
CA LEU A 910 35.77 12.54 37.85
C LEU A 910 35.28 11.20 37.34
N THR A 911 34.89 10.33 38.26
CA THR A 911 34.18 9.14 37.83
C THR A 911 32.75 9.47 37.41
N GLN A 912 31.89 9.80 38.36
CA GLN A 912 30.55 10.31 38.10
C GLN A 912 29.92 9.70 36.84
N GLU A 913 30.07 8.38 36.73
CA GLU A 913 29.37 7.62 35.71
C GLU A 913 28.01 7.12 36.21
N GLN A 914 28.04 6.37 37.31
CA GLN A 914 26.81 5.96 37.98
C GLN A 914 25.79 7.09 37.99
N LYS A 915 26.18 8.27 38.44
CA LYS A 915 25.22 9.35 38.42
C LYS A 915 24.79 9.71 37.01
N PHE A 916 25.31 9.04 35.98
CA PHE A 916 24.73 9.18 34.65
C PHE A 916 23.97 7.94 34.21
N GLU A 917 24.52 6.76 34.45
CA GLU A 917 23.78 5.53 34.22
C GLU A 917 22.40 5.60 34.84
N HIS A 918 22.32 6.13 36.06
CA HIS A 918 21.07 6.13 36.81
C HIS A 918 20.13 7.22 36.32
N MET A 919 20.66 8.34 35.85
CA MET A 919 19.81 9.35 35.25
C MET A 919 19.22 8.85 33.94
N TYR A 920 20.02 8.09 33.19
CA TYR A 920 19.50 7.32 32.07
C TYR A 920 18.37 6.40 32.51
N ALA A 921 18.62 5.56 33.52
CA ALA A 921 17.63 4.60 33.95
C ALA A 921 16.29 5.28 34.24
N GLN A 922 16.29 6.36 35.02
CA GLN A 922 15.02 7.06 35.24
C GLN A 922 14.39 7.48 33.92
N SER A 923 15.09 8.37 33.21
CA SER A 923 14.49 9.05 32.09
C SER A 923 14.18 8.09 30.97
N LEU A 924 14.56 6.83 31.14
CA LEU A 924 14.30 5.82 30.12
C LEU A 924 13.30 4.77 30.58
N GLN A 925 13.13 4.65 31.89
CA GLN A 925 12.20 3.67 32.45
C GLN A 925 10.77 4.20 32.51
N VAL A 926 10.59 5.48 32.21
CA VAL A 926 9.26 6.08 32.24
C VAL A 926 8.48 5.70 30.99
N PRO A 927 9.08 5.92 29.81
CA PRO A 927 8.46 5.61 28.52
C PRO A 927 8.31 4.11 28.31
N TYR A 928 9.21 3.33 28.89
CA TYR A 928 9.18 1.88 28.77
C TYR A 928 7.81 1.33 29.13
N ARG A 929 7.31 1.71 30.30
CA ARG A 929 6.01 1.27 30.78
C ARG A 929 4.89 1.80 29.88
N ASN A 930 5.09 2.99 29.32
CA ASN A 930 4.08 3.39 28.34
C ASN A 930 4.14 2.54 27.08
N SER A 931 5.30 1.95 26.78
CA SER A 931 5.36 1.05 25.64
C SER A 931 4.67 -0.27 25.91
N LEU A 932 4.69 -0.76 27.14
CA LEU A 932 3.91 -1.98 27.39
C LEU A 932 2.41 -1.72 27.27
N ARG A 933 1.93 -0.61 27.83
CA ARG A 933 0.51 -0.34 27.64
C ARG A 933 0.17 -0.22 26.16
N LYS A 934 1.05 0.40 25.37
CA LYS A 934 0.75 0.52 23.95
C LYS A 934 0.75 -0.84 23.26
N ALA A 935 1.55 -1.78 23.74
CA ALA A 935 1.48 -3.12 23.16
C ALA A 935 0.11 -3.74 23.37
N HIS A 936 -0.43 -3.61 24.59
CA HIS A 936 -1.75 -4.20 24.81
C HIS A 936 -2.81 -3.56 23.93
N ILE A 937 -2.80 -2.24 23.81
CA ILE A 937 -3.80 -1.60 22.99
C ILE A 937 -3.70 -2.03 21.54
N PHE A 938 -2.52 -1.94 20.94
CA PHE A 938 -2.44 -2.32 19.54
C PHE A 938 -2.86 -3.75 19.33
N GLY A 939 -2.57 -4.63 20.28
CA GLY A 939 -3.03 -6.00 20.13
C GLY A 939 -4.54 -6.09 20.02
N ILE A 940 -5.24 -5.41 20.91
CA ILE A 940 -6.69 -5.56 20.89
C ILE A 940 -7.29 -4.98 19.63
N THR A 941 -6.73 -3.88 19.13
CA THR A 941 -7.32 -3.30 17.93
C THR A 941 -7.06 -4.18 16.71
N PHE A 942 -5.84 -4.66 16.54
CA PHE A 942 -5.58 -5.49 15.38
C PHE A 942 -6.36 -6.79 15.42
N SER A 943 -6.79 -7.23 16.60
CA SER A 943 -7.63 -8.42 16.55
C SER A 943 -9.08 -8.09 16.32
N PHE A 944 -9.60 -7.06 16.97
CA PHE A 944 -11.02 -6.80 16.87
C PHE A 944 -11.45 -6.46 15.45
N THR A 945 -10.61 -5.74 14.69
CA THR A 945 -11.08 -5.44 13.34
C THR A 945 -11.10 -6.68 12.44
N GLN A 946 -10.06 -7.50 12.46
CA GLN A 946 -10.11 -8.73 11.67
C GLN A 946 -11.31 -9.59 12.05
N ALA A 947 -11.54 -9.77 13.34
CA ALA A 947 -12.75 -10.45 13.73
C ALA A 947 -13.97 -9.83 13.08
N MET A 948 -13.98 -8.50 12.92
CA MET A 948 -15.13 -7.89 12.28
C MET A 948 -15.24 -8.28 10.82
N MET A 949 -14.14 -8.62 10.17
CA MET A 949 -14.28 -9.18 8.82
C MET A 949 -15.10 -10.46 8.82
N TYR A 950 -14.76 -11.37 9.74
CA TYR A 950 -15.46 -12.67 9.69
C TYR A 950 -16.93 -12.53 10.09
N PHE A 951 -17.22 -11.73 11.10
CA PHE A 951 -18.63 -11.52 11.41
C PHE A 951 -19.35 -10.74 10.32
N SER A 952 -18.62 -10.02 9.46
CA SER A 952 -19.27 -9.42 8.30
C SER A 952 -19.83 -10.50 7.39
N TYR A 953 -19.00 -11.47 7.03
CA TYR A 953 -19.56 -12.59 6.26
C TYR A 953 -20.84 -13.09 6.88
N ALA A 954 -20.80 -13.43 8.16
CA ALA A 954 -21.95 -14.11 8.76
C ALA A 954 -23.21 -13.25 8.72
N GLY A 955 -23.11 -12.00 9.15
CA GLY A 955 -24.29 -11.16 9.16
C GLY A 955 -24.85 -10.91 7.77
N CYS A 956 -23.96 -10.61 6.81
CA CYS A 956 -24.43 -10.28 5.47
C CYS A 956 -25.05 -11.48 4.77
N PHE A 957 -24.47 -12.66 4.88
CA PHE A 957 -25.10 -13.78 4.19
C PHE A 957 -26.33 -14.32 4.91
N ARG A 958 -26.41 -14.27 6.23
CA ARG A 958 -27.67 -14.69 6.84
C ARG A 958 -28.80 -13.74 6.46
N PHE A 959 -28.58 -12.44 6.52
CA PHE A 959 -29.63 -11.53 6.07
C PHE A 959 -29.90 -11.71 4.59
N GLY A 960 -28.88 -12.07 3.81
CA GLY A 960 -29.11 -12.34 2.42
C GLY A 960 -30.01 -13.53 2.22
N ALA A 961 -29.90 -14.53 3.07
CA ALA A 961 -30.78 -15.69 2.94
C ALA A 961 -32.20 -15.33 3.28
N TYR A 962 -32.39 -14.46 4.27
CA TYR A 962 -33.77 -14.09 4.56
C TYR A 962 -34.37 -13.29 3.44
N LEU A 963 -33.58 -12.50 2.73
CA LEU A 963 -34.15 -11.78 1.59
C LEU A 963 -34.42 -12.72 0.43
N VAL A 964 -33.48 -13.62 0.13
CA VAL A 964 -33.63 -14.50 -1.03
C VAL A 964 -34.79 -15.44 -0.85
N ALA A 965 -35.08 -15.88 0.37
CA ALA A 965 -36.23 -16.77 0.49
C ALA A 965 -37.54 -16.00 0.64
N HIS A 966 -37.53 -14.70 0.39
CA HIS A 966 -38.76 -13.96 0.23
C HIS A 966 -38.80 -13.22 -1.10
N LYS A 967 -38.03 -13.70 -2.07
CA LYS A 967 -38.10 -13.26 -3.46
C LYS A 967 -37.95 -11.76 -3.60
N LEU A 968 -37.27 -11.12 -2.67
CA LEU A 968 -36.97 -9.72 -2.83
C LEU A 968 -35.68 -9.48 -3.59
N MET A 969 -34.82 -10.47 -3.69
CA MET A 969 -33.58 -10.34 -4.44
C MET A 969 -33.06 -11.73 -4.70
N SER A 970 -31.92 -11.83 -5.34
CA SER A 970 -31.42 -13.10 -5.83
C SER A 970 -30.09 -13.45 -5.19
N PHE A 971 -29.43 -14.48 -5.69
CA PHE A 971 -28.09 -14.74 -5.20
C PHE A 971 -27.03 -14.00 -6.01
N GLU A 972 -27.31 -13.71 -7.28
CA GLU A 972 -26.48 -12.76 -7.98
C GLU A 972 -26.49 -11.42 -7.28
N ASP A 973 -27.66 -10.93 -6.92
CA ASP A 973 -27.74 -9.58 -6.38
C ASP A 973 -27.09 -9.48 -5.01
N VAL A 974 -27.14 -10.56 -4.22
CA VAL A 974 -26.50 -10.48 -2.91
C VAL A 974 -25.00 -10.68 -3.04
N LEU A 975 -24.54 -11.52 -3.95
CA LEU A 975 -23.09 -11.60 -4.13
C LEU A 975 -22.54 -10.29 -4.68
N LEU A 976 -23.34 -9.56 -5.46
CA LEU A 976 -22.92 -8.24 -5.91
C LEU A 976 -22.85 -7.23 -4.78
N VAL A 977 -23.93 -7.09 -4.02
CA VAL A 977 -23.89 -6.10 -2.94
C VAL A 977 -22.78 -6.41 -1.98
N PHE A 978 -22.66 -7.66 -1.56
CA PHE A 978 -21.57 -8.04 -0.70
C PHE A 978 -20.24 -7.62 -1.28
N SER A 979 -19.87 -8.16 -2.44
CA SER A 979 -18.53 -7.89 -2.93
C SER A 979 -18.29 -6.41 -3.13
N ALA A 980 -19.21 -5.71 -3.80
CA ALA A 980 -19.01 -4.29 -4.07
C ALA A 980 -18.83 -3.49 -2.79
N VAL A 981 -19.80 -3.50 -1.86
CA VAL A 981 -19.66 -2.55 -0.75
C VAL A 981 -18.62 -3.04 0.26
N VAL A 982 -18.58 -4.33 0.58
CA VAL A 982 -17.62 -4.75 1.59
C VAL A 982 -16.20 -4.58 1.07
N PHE A 983 -15.87 -5.17 -0.06
CA PHE A 983 -14.47 -5.06 -0.44
C PHE A 983 -14.17 -3.71 -1.06
N GLY A 984 -15.19 -2.93 -1.34
CA GLY A 984 -14.93 -1.53 -1.63
C GLY A 984 -14.52 -0.78 -0.40
N ALA A 985 -15.17 -1.04 0.73
CA ALA A 985 -14.74 -0.37 1.95
C ALA A 985 -13.36 -0.84 2.37
N MET A 986 -13.07 -2.12 2.17
CA MET A 986 -11.74 -2.57 2.51
C MET A 986 -10.70 -1.88 1.65
N ALA A 987 -10.99 -1.67 0.37
CA ALA A 987 -9.99 -1.05 -0.50
C ALA A 987 -9.90 0.45 -0.29
N VAL A 988 -10.99 1.10 0.09
CA VAL A 988 -10.89 2.47 0.58
C VAL A 988 -9.89 2.55 1.71
N GLY A 989 -9.95 1.61 2.63
CA GLY A 989 -8.95 1.59 3.68
C GLY A 989 -7.56 1.41 3.13
N GLN A 990 -7.35 0.33 2.39
CA GLN A 990 -6.00 -0.03 1.96
C GLN A 990 -5.35 1.10 1.17
N VAL A 991 -6.13 1.91 0.47
CA VAL A 991 -5.57 3.03 -0.28
C VAL A 991 -5.43 4.29 0.54
N SER A 992 -6.31 4.55 1.48
CA SER A 992 -6.17 5.73 2.31
C SER A 992 -5.03 5.66 3.31
N SER A 993 -4.34 4.53 3.42
CA SER A 993 -3.25 4.46 4.37
C SER A 993 -1.92 4.80 3.75
N PHE A 994 -1.87 4.98 2.44
CA PHE A 994 -0.70 5.50 1.77
C PHE A 994 -0.72 7.00 1.71
N ALA A 995 -1.82 7.62 2.07
CA ALA A 995 -1.96 9.04 1.94
C ALA A 995 -1.12 9.72 3.00
N PRO A 996 -0.14 10.53 2.64
CA PRO A 996 0.52 11.35 3.63
C PRO A 996 -0.48 12.25 4.33
N ASP A 997 -0.17 12.56 5.58
CA ASP A 997 -1.02 13.38 6.42
C ASP A 997 -1.28 14.73 5.78
N TYR A 998 -2.28 15.42 6.30
CA TYR A 998 -2.65 16.72 5.76
C TYR A 998 -2.61 17.83 6.80
N ALA A 999 -2.53 17.53 8.08
CA ALA A 999 -2.22 18.62 8.99
C ALA A 999 -0.76 19.01 8.85
N LYS A 1000 0.15 18.03 8.97
CA LYS A 1000 1.57 18.29 8.88
C LYS A 1000 1.95 18.92 7.55
N ALA A 1001 1.47 18.36 6.44
CA ALA A 1001 1.90 18.87 5.16
C ALA A 1001 1.41 20.29 4.93
N LYS A 1002 0.26 20.65 5.48
CA LYS A 1002 -0.18 22.02 5.34
C LYS A 1002 0.64 22.97 6.20
N ILE A 1003 0.95 22.57 7.43
CA ILE A 1003 1.80 23.45 8.23
C ILE A 1003 3.17 23.59 7.57
N SER A 1004 3.68 22.50 7.01
CA SER A 1004 4.95 22.54 6.29
C SER A 1004 4.91 23.56 5.17
N ALA A 1005 3.89 23.49 4.33
CA ALA A 1005 3.80 24.48 3.27
C ALA A 1005 3.69 25.87 3.85
N ALA A 1006 3.15 26.02 5.06
CA ALA A 1006 3.19 27.35 5.64
C ALA A 1006 4.62 27.81 5.87
N HIS A 1007 5.47 26.91 6.35
CA HIS A 1007 6.86 27.29 6.59
C HIS A 1007 7.56 27.68 5.30
N ILE A 1008 7.39 26.88 4.25
CA ILE A 1008 8.05 27.18 2.99
C ILE A 1008 7.60 28.52 2.44
N ILE A 1009 6.29 28.78 2.44
CA ILE A 1009 5.88 30.08 1.90
C ILE A 1009 6.35 31.19 2.79
N MET A 1010 6.46 30.92 4.09
CA MET A 1010 7.04 31.90 5.00
C MET A 1010 8.41 32.29 4.53
N ILE A 1011 9.30 31.31 4.32
CA ILE A 1011 10.66 31.67 3.92
C ILE A 1011 10.63 32.37 2.57
N ILE A 1012 10.08 31.71 1.56
CA ILE A 1012 10.02 32.28 0.21
C ILE A 1012 9.35 33.66 0.20
N GLU A 1013 8.88 34.09 1.36
CA GLU A 1013 8.22 35.39 1.48
C GLU A 1013 9.13 36.38 2.22
N LYS A 1014 9.94 35.86 3.13
CA LYS A 1014 10.85 36.69 3.92
C LYS A 1014 11.70 37.62 3.06
N THR A 1015 11.75 38.89 3.43
CA THR A 1015 12.54 39.87 2.72
C THR A 1015 13.74 40.29 3.55
N PRO A 1016 14.93 39.77 3.22
CA PRO A 1016 16.15 40.07 3.96
C PRO A 1016 16.54 41.55 3.86
N LEU A 1017 17.05 42.11 4.95
CA LEU A 1017 17.46 43.50 4.98
C LEU A 1017 18.70 43.67 4.11
N ILE A 1018 18.83 44.86 3.51
CA ILE A 1018 19.95 45.22 2.62
C ILE A 1018 20.34 44.08 1.64
N ASP A 1019 19.45 43.81 0.71
CA ASP A 1019 19.61 42.77 -0.30
C ASP A 1019 21.00 42.70 -0.92
N SER A 1020 21.67 41.57 -0.71
CA SER A 1020 23.02 41.36 -1.23
C SER A 1020 23.07 41.57 -2.74
N TYR A 1021 21.98 41.26 -3.43
CA TYR A 1021 21.94 41.43 -4.88
C TYR A 1021 21.59 42.85 -5.32
N SER A 1022 21.45 43.78 -4.37
CA SER A 1022 20.87 45.08 -4.70
C SER A 1022 21.91 46.11 -5.09
N THR A 1023 21.61 46.85 -6.15
CA THR A 1023 22.39 48.01 -6.53
C THR A 1023 21.70 49.32 -6.15
N GLU A 1024 20.81 49.27 -5.18
CA GLU A 1024 20.09 50.45 -4.72
C GLU A 1024 20.87 51.16 -3.62
N GLY A 1025 21.02 52.48 -3.75
CA GLY A 1025 21.74 53.27 -2.78
C GLY A 1025 22.66 54.29 -3.41
N LEU A 1026 23.96 54.16 -3.14
CA LEU A 1026 24.95 55.07 -3.68
C LEU A 1026 26.11 54.34 -4.34
N MET A 1027 26.39 54.68 -5.60
CA MET A 1027 27.48 54.06 -6.35
C MET A 1027 28.53 55.11 -6.69
N PRO A 1028 29.51 55.28 -5.80
CA PRO A 1028 30.59 56.27 -5.98
C PRO A 1028 31.55 55.92 -7.13
N ASN A 1029 32.23 56.94 -7.63
CA ASN A 1029 33.20 56.79 -8.72
C ASN A 1029 34.64 56.83 -8.23
N THR A 1030 34.95 57.63 -7.23
CA THR A 1030 36.31 57.84 -6.78
C THR A 1030 36.49 57.21 -5.40
N LEU A 1031 37.60 56.50 -5.24
CA LEU A 1031 37.91 55.83 -3.99
C LEU A 1031 39.30 56.25 -3.55
N GLU A 1032 39.48 56.34 -2.24
CA GLU A 1032 40.73 56.80 -1.64
C GLU A 1032 41.40 55.73 -0.80
N GLY A 1033 40.68 55.14 0.16
CA GLY A 1033 41.25 54.12 1.02
C GLY A 1033 41.28 54.49 2.49
N ASN A 1034 40.32 55.30 2.92
CA ASN A 1034 40.21 55.74 4.30
C ASN A 1034 39.16 54.90 5.03
N VAL A 1035 39.30 54.77 6.34
CA VAL A 1035 38.32 54.13 7.20
C VAL A 1035 38.26 54.90 8.51
N THR A 1036 37.05 55.29 8.92
CA THR A 1036 36.86 56.04 10.16
C THR A 1036 35.61 55.53 10.87
N PHE A 1037 35.76 55.26 12.16
CA PHE A 1037 34.66 54.84 13.00
C PHE A 1037 34.46 55.89 14.09
N GLY A 1038 33.21 56.30 14.33
CA GLY A 1038 32.96 57.27 15.38
C GLY A 1038 31.94 56.88 16.42
N GLU A 1039 32.41 56.65 17.65
CA GLU A 1039 31.56 56.20 18.76
C GLU A 1039 30.68 55.01 18.35
N VAL A 1040 31.27 54.10 17.58
CA VAL A 1040 30.52 52.97 17.07
C VAL A 1040 30.31 51.96 18.20
N VAL A 1041 29.13 51.98 18.79
CA VAL A 1041 28.74 51.02 19.82
C VAL A 1041 28.08 49.84 19.12
N PHE A 1042 28.36 48.63 19.61
CA PHE A 1042 27.64 47.48 19.10
C PHE A 1042 27.51 46.38 20.13
N ASN A 1043 26.36 45.73 20.13
CA ASN A 1043 26.17 44.43 20.73
C ASN A 1043 25.53 43.51 19.68
N TYR A 1044 25.96 42.25 19.65
CA TYR A 1044 25.31 41.29 18.77
C TYR A 1044 23.85 41.15 19.17
N PRO A 1045 22.91 41.48 18.29
CA PRO A 1045 21.51 41.35 18.67
C PRO A 1045 21.11 39.93 19.02
N THR A 1046 21.98 38.95 18.75
CA THR A 1046 21.78 37.61 19.25
C THR A 1046 22.06 37.48 20.73
N ARG A 1047 22.85 38.38 21.30
CA ARG A 1047 23.04 38.47 22.75
C ARG A 1047 22.47 39.82 23.18
N PRO A 1048 21.15 39.86 23.44
CA PRO A 1048 20.54 41.11 23.89
C PRO A 1048 20.83 41.43 25.34
N ASP A 1049 21.45 40.51 26.09
CA ASP A 1049 21.72 40.72 27.50
C ASP A 1049 23.16 41.14 27.78
N ILE A 1050 24.09 40.82 26.90
CA ILE A 1050 25.48 41.27 27.02
C ILE A 1050 25.74 42.30 25.93
N PRO A 1051 26.06 43.55 26.28
CA PRO A 1051 26.57 44.51 25.27
C PRO A 1051 28.07 44.36 25.07
N VAL A 1052 28.47 43.87 23.89
CA VAL A 1052 29.86 43.44 23.70
C VAL A 1052 30.83 44.58 23.39
N LEU A 1053 30.46 45.52 22.52
CA LEU A 1053 31.31 46.64 22.17
C LEU A 1053 30.67 47.94 22.66
N GLN A 1054 31.47 48.75 23.36
CA GLN A 1054 30.95 49.90 24.10
C GLN A 1054 31.43 51.20 23.48
N GLY A 1055 31.42 51.27 22.15
CA GLY A 1055 31.67 52.54 21.50
C GLY A 1055 33.13 52.88 21.27
N LEU A 1056 33.82 52.04 20.49
CA LEU A 1056 35.19 52.31 20.09
C LEU A 1056 35.22 53.26 18.90
N SER A 1057 36.44 53.59 18.46
CA SER A 1057 36.65 54.45 17.32
C SER A 1057 38.07 54.25 16.80
N LEU A 1058 38.29 54.64 15.55
CA LEU A 1058 39.58 54.43 14.89
C LEU A 1058 39.78 55.48 13.81
N GLU A 1059 41.01 55.61 13.35
CA GLU A 1059 41.35 56.43 12.18
C GLU A 1059 42.43 55.71 11.38
N VAL A 1060 42.24 55.64 10.07
CA VAL A 1060 43.04 54.80 9.19
C VAL A 1060 43.59 55.67 8.06
N LYS A 1061 44.78 55.32 7.58
CA LYS A 1061 45.38 55.97 6.44
C LYS A 1061 45.75 54.93 5.38
N LYS A 1062 46.19 55.41 4.22
CA LYS A 1062 46.53 54.51 3.12
C LYS A 1062 47.73 53.66 3.49
N GLY A 1063 47.62 52.35 3.23
CA GLY A 1063 48.69 51.42 3.53
C GLY A 1063 49.04 51.35 5.00
N GLN A 1064 48.15 51.82 5.87
CA GLN A 1064 48.44 51.98 7.29
C GLN A 1064 48.14 50.65 7.97
N THR A 1065 49.19 49.85 8.21
CA THR A 1065 49.04 48.52 8.77
C THR A 1065 48.65 48.66 10.24
N LEU A 1066 47.36 48.63 10.50
CA LEU A 1066 46.82 48.98 11.81
C LEU A 1066 46.86 47.76 12.70
N ALA A 1067 47.58 47.87 13.82
CA ALA A 1067 47.59 46.80 14.81
C ALA A 1067 46.38 46.95 15.73
N LEU A 1068 45.64 45.86 15.89
CA LEU A 1068 44.52 45.79 16.81
C LEU A 1068 44.81 44.64 17.77
N VAL A 1069 45.11 44.98 19.02
CA VAL A 1069 45.52 44.01 20.03
C VAL A 1069 44.55 44.05 21.19
N GLY A 1070 44.19 42.87 21.68
CA GLY A 1070 43.18 42.74 22.71
C GLY A 1070 43.13 41.32 23.21
N SER A 1071 42.02 40.96 23.84
CA SER A 1071 41.92 39.60 24.35
C SER A 1071 41.02 38.75 23.46
N SER A 1072 40.73 37.54 23.94
CA SER A 1072 39.86 36.61 23.23
C SER A 1072 38.42 36.85 23.65
N GLY A 1073 37.61 37.40 22.75
CA GLY A 1073 36.22 37.67 23.01
C GLY A 1073 35.96 39.10 23.44
N CYS A 1074 36.87 40.01 23.09
CA CYS A 1074 36.83 41.38 23.55
C CYS A 1074 37.23 42.39 22.49
N GLY A 1075 36.93 42.14 21.23
CA GLY A 1075 37.07 43.17 20.22
C GLY A 1075 38.27 43.08 19.31
N LYS A 1076 38.62 41.87 18.87
CA LYS A 1076 39.61 41.70 17.82
C LYS A 1076 38.95 41.46 16.46
N SER A 1077 37.93 40.62 16.44
CA SER A 1077 37.29 40.16 15.21
C SER A 1077 35.89 40.73 15.01
N THR A 1078 35.52 41.79 15.73
CA THR A 1078 34.14 42.27 15.65
C THR A 1078 34.01 43.39 14.63
N VAL A 1079 35.11 43.78 13.98
CA VAL A 1079 35.00 44.78 12.92
C VAL A 1079 34.91 44.10 11.56
N VAL A 1080 35.20 42.79 11.50
CA VAL A 1080 34.81 41.98 10.36
C VAL A 1080 33.33 42.14 10.06
N GLN A 1081 32.53 42.33 11.12
CA GLN A 1081 31.08 42.36 10.98
C GLN A 1081 30.52 43.78 11.02
N LEU A 1082 31.38 44.77 11.27
CA LEU A 1082 30.96 46.17 11.20
C LEU A 1082 31.34 46.80 9.87
N LEU A 1083 32.46 46.38 9.29
CA LEU A 1083 32.99 47.02 8.09
C LEU A 1083 32.41 46.38 6.83
N GLU A 1084 32.35 45.04 6.79
CA GLU A 1084 31.78 44.31 5.67
C GLU A 1084 30.29 44.10 5.82
N ARG A 1085 29.63 44.92 6.64
CA ARG A 1085 28.19 45.10 6.66
C ARG A 1085 27.44 43.78 6.82
N PHE A 1086 27.65 43.10 7.93
CA PHE A 1086 26.81 41.99 8.29
C PHE A 1086 25.79 42.44 9.34
N TYR A 1087 26.28 43.00 10.45
CA TYR A 1087 25.43 43.59 11.47
C TYR A 1087 25.53 45.10 11.39
N ASP A 1088 24.42 45.75 11.18
CA ASP A 1088 24.46 47.20 11.11
C ASP A 1088 24.79 47.77 12.48
N PRO A 1089 25.79 48.64 12.57
CA PRO A 1089 26.08 49.30 13.86
C PRO A 1089 24.91 50.16 14.31
N LEU A 1090 24.38 49.83 15.49
CA LEU A 1090 23.18 50.51 15.98
C LEU A 1090 23.51 51.91 16.47
N ALA A 1091 24.69 52.09 17.07
CA ALA A 1091 25.10 53.37 17.60
C ALA A 1091 26.43 53.76 16.98
N GLY A 1092 26.57 55.04 16.66
CA GLY A 1092 27.75 55.57 16.04
C GLY A 1092 27.52 55.93 14.59
N LYS A 1093 28.60 56.36 13.95
CA LYS A 1093 28.57 56.77 12.55
C LYS A 1093 29.93 56.50 11.93
N VAL A 1094 29.94 55.78 10.82
CA VAL A 1094 31.16 55.24 10.23
C VAL A 1094 31.51 56.06 8.99
N LEU A 1095 32.80 56.23 8.73
CA LEU A 1095 33.28 56.98 7.58
C LEU A 1095 34.38 56.18 6.88
N LEU A 1096 34.00 55.45 5.83
CA LEU A 1096 34.94 54.80 4.94
C LEU A 1096 35.16 55.75 3.77
N ASP A 1097 36.34 56.38 3.73
CA ASP A 1097 36.64 57.45 2.77
C ASP A 1097 35.69 58.63 2.99
N GLY A 1098 35.18 58.75 4.22
CA GLY A 1098 34.12 59.70 4.49
C GLY A 1098 32.79 59.34 3.87
N LYS A 1099 32.71 58.18 3.24
CA LYS A 1099 31.50 57.72 2.55
C LYS A 1099 30.76 56.75 3.46
N GLU A 1100 29.48 57.01 3.69
CA GLU A 1100 28.68 56.16 4.55
C GLU A 1100 28.43 54.82 3.87
N ILE A 1101 28.93 53.75 4.48
CA ILE A 1101 28.69 52.43 3.89
C ILE A 1101 27.22 52.05 3.95
N LYS A 1102 26.41 52.75 4.75
CA LYS A 1102 24.99 52.42 4.83
C LYS A 1102 24.25 52.81 3.56
N ARG A 1103 24.87 53.62 2.70
CA ARG A 1103 24.33 53.87 1.38
C ARG A 1103 25.18 53.27 0.28
N LEU A 1104 26.37 52.76 0.60
CA LEU A 1104 27.28 52.20 -0.40
C LEU A 1104 26.72 50.90 -1.00
N ASN A 1105 27.46 50.35 -1.95
CA ASN A 1105 27.07 49.10 -2.59
C ASN A 1105 27.70 47.92 -1.89
N VAL A 1106 26.90 46.87 -1.66
CA VAL A 1106 27.31 45.79 -0.75
C VAL A 1106 28.09 44.71 -1.47
N GLN A 1107 27.63 44.28 -2.64
CA GLN A 1107 28.42 43.34 -3.43
C GLN A 1107 29.62 44.02 -4.06
N TRP A 1108 29.84 45.29 -3.72
CA TRP A 1108 31.05 46.00 -4.12
C TRP A 1108 31.95 46.25 -2.92
N LEU A 1109 31.35 46.63 -1.77
CA LEU A 1109 32.09 46.70 -0.51
C LEU A 1109 32.85 45.42 -0.22
N ARG A 1110 32.28 44.28 -0.58
CA ARG A 1110 33.04 43.06 -0.55
C ARG A 1110 33.72 42.79 -1.86
N ALA A 1111 33.29 43.44 -2.95
CA ALA A 1111 34.05 43.30 -4.17
C ALA A 1111 35.40 43.96 -4.05
N HIS A 1112 35.40 45.23 -3.62
CA HIS A 1112 36.65 45.97 -3.46
C HIS A 1112 37.67 45.18 -2.63
N LEU A 1113 37.27 44.74 -1.44
CA LEU A 1113 38.21 44.21 -0.47
C LEU A 1113 38.00 42.72 -0.27
N GLY A 1114 38.99 42.10 0.35
CA GLY A 1114 38.99 40.69 0.63
C GLY A 1114 39.94 40.39 1.76
N ILE A 1115 39.59 39.44 2.60
CA ILE A 1115 40.33 39.20 3.83
C ILE A 1115 40.80 37.76 3.91
N VAL A 1116 41.60 37.44 4.93
CA VAL A 1116 41.88 36.08 5.33
C VAL A 1116 41.15 35.85 6.64
N SER A 1117 40.18 34.95 6.63
CA SER A 1117 39.31 34.81 7.79
C SER A 1117 40.09 34.30 9.00
N GLN A 1118 39.41 34.26 10.15
CA GLN A 1118 40.02 33.69 11.35
C GLN A 1118 40.39 32.23 11.14
N GLU A 1119 39.57 31.50 10.40
CA GLU A 1119 39.90 30.15 9.99
C GLU A 1119 39.41 29.96 8.56
N PRO A 1120 40.15 29.26 7.72
CA PRO A 1120 39.61 28.85 6.42
C PRO A 1120 38.94 27.49 6.55
N ILE A 1121 37.70 27.40 6.07
CA ILE A 1121 37.14 26.12 5.68
C ILE A 1121 37.20 26.06 4.16
N LEU A 1122 37.49 24.90 3.62
CA LEU A 1122 37.45 24.71 2.18
C LEU A 1122 36.38 23.69 1.84
N PHE A 1123 36.34 23.26 0.59
CA PHE A 1123 35.13 22.64 0.08
C PHE A 1123 35.42 21.38 -0.74
N ASP A 1124 34.36 20.93 -1.43
CA ASP A 1124 34.33 19.67 -2.18
C ASP A 1124 34.69 19.87 -3.66
N CYS A 1125 35.85 20.47 -3.89
CA CYS A 1125 36.14 20.92 -5.25
C CYS A 1125 37.59 20.58 -5.55
N SER A 1126 38.13 21.19 -6.59
CA SER A 1126 39.56 21.14 -6.85
C SER A 1126 40.21 22.45 -6.42
N ILE A 1127 41.54 22.43 -6.28
CA ILE A 1127 42.26 23.66 -5.93
C ILE A 1127 42.11 24.71 -7.01
N ALA A 1128 41.75 24.30 -8.23
CA ALA A 1128 41.35 25.25 -9.26
C ALA A 1128 39.98 25.87 -8.94
N GLU A 1129 39.17 25.18 -8.14
CA GLU A 1129 37.89 25.70 -7.69
C GLU A 1129 37.88 25.97 -6.20
N ASN A 1130 39.05 26.10 -5.57
CA ASN A 1130 39.10 26.45 -4.15
C ASN A 1130 39.83 27.76 -3.93
N ILE A 1131 41.08 27.84 -4.38
CA ILE A 1131 41.74 29.13 -4.39
C ILE A 1131 40.95 30.11 -5.23
N ALA A 1132 40.73 29.76 -6.50
CA ALA A 1132 39.99 30.61 -7.43
C ALA A 1132 38.68 31.07 -6.84
N TYR A 1133 38.19 30.38 -5.82
CA TYR A 1133 37.02 30.85 -5.10
C TYR A 1133 37.29 32.21 -4.47
N GLY A 1134 38.53 32.68 -4.56
CA GLY A 1134 38.87 33.97 -3.98
C GLY A 1134 38.23 35.12 -4.70
N ASP A 1135 37.96 34.97 -5.99
CA ASP A 1135 37.26 35.98 -6.75
C ASP A 1135 36.19 35.31 -7.60
N ASN A 1136 35.03 35.93 -7.69
CA ASN A 1136 34.00 35.41 -8.56
C ASN A 1136 33.13 36.53 -9.10
N SER A 1137 32.21 36.14 -9.98
CA SER A 1137 31.63 37.02 -10.99
C SER A 1137 32.70 37.50 -11.96
N ARG A 1138 33.74 36.68 -12.09
CA ARG A 1138 34.76 36.85 -13.10
C ARG A 1138 35.40 35.49 -13.34
N VAL A 1139 35.56 35.14 -14.60
CA VAL A 1139 36.14 33.87 -15.02
C VAL A 1139 37.48 33.71 -14.33
N VAL A 1140 37.92 32.47 -14.17
CA VAL A 1140 39.20 32.16 -13.56
C VAL A 1140 40.29 32.24 -14.61
N SER A 1141 41.02 33.36 -14.64
CA SER A 1141 42.13 33.55 -15.56
C SER A 1141 43.40 32.99 -14.95
N GLN A 1142 43.86 31.87 -15.51
CA GLN A 1142 44.85 31.05 -14.83
C GLN A 1142 46.20 31.73 -14.68
N GLU A 1143 46.56 32.65 -15.59
CA GLU A 1143 47.84 33.34 -15.42
C GLU A 1143 47.84 34.18 -14.16
N GLU A 1144 46.66 34.42 -13.58
CA GLU A 1144 46.59 34.93 -12.22
C GLU A 1144 46.64 33.80 -11.21
N ILE A 1145 46.08 32.65 -11.56
CA ILE A 1145 46.01 31.53 -10.63
C ILE A 1145 47.40 30.91 -10.45
N VAL A 1146 48.18 30.86 -11.52
CA VAL A 1146 49.52 30.29 -11.42
C VAL A 1146 50.34 31.06 -10.41
N ARG A 1147 50.14 32.38 -10.32
CA ARG A 1147 51.04 33.21 -9.52
C ARG A 1147 50.53 33.38 -8.08
N ALA A 1148 49.21 33.31 -7.88
CA ALA A 1148 48.67 33.28 -6.52
C ALA A 1148 49.23 32.12 -5.73
N ALA A 1149 49.47 30.98 -6.38
CA ALA A 1149 50.21 29.91 -5.75
C ALA A 1149 51.69 30.24 -5.63
N LYS A 1150 52.19 31.15 -6.48
CA LYS A 1150 53.62 31.43 -6.51
C LYS A 1150 54.02 32.45 -5.45
N GLU A 1151 53.25 33.55 -5.32
CA GLU A 1151 53.68 34.63 -4.43
C GLU A 1151 53.89 34.15 -3.00
N ALA A 1152 53.11 33.16 -2.55
CA ALA A 1152 53.23 32.67 -1.19
C ALA A 1152 53.99 31.36 -1.10
N ASN A 1153 54.69 30.96 -2.17
CA ASN A 1153 55.54 29.76 -2.17
C ASN A 1153 54.71 28.49 -2.03
N ILE A 1154 53.39 28.61 -2.18
CA ILE A 1154 52.48 27.48 -2.17
C ILE A 1154 52.35 26.86 -3.54
N HIS A 1155 52.92 27.47 -4.58
CA HIS A 1155 53.07 26.80 -5.86
C HIS A 1155 53.88 25.51 -5.73
N ALA A 1156 54.72 25.41 -4.69
CA ALA A 1156 55.58 24.26 -4.53
C ALA A 1156 54.78 23.00 -4.25
N PHE A 1157 53.94 23.05 -3.22
CA PHE A 1157 53.18 21.88 -2.80
C PHE A 1157 52.22 21.38 -3.88
N ILE A 1158 51.58 22.30 -4.60
CA ILE A 1158 50.50 21.96 -5.52
C ILE A 1158 51.04 21.17 -6.71
N GLU A 1159 52.08 21.71 -7.36
CA GLU A 1159 52.67 21.05 -8.53
C GLU A 1159 53.26 19.69 -8.21
N SER A 1160 53.52 19.42 -6.93
CA SER A 1160 53.95 18.09 -6.52
C SER A 1160 52.79 17.13 -6.39
N LEU A 1161 51.59 17.66 -6.16
CA LEU A 1161 50.40 16.82 -6.00
C LEU A 1161 49.93 16.32 -7.37
N PRO A 1162 49.49 15.07 -7.45
CA PRO A 1162 48.97 14.57 -8.73
C PRO A 1162 47.74 15.37 -9.16
N ASN A 1163 47.60 15.52 -10.48
CA ASN A 1163 46.59 16.39 -11.08
C ASN A 1163 46.79 17.84 -10.61
N LYS A 1164 47.93 18.40 -11.06
CA LYS A 1164 48.46 19.65 -10.51
C LYS A 1164 47.38 20.72 -10.35
N TYR A 1165 46.52 20.87 -11.36
CA TYR A 1165 45.40 21.80 -11.26
C TYR A 1165 44.05 21.09 -11.16
N SER A 1166 44.06 19.77 -10.91
CA SER A 1166 42.82 19.01 -10.86
C SER A 1166 42.82 17.94 -9.75
N THR A 1167 43.56 18.15 -8.67
CA THR A 1167 43.57 17.20 -7.57
C THR A 1167 42.29 17.35 -6.75
N LYS A 1168 41.67 16.22 -6.39
CA LYS A 1168 40.37 16.25 -5.73
C LYS A 1168 40.53 16.70 -4.28
N VAL A 1169 39.67 17.63 -3.87
CA VAL A 1169 39.56 18.05 -2.47
C VAL A 1169 38.20 17.61 -1.95
N GLY A 1170 38.19 16.88 -0.84
CA GLY A 1170 36.96 16.35 -0.28
C GLY A 1170 36.21 17.36 0.55
N ASP A 1171 35.64 16.90 1.66
CA ASP A 1171 34.95 17.80 2.56
C ASP A 1171 35.97 18.58 3.38
N LYS A 1172 35.85 19.91 3.38
CA LYS A 1172 36.72 20.85 4.08
C LYS A 1172 38.21 20.56 3.90
N GLY A 1173 38.58 19.89 2.82
CA GLY A 1173 39.99 19.68 2.51
C GLY A 1173 40.76 18.86 3.52
N THR A 1174 40.22 17.71 3.92
CA THR A 1174 40.80 16.93 5.02
C THR A 1174 42.06 16.17 4.64
N GLN A 1175 42.68 16.47 3.49
CA GLN A 1175 43.85 15.72 3.09
C GLN A 1175 45.14 16.33 3.62
N LEU A 1176 45.46 17.56 3.22
CA LEU A 1176 46.79 18.13 3.43
C LEU A 1176 47.00 18.52 4.89
N SER A 1177 48.18 19.07 5.15
CA SER A 1177 48.53 19.60 6.46
C SER A 1177 48.23 21.10 6.51
N GLY A 1178 48.38 21.66 7.71
CA GLY A 1178 48.10 23.06 7.90
C GLY A 1178 48.98 23.98 7.10
N GLY A 1179 50.29 23.68 7.04
CA GLY A 1179 51.23 24.58 6.40
C GLY A 1179 50.93 24.84 4.93
N GLN A 1180 50.13 23.98 4.30
CA GLN A 1180 49.76 24.20 2.91
C GLN A 1180 48.37 24.79 2.79
N LYS A 1181 47.49 24.50 3.75
CA LYS A 1181 46.12 25.03 3.66
C LYS A 1181 46.02 26.47 4.16
N GLN A 1182 46.65 26.78 5.31
CA GLN A 1182 46.63 28.16 5.77
C GLN A 1182 47.33 29.08 4.77
N ARG A 1183 48.26 28.53 4.00
CA ARG A 1183 48.86 29.28 2.91
C ARG A 1183 47.85 29.55 1.80
N ILE A 1184 46.83 28.70 1.69
CA ILE A 1184 45.88 28.85 0.59
C ILE A 1184 44.91 30.00 0.80
N ALA A 1185 44.35 30.17 2.01
CA ALA A 1185 43.46 31.31 2.25
C ALA A 1185 44.16 32.62 1.92
N ILE A 1186 45.46 32.69 2.18
CA ILE A 1186 46.25 33.83 1.75
C ILE A 1186 46.39 33.85 0.24
N ALA A 1187 46.75 32.71 -0.34
CA ALA A 1187 46.75 32.58 -1.81
C ALA A 1187 45.36 32.83 -2.38
N ARG A 1188 44.32 32.45 -1.64
CA ARG A 1188 42.96 32.79 -2.01
C ARG A 1188 42.81 34.30 -2.16
N ALA A 1189 43.15 35.04 -1.11
CA ALA A 1189 43.04 36.50 -1.19
C ALA A 1189 44.14 37.16 -2.01
N LEU A 1190 45.07 36.39 -2.59
CA LEU A 1190 46.08 36.98 -3.48
C LEU A 1190 45.54 37.25 -4.88
N VAL A 1191 44.71 36.36 -5.44
CA VAL A 1191 43.95 36.71 -6.63
C VAL A 1191 42.90 37.75 -6.32
N ARG A 1192 42.59 37.96 -5.05
CA ARG A 1192 41.59 38.94 -4.71
C ARG A 1192 42.11 40.37 -4.90
N GLN A 1193 43.41 40.57 -4.72
CA GLN A 1193 44.04 41.89 -4.77
C GLN A 1193 43.22 42.90 -3.99
N PRO A 1194 42.93 42.65 -2.72
CA PRO A 1194 42.03 43.55 -1.98
C PRO A 1194 42.68 44.91 -1.74
N HIS A 1195 41.89 45.96 -1.93
CA HIS A 1195 42.38 47.30 -1.64
C HIS A 1195 42.43 47.55 -0.14
N ILE A 1196 41.69 46.78 0.64
CA ILE A 1196 41.79 46.75 2.09
C ILE A 1196 41.80 45.28 2.49
N LEU A 1197 42.81 44.87 3.24
CA LEU A 1197 42.94 43.47 3.63
C LEU A 1197 42.87 43.37 5.14
N LEU A 1198 41.76 42.85 5.64
CA LEU A 1198 41.52 42.67 7.06
C LEU A 1198 41.96 41.28 7.47
N LEU A 1199 43.20 41.19 7.94
CA LEU A 1199 43.84 39.91 8.24
C LEU A 1199 43.72 39.64 9.73
N ASP A 1200 43.24 38.44 10.07
CA ASP A 1200 43.12 38.01 11.46
C ASP A 1200 43.84 36.68 11.61
N GLU A 1201 44.98 36.69 12.31
CA GLU A 1201 45.73 35.49 12.70
C GLU A 1201 46.14 34.66 11.48
N ALA A 1202 46.99 35.26 10.64
CA ALA A 1202 47.64 34.49 9.59
C ALA A 1202 48.87 33.78 10.09
N THR A 1203 49.11 33.80 11.40
CA THR A 1203 50.25 33.14 12.02
C THR A 1203 49.78 32.33 13.23
N SER A 1204 48.69 31.60 13.05
CA SER A 1204 48.24 30.67 14.07
C SER A 1204 49.03 29.36 14.01
N ALA A 1205 49.05 28.72 12.84
CA ALA A 1205 49.72 27.42 12.66
C ALA A 1205 50.51 27.47 11.33
N LEU A 1206 51.76 27.92 11.41
CA LEU A 1206 52.62 28.01 10.24
C LEU A 1206 54.08 27.99 10.68
N ASP A 1207 54.97 27.72 9.73
CA ASP A 1207 56.39 27.84 9.96
C ASP A 1207 56.80 29.32 9.96
N THR A 1208 57.98 29.59 10.53
CA THR A 1208 58.38 30.98 10.74
C THR A 1208 59.03 31.60 9.50
N GLU A 1209 59.49 30.77 8.55
CA GLU A 1209 60.09 31.30 7.33
C GLU A 1209 59.06 31.51 6.22
N SER A 1210 57.94 30.78 6.26
CA SER A 1210 56.85 31.09 5.33
C SER A 1210 55.87 32.12 5.89
N GLU A 1211 55.90 32.34 7.20
CA GLU A 1211 55.27 33.54 7.74
C GLU A 1211 55.92 34.79 7.15
N LYS A 1212 57.23 34.74 6.91
CA LYS A 1212 57.89 35.84 6.22
C LYS A 1212 57.29 36.07 4.85
N VAL A 1213 57.11 35.00 4.06
CA VAL A 1213 56.69 35.17 2.67
C VAL A 1213 55.23 35.58 2.55
N VAL A 1214 54.36 35.15 3.46
CA VAL A 1214 52.99 35.65 3.45
C VAL A 1214 52.96 37.11 3.87
N GLN A 1215 53.85 37.48 4.78
CA GLN A 1215 53.97 38.88 5.19
C GLN A 1215 54.65 39.74 4.15
N GLU A 1216 55.48 39.17 3.28
CA GLU A 1216 56.09 39.99 2.22
C GLU A 1216 55.15 40.12 1.04
N ALA A 1217 54.48 39.02 0.66
CA ALA A 1217 53.43 39.12 -0.35
C ALA A 1217 52.32 40.05 0.12
N LEU A 1218 52.05 40.04 1.42
CA LEU A 1218 51.29 41.14 2.02
C LEU A 1218 52.08 42.44 1.96
N ASP A 1219 53.38 42.40 2.32
CA ASP A 1219 54.17 43.63 2.34
C ASP A 1219 54.32 44.24 0.96
N LYS A 1220 54.71 43.46 -0.05
CA LYS A 1220 54.95 44.03 -1.36
C LYS A 1220 53.72 44.72 -1.91
N ALA A 1221 52.57 44.55 -1.26
CA ALA A 1221 51.40 45.38 -1.49
C ALA A 1221 50.91 46.05 -0.21
N ARG A 1222 51.62 45.90 0.90
CA ARG A 1222 51.21 46.61 2.12
C ARG A 1222 51.33 48.12 1.98
N GLU A 1223 51.94 48.58 0.89
CA GLU A 1223 51.81 49.97 0.48
C GLU A 1223 50.63 50.12 -0.48
N GLY A 1224 49.98 51.27 -0.45
CA GLY A 1224 48.95 51.60 -1.43
C GLY A 1224 47.60 50.96 -1.17
N ARG A 1225 47.59 49.73 -0.66
CA ARG A 1225 46.37 49.12 -0.19
C ARG A 1225 46.33 49.24 1.33
N THR A 1226 45.18 49.67 1.84
CA THR A 1226 45.01 49.76 3.29
C THR A 1226 45.15 48.37 3.89
N CYS A 1227 45.92 48.29 4.97
CA CYS A 1227 46.17 47.01 5.64
C CYS A 1227 45.72 47.13 7.09
N ILE A 1228 45.36 46.01 7.68
CA ILE A 1228 45.09 45.92 9.10
C ILE A 1228 45.36 44.48 9.53
N VAL A 1229 46.29 44.30 10.46
CA VAL A 1229 46.64 42.99 11.00
C VAL A 1229 46.09 42.93 12.43
N ILE A 1230 45.40 41.84 12.75
CA ILE A 1230 44.90 41.57 14.09
C ILE A 1230 45.34 40.17 14.46
N ALA A 1231 46.32 40.07 15.35
CA ALA A 1231 46.88 38.78 15.72
C ALA A 1231 47.62 38.92 17.05
N HIS A 1232 48.02 37.77 17.59
CA HIS A 1232 48.79 37.71 18.83
C HIS A 1232 50.28 37.89 18.64
N ARG A 1233 50.87 37.21 17.65
CA ARG A 1233 52.32 37.21 17.46
C ARG A 1233 52.79 38.63 17.17
N LEU A 1234 53.91 39.01 17.82
CA LEU A 1234 54.46 40.35 17.65
C LEU A 1234 55.33 40.48 16.41
N SER A 1235 55.51 39.40 15.64
CA SER A 1235 56.26 39.48 14.40
C SER A 1235 55.53 40.37 13.39
N THR A 1236 54.22 40.55 13.56
CA THR A 1236 53.42 41.39 12.69
C THR A 1236 52.99 42.69 13.35
N ILE A 1237 53.18 42.84 14.65
CA ILE A 1237 52.70 44.02 15.37
C ILE A 1237 53.75 45.12 15.43
N GLN A 1238 55.02 44.77 15.59
CA GLN A 1238 56.06 45.81 15.61
C GLN A 1238 56.28 46.37 14.21
N ASN A 1239 56.15 45.55 13.17
CA ASN A 1239 56.23 46.04 11.81
C ASN A 1239 54.89 46.51 11.28
N ALA A 1240 53.90 46.66 12.15
CA ALA A 1240 52.66 47.32 11.79
C ALA A 1240 52.79 48.82 12.04
N ASP A 1241 51.84 49.58 11.49
CA ASP A 1241 51.98 51.04 11.47
C ASP A 1241 51.49 51.68 12.77
N LEU A 1242 50.23 51.50 13.12
CA LEU A 1242 49.66 52.01 14.36
C LEU A 1242 49.19 50.84 15.21
N ILE A 1243 48.98 51.09 16.50
CA ILE A 1243 48.47 50.09 17.42
C ILE A 1243 47.27 50.66 18.15
N VAL A 1244 46.26 49.81 18.41
CA VAL A 1244 45.06 50.19 19.16
C VAL A 1244 44.69 49.04 20.09
N VAL A 1245 44.98 49.20 21.39
CA VAL A 1245 44.86 48.13 22.37
C VAL A 1245 43.40 47.96 22.78
N PHE A 1246 42.98 46.72 22.99
CA PHE A 1246 41.61 46.39 23.34
C PHE A 1246 41.56 45.66 24.67
N GLN A 1247 40.62 46.08 25.51
CA GLN A 1247 40.32 45.39 26.78
C GLN A 1247 38.82 45.44 26.95
N ASN A 1248 38.14 44.37 26.57
CA ASN A 1248 36.67 44.29 26.62
C ASN A 1248 36.01 45.40 25.82
N GLY A 1249 36.58 45.72 24.66
CA GLY A 1249 35.89 46.54 23.68
C GLY A 1249 36.15 48.03 23.75
N ARG A 1250 36.92 48.50 24.73
CA ARG A 1250 37.18 49.92 24.87
C ARG A 1250 38.56 50.29 24.34
N VAL A 1251 38.61 51.34 23.55
CA VAL A 1251 39.87 51.85 23.00
C VAL A 1251 40.48 52.84 23.99
N LYS A 1252 41.59 52.45 24.61
CA LYS A 1252 42.23 53.29 25.61
C LYS A 1252 43.39 54.10 25.04
N GLU A 1253 44.41 53.46 24.49
CA GLU A 1253 45.58 54.16 23.95
C GLU A 1253 45.88 53.72 22.53
N HIS A 1254 46.35 54.67 21.72
CA HIS A 1254 46.65 54.45 20.31
C HIS A 1254 48.04 55.00 20.04
N GLY A 1255 48.57 54.73 18.84
CA GLY A 1255 49.73 55.49 18.44
C GLY A 1255 50.84 54.63 17.84
N THR A 1256 51.94 55.29 17.53
CA THR A 1256 53.11 54.71 16.88
C THR A 1256 53.91 53.87 17.88
N HIS A 1257 54.57 52.85 17.34
CA HIS A 1257 55.36 51.91 18.15
C HIS A 1257 56.39 52.64 19.02
N GLN A 1258 56.96 53.75 18.53
CA GLN A 1258 57.92 54.49 19.35
C GLN A 1258 57.22 55.44 20.33
N GLN A 1259 55.89 55.60 20.19
CA GLN A 1259 55.17 56.49 21.09
C GLN A 1259 54.46 55.71 22.20
N LEU A 1260 53.85 54.57 21.86
CA LEU A 1260 53.19 53.78 22.90
C LEU A 1260 54.18 53.00 23.76
N LEU A 1261 55.44 52.92 23.33
CA LEU A 1261 56.43 52.19 24.11
C LEU A 1261 57.27 53.09 24.99
N ALA A 1262 57.35 54.39 24.68
CA ALA A 1262 58.02 55.33 25.57
C ALA A 1262 57.24 55.49 26.88
N GLN A 1263 55.95 55.18 26.84
CA GLN A 1263 55.11 55.11 28.03
C GLN A 1263 54.91 53.65 28.39
N LYS A 1264 55.14 53.31 29.66
CA LYS A 1264 54.89 51.94 30.12
C LYS A 1264 53.40 51.78 30.32
N GLY A 1265 52.74 51.10 29.38
CA GLY A 1265 51.32 50.87 29.45
C GLY A 1265 50.96 49.41 29.27
N ILE A 1266 49.73 49.15 28.81
CA ILE A 1266 49.25 47.78 28.74
C ILE A 1266 49.97 46.98 27.66
N TYR A 1267 50.34 47.62 26.55
CA TYR A 1267 51.04 46.89 25.50
C TYR A 1267 52.42 46.40 25.97
N PHE A 1268 53.03 47.12 26.91
CA PHE A 1268 54.23 46.61 27.59
C PHE A 1268 53.99 45.21 28.16
N SER A 1269 52.76 44.95 28.64
CA SER A 1269 52.45 43.65 29.21
C SER A 1269 52.09 42.64 28.13
N MET A 1270 51.46 43.09 27.04
CA MET A 1270 51.06 42.15 25.99
C MET A 1270 52.26 41.71 25.16
N VAL A 1271 53.41 42.36 25.34
CA VAL A 1271 54.66 41.89 24.75
C VAL A 1271 55.23 40.72 25.55
N SER A 1272 54.82 40.57 26.80
CA SER A 1272 55.55 39.80 27.79
C SER A 1272 55.21 38.31 27.81
N VAL A 1273 54.73 37.73 26.72
CA VAL A 1273 54.43 36.30 26.73
C VAL A 1273 55.68 35.47 26.45
N GLN A 1274 56.30 35.65 25.27
CA GLN A 1274 57.44 34.82 24.90
C GLN A 1274 58.58 35.62 24.28
N ALA A 1275 58.48 36.93 24.19
CA ALA A 1275 59.55 37.71 23.59
C ALA A 1275 60.75 37.77 24.54
N GLY A 1276 61.94 37.81 23.95
CA GLY A 1276 63.17 37.90 24.72
C GLY A 1276 64.42 37.44 24.00
N ASP B 1 -25.11 -33.41 -41.41
CA ASP B 1 -25.40 -33.32 -39.99
C ASP B 1 -25.94 -34.64 -39.48
N VAL B 2 -26.52 -34.66 -38.28
CA VAL B 2 -26.84 -35.89 -37.56
C VAL B 2 -28.28 -36.28 -37.85
N LEU B 3 -28.49 -37.46 -38.39
CA LEU B 3 -29.83 -37.94 -38.61
C LEU B 3 -30.03 -39.27 -37.88
N MET B 4 -31.24 -39.47 -37.39
CA MET B 4 -31.58 -40.52 -36.44
C MET B 4 -32.60 -41.44 -37.05
N THR B 5 -32.23 -42.68 -37.28
CA THR B 5 -33.24 -43.63 -37.66
C THR B 5 -33.82 -44.24 -36.40
N GLN B 6 -35.01 -44.82 -36.51
CA GLN B 6 -35.57 -45.61 -35.43
C GLN B 6 -36.05 -46.92 -36.01
N THR B 7 -35.48 -48.02 -35.55
CA THR B 7 -35.61 -49.26 -36.31
C THR B 7 -37.06 -49.74 -36.36
N PRO B 8 -37.69 -50.15 -35.27
CA PRO B 8 -39.06 -50.62 -35.40
C PRO B 8 -39.96 -49.41 -35.59
N VAL B 9 -40.77 -49.44 -36.63
CA VAL B 9 -41.61 -48.29 -36.93
C VAL B 9 -42.95 -48.48 -36.24
N SER B 10 -43.67 -49.54 -36.60
CA SER B 10 -44.92 -49.86 -35.93
C SER B 10 -44.74 -51.11 -35.08
N LEU B 11 -45.33 -51.12 -33.90
CA LEU B 11 -45.11 -52.18 -32.92
C LEU B 11 -46.41 -52.85 -32.54
N SER B 12 -46.34 -54.17 -32.39
CA SER B 12 -47.47 -55.02 -32.03
C SER B 12 -47.12 -55.76 -30.73
N VAL B 13 -47.37 -55.10 -29.61
CA VAL B 13 -47.14 -55.65 -28.29
C VAL B 13 -48.47 -56.18 -27.78
N SER B 14 -48.43 -57.15 -26.87
CA SER B 14 -49.61 -57.66 -26.20
C SER B 14 -49.62 -57.25 -24.75
N LEU B 15 -50.71 -56.67 -24.30
CA LEU B 15 -50.81 -56.16 -22.94
C LEU B 15 -50.26 -57.16 -21.96
N GLY B 16 -49.20 -56.79 -21.26
CA GLY B 16 -48.57 -57.62 -20.26
C GLY B 16 -47.21 -58.15 -20.64
N ASP B 17 -46.60 -57.63 -21.70
CA ASP B 17 -45.37 -58.14 -22.28
C ASP B 17 -44.28 -57.07 -22.24
N GLN B 18 -43.19 -57.34 -22.97
CA GLN B 18 -42.07 -56.40 -23.11
C GLN B 18 -41.89 -56.03 -24.58
N ALA B 19 -41.65 -54.74 -24.83
CA ALA B 19 -41.42 -54.18 -26.15
C ALA B 19 -40.12 -53.40 -26.14
N SER B 20 -39.48 -53.31 -27.29
CA SER B 20 -38.20 -52.65 -27.45
C SER B 20 -38.26 -51.66 -28.59
N ILE B 21 -37.55 -50.55 -28.46
CA ILE B 21 -37.48 -49.54 -29.51
C ILE B 21 -36.02 -49.13 -29.63
N SER B 22 -35.56 -48.88 -30.85
CA SER B 22 -34.14 -48.60 -31.09
C SER B 22 -34.00 -47.29 -31.84
N CYS B 23 -32.92 -46.57 -31.56
CA CYS B 23 -32.66 -45.26 -32.14
C CYS B 23 -31.20 -45.21 -32.50
N ARG B 24 -30.91 -45.30 -33.79
CA ARG B 24 -29.54 -45.28 -34.30
C ARG B 24 -29.25 -43.90 -34.82
N SER B 25 -28.24 -43.25 -34.27
CA SER B 25 -27.76 -41.99 -34.80
C SER B 25 -26.50 -42.31 -35.54
N SER B 26 -26.36 -41.83 -36.76
CA SER B 26 -25.01 -41.81 -37.28
C SER B 26 -24.15 -40.87 -36.42
N GLN B 27 -22.84 -40.96 -36.57
CA GLN B 27 -21.89 -39.98 -36.08
C GLN B 27 -21.54 -39.99 -34.61
N SER B 28 -22.00 -40.92 -33.80
CA SER B 28 -21.54 -41.02 -32.42
C SER B 28 -21.78 -39.71 -31.66
N ILE B 29 -23.05 -39.46 -31.36
CA ILE B 29 -23.41 -38.26 -30.64
C ILE B 29 -22.74 -38.26 -29.27
N VAL B 30 -21.74 -37.43 -29.09
CA VAL B 30 -21.13 -37.31 -27.76
C VAL B 30 -20.53 -35.94 -27.67
N HIS B 31 -20.88 -35.21 -26.63
CA HIS B 31 -20.67 -33.79 -26.64
C HIS B 31 -19.19 -33.51 -26.49
N SER B 32 -18.81 -32.25 -26.37
CA SER B 32 -17.43 -31.96 -26.02
C SER B 32 -17.19 -32.25 -24.54
N THR B 33 -18.14 -31.88 -23.70
CA THR B 33 -17.99 -31.98 -22.26
C THR B 33 -17.87 -33.42 -21.80
N GLY B 34 -18.28 -34.38 -22.57
CA GLY B 34 -18.11 -35.77 -22.20
C GLY B 34 -19.39 -36.54 -21.97
N ASN B 35 -20.53 -35.89 -21.84
CA ASN B 35 -21.80 -36.59 -21.74
C ASN B 35 -22.42 -36.77 -23.11
N THR B 36 -23.43 -37.62 -23.19
CA THR B 36 -24.26 -37.72 -24.38
C THR B 36 -25.66 -37.39 -23.94
N TYR B 37 -26.35 -36.52 -24.66
CA TYR B 37 -27.72 -36.21 -24.33
C TYR B 37 -28.62 -36.90 -25.33
N LEU B 38 -29.57 -37.68 -24.87
CA LEU B 38 -30.42 -38.36 -25.81
C LEU B 38 -31.71 -38.71 -25.10
N GLU B 39 -32.71 -37.83 -25.19
CA GLU B 39 -33.99 -38.05 -24.54
C GLU B 39 -34.88 -39.02 -25.29
N TRP B 40 -36.00 -39.40 -24.68
CA TRP B 40 -36.94 -40.33 -25.29
C TRP B 40 -38.37 -39.87 -25.06
N TYR B 41 -38.71 -38.70 -25.59
CA TYR B 41 -40.05 -38.14 -25.44
C TYR B 41 -41.13 -39.10 -25.92
N LEU B 42 -42.22 -39.18 -25.16
CA LEU B 42 -43.33 -40.04 -25.51
C LEU B 42 -44.62 -39.24 -25.55
N GLN B 43 -45.35 -39.36 -26.67
CA GLN B 43 -46.60 -38.64 -26.84
C GLN B 43 -47.78 -39.59 -26.93
N LYS B 44 -48.88 -39.24 -26.28
CA LYS B 44 -50.06 -40.04 -26.32
C LYS B 44 -50.96 -39.49 -27.42
N PRO B 45 -52.11 -40.08 -27.69
CA PRO B 45 -53.00 -39.44 -28.66
C PRO B 45 -53.74 -38.27 -28.03
N GLY B 46 -53.82 -37.17 -28.79
CA GLY B 46 -54.50 -35.97 -28.34
C GLY B 46 -53.81 -35.38 -27.15
N GLN B 47 -52.49 -35.23 -27.24
CA GLN B 47 -51.67 -34.79 -26.13
C GLN B 47 -50.40 -34.17 -26.71
N SER B 48 -49.69 -33.46 -25.89
CA SER B 48 -48.43 -32.83 -26.24
C SER B 48 -47.31 -33.54 -25.52
N PRO B 49 -46.28 -33.96 -26.20
CA PRO B 49 -45.37 -34.95 -25.65
C PRO B 49 -44.92 -34.75 -24.21
N LYS B 50 -44.57 -35.83 -23.53
CA LYS B 50 -44.00 -35.78 -22.19
C LYS B 50 -42.62 -36.37 -22.23
N LEU B 51 -41.78 -36.01 -21.27
CA LEU B 51 -40.44 -36.56 -21.21
C LEU B 51 -40.49 -37.92 -20.55
N LEU B 52 -39.55 -38.80 -20.90
CA LEU B 52 -39.51 -40.12 -20.29
C LEU B 52 -38.14 -40.50 -19.77
N ILE B 53 -37.07 -40.13 -20.45
CA ILE B 53 -35.74 -40.61 -20.15
C ILE B 53 -34.78 -39.58 -20.67
N TYR B 54 -33.86 -39.11 -19.83
CA TYR B 54 -32.89 -38.12 -20.25
C TYR B 54 -31.48 -38.62 -19.93
N LYS B 55 -30.50 -38.09 -20.66
CA LYS B 55 -29.10 -38.48 -20.49
C LYS B 55 -28.95 -40.00 -20.54
N ILE B 56 -29.61 -40.60 -21.52
CA ILE B 56 -29.61 -42.04 -21.80
C ILE B 56 -30.23 -43.03 -20.79
N SER B 57 -29.87 -42.94 -19.51
CA SER B 57 -30.38 -43.89 -18.53
C SER B 57 -31.29 -43.36 -17.43
N ASN B 58 -31.31 -42.06 -17.20
CA ASN B 58 -32.15 -41.47 -16.15
C ASN B 58 -33.64 -41.45 -16.49
N ARG B 59 -34.49 -41.19 -15.50
CA ARG B 59 -35.95 -41.17 -15.73
C ARG B 59 -36.53 -39.88 -15.13
N PHE B 60 -37.29 -39.12 -15.93
CA PHE B 60 -37.88 -37.88 -15.48
C PHE B 60 -38.83 -38.17 -14.34
N SER B 61 -38.71 -37.40 -13.27
CA SER B 61 -39.41 -37.68 -12.01
C SER B 61 -40.92 -37.75 -12.18
N GLY B 62 -41.49 -38.92 -12.01
CA GLY B 62 -42.91 -39.05 -12.22
C GLY B 62 -43.23 -40.05 -13.30
N VAL B 63 -42.36 -41.03 -13.49
CA VAL B 63 -42.49 -42.05 -14.52
C VAL B 63 -42.54 -43.39 -13.83
N PRO B 64 -43.22 -44.39 -14.39
CA PRO B 64 -43.21 -45.73 -13.78
C PRO B 64 -41.84 -46.35 -13.71
N ASP B 65 -41.75 -47.57 -13.24
CA ASP B 65 -40.48 -48.22 -13.07
C ASP B 65 -39.98 -48.91 -14.33
N ARG B 66 -40.86 -49.23 -15.27
CA ARG B 66 -40.54 -50.23 -16.28
C ARG B 66 -39.83 -49.64 -17.48
N PHE B 67 -39.90 -48.33 -17.68
CA PHE B 67 -39.23 -47.68 -18.79
C PHE B 67 -37.74 -47.68 -18.58
N SER B 68 -37.01 -48.57 -19.24
CA SER B 68 -35.57 -48.63 -19.04
C SER B 68 -34.87 -48.26 -20.32
N GLY B 69 -34.05 -47.22 -20.29
CA GLY B 69 -33.27 -46.83 -21.44
C GLY B 69 -31.84 -47.32 -21.27
N SER B 70 -31.27 -47.81 -22.35
CA SER B 70 -29.92 -48.33 -22.28
C SER B 70 -29.20 -47.98 -23.56
N GLY B 71 -28.02 -47.41 -23.45
CA GLY B 71 -27.38 -46.85 -24.61
C GLY B 71 -25.90 -47.07 -24.77
N SER B 72 -25.52 -47.64 -25.89
CA SER B 72 -24.13 -48.01 -26.13
C SER B 72 -23.61 -47.27 -27.35
N GLY B 73 -22.78 -46.27 -27.12
CA GLY B 73 -22.12 -45.65 -28.25
C GLY B 73 -23.06 -44.86 -29.14
N THR B 74 -23.40 -45.44 -30.30
CA THR B 74 -24.30 -44.83 -31.24
C THR B 74 -25.58 -45.62 -31.43
N ASP B 75 -25.95 -46.50 -30.52
CA ASP B 75 -27.24 -47.20 -30.63
C ASP B 75 -27.92 -47.20 -29.28
N PHE B 76 -29.16 -46.76 -29.23
CA PHE B 76 -29.78 -46.59 -27.94
C PHE B 76 -31.15 -47.20 -27.97
N THR B 77 -31.49 -48.01 -26.98
CA THR B 77 -32.79 -48.64 -26.98
C THR B 77 -33.55 -48.24 -25.75
N LEU B 78 -34.85 -48.43 -25.82
CA LEU B 78 -35.75 -48.24 -24.71
C LEU B 78 -36.58 -49.51 -24.63
N LYS B 79 -36.62 -50.10 -23.44
CA LYS B 79 -37.35 -51.33 -23.20
C LYS B 79 -38.45 -51.03 -22.19
N ILE B 80 -39.69 -51.26 -22.61
CA ILE B 80 -40.82 -51.29 -21.69
C ILE B 80 -41.09 -52.76 -21.40
N SER B 81 -41.03 -53.15 -20.14
CA SER B 81 -41.44 -54.48 -19.75
C SER B 81 -42.72 -54.37 -18.94
N ARG B 82 -43.61 -55.35 -19.09
CA ARG B 82 -44.93 -55.31 -18.48
C ARG B 82 -45.72 -54.10 -19.00
N VAL B 83 -46.04 -54.15 -20.29
CA VAL B 83 -46.70 -53.03 -20.95
C VAL B 83 -48.10 -52.81 -20.40
N GLU B 84 -48.34 -51.61 -19.90
CA GLU B 84 -49.61 -51.23 -19.32
C GLU B 84 -50.59 -50.97 -20.44
N ALA B 85 -51.69 -50.29 -20.15
CA ALA B 85 -52.66 -49.96 -21.17
C ALA B 85 -52.71 -48.49 -21.49
N GLU B 86 -52.09 -47.64 -20.68
CA GLU B 86 -51.97 -46.23 -20.99
C GLU B 86 -50.64 -45.90 -21.62
N ASP B 87 -49.83 -46.90 -21.95
CA ASP B 87 -48.61 -46.71 -22.71
C ASP B 87 -48.83 -47.03 -24.18
N LEU B 88 -49.70 -46.26 -24.82
CA LEU B 88 -49.79 -46.26 -26.27
C LEU B 88 -49.57 -44.84 -26.74
N GLY B 89 -48.99 -44.71 -27.91
CA GLY B 89 -48.71 -43.42 -28.46
C GLY B 89 -47.57 -43.51 -29.46
N VAL B 90 -46.76 -42.48 -29.48
CA VAL B 90 -45.64 -42.40 -30.40
C VAL B 90 -44.40 -42.00 -29.62
N TYR B 91 -43.28 -42.65 -29.92
CA TYR B 91 -42.02 -42.38 -29.24
C TYR B 91 -41.06 -41.56 -30.11
N TYR B 92 -40.28 -40.69 -29.48
CA TYR B 92 -39.33 -39.84 -30.18
C TYR B 92 -38.00 -39.76 -29.44
N CYS B 93 -36.91 -40.07 -30.14
CA CYS B 93 -35.58 -40.00 -29.52
C CYS B 93 -34.86 -38.74 -29.99
N PHE B 94 -34.90 -37.70 -29.16
CA PHE B 94 -34.29 -36.42 -29.49
C PHE B 94 -32.88 -36.27 -28.91
N GLN B 95 -31.90 -36.11 -29.78
CA GLN B 95 -30.50 -35.94 -29.37
C GLN B 95 -30.14 -34.45 -29.37
N ALA B 96 -29.41 -34.00 -28.36
CA ALA B 96 -29.04 -32.60 -28.28
C ALA B 96 -27.56 -32.39 -28.20
N SER B 97 -26.76 -33.36 -28.60
CA SER B 97 -25.33 -33.16 -28.40
C SER B 97 -24.71 -32.47 -29.59
N HIS B 98 -25.45 -32.25 -30.66
CA HIS B 98 -24.84 -31.62 -31.81
C HIS B 98 -25.61 -30.40 -32.29
N ALA B 99 -25.22 -29.94 -33.47
CA ALA B 99 -25.42 -28.53 -33.79
C ALA B 99 -26.83 -28.18 -34.21
N PRO B 100 -27.49 -28.92 -35.12
CA PRO B 100 -28.96 -28.82 -35.22
C PRO B 100 -29.66 -29.90 -34.40
N ARG B 101 -30.37 -29.55 -33.35
CA ARG B 101 -30.89 -30.55 -32.42
C ARG B 101 -32.07 -31.25 -33.04
N THR B 102 -31.84 -32.43 -33.62
CA THR B 102 -32.90 -33.18 -34.28
C THR B 102 -33.87 -33.85 -33.30
N PHE B 103 -34.99 -34.32 -33.84
CA PHE B 103 -36.01 -34.98 -33.02
C PHE B 103 -36.22 -36.41 -33.47
N GLY B 104 -35.44 -36.85 -34.44
CA GLY B 104 -35.54 -38.20 -34.95
C GLY B 104 -36.82 -38.45 -35.73
N GLY B 105 -37.19 -39.73 -35.86
CA GLY B 105 -38.38 -40.11 -36.58
C GLY B 105 -39.59 -40.18 -35.67
N GLY B 106 -40.22 -41.35 -35.64
CA GLY B 106 -41.39 -41.57 -34.81
C GLY B 106 -41.85 -43.01 -34.89
N THR B 107 -41.98 -43.66 -33.73
CA THR B 107 -42.42 -45.05 -33.70
C THR B 107 -43.71 -45.18 -32.92
N LYS B 108 -44.69 -45.86 -33.51
CA LYS B 108 -46.02 -45.99 -32.93
C LYS B 108 -46.16 -47.30 -32.18
N LEU B 109 -47.01 -47.30 -31.15
CA LEU B 109 -47.16 -48.46 -30.30
C LEU B 109 -48.62 -48.86 -30.18
N GLU B 110 -48.95 -50.06 -30.64
CA GLU B 110 -50.34 -50.52 -30.59
C GLU B 110 -50.51 -51.79 -29.77
N ILE B 111 -51.48 -51.76 -28.85
CA ILE B 111 -51.77 -52.90 -27.99
C ILE B 111 -52.84 -53.78 -28.63
N LYS B 112 -52.49 -55.05 -28.86
CA LYS B 112 -53.41 -55.99 -29.48
C LYS B 112 -54.49 -56.46 -28.50
N ARG B 113 -55.64 -56.85 -29.04
CA ARG B 113 -56.76 -57.31 -28.23
C ARG B 113 -57.74 -58.13 -29.07
N ALA B 114 -57.34 -59.34 -29.45
CA ALA B 114 -58.18 -60.24 -30.24
C ALA B 114 -58.76 -59.55 -31.48
N ASP B 115 -60.05 -59.80 -31.74
CA ASP B 115 -60.72 -59.22 -32.89
C ASP B 115 -62.13 -58.77 -32.52
N ALA B 116 -62.80 -58.09 -33.46
CA ALA B 116 -64.16 -57.62 -33.23
C ALA B 116 -64.94 -57.37 -34.53
N ALA B 117 -66.25 -57.25 -34.39
CA ALA B 117 -67.14 -57.01 -35.53
C ALA B 117 -67.52 -55.54 -35.61
N PRO B 118 -67.15 -54.87 -36.70
CA PRO B 118 -67.45 -53.46 -36.91
C PRO B 118 -68.95 -53.16 -36.86
N THR B 119 -69.28 -52.11 -36.12
CA THR B 119 -70.68 -51.72 -35.87
C THR B 119 -71.07 -50.65 -36.88
N VAL B 120 -71.72 -51.07 -37.95
CA VAL B 120 -72.09 -50.16 -39.04
C VAL B 120 -73.28 -49.31 -38.62
N SER B 121 -73.29 -48.05 -39.05
CA SER B 121 -74.40 -47.15 -38.79
C SER B 121 -74.47 -46.10 -39.89
N ILE B 122 -75.49 -46.21 -40.75
CA ILE B 122 -75.66 -45.32 -41.90
C ILE B 122 -76.75 -44.32 -41.59
N PHE B 123 -76.54 -43.09 -42.06
CA PHE B 123 -77.44 -41.97 -41.82
C PHE B 123 -77.85 -41.40 -43.17
N PRO B 124 -79.02 -40.78 -43.27
CA PRO B 124 -79.37 -40.08 -44.50
C PRO B 124 -78.70 -38.72 -44.56
N PRO B 125 -78.50 -38.16 -45.75
CA PRO B 125 -78.17 -36.74 -45.83
C PRO B 125 -79.33 -35.92 -45.29
N SER B 126 -79.01 -34.77 -44.71
CA SER B 126 -80.07 -34.03 -44.04
C SER B 126 -80.95 -33.33 -45.07
N SER B 127 -82.18 -33.03 -44.64
CA SER B 127 -83.11 -32.27 -45.47
C SER B 127 -82.49 -30.95 -45.91
N GLU B 128 -81.66 -30.35 -45.04
CA GLU B 128 -80.96 -29.12 -45.43
C GLU B 128 -79.87 -29.43 -46.44
N GLN B 129 -79.38 -30.67 -46.46
CA GLN B 129 -78.35 -31.03 -47.41
C GLN B 129 -78.93 -31.29 -48.79
N LEU B 130 -80.11 -31.92 -48.85
CA LEU B 130 -80.80 -32.10 -50.11
C LEU B 130 -81.01 -30.77 -50.81
N THR B 131 -81.51 -29.78 -50.08
CA THR B 131 -81.78 -28.46 -50.65
C THR B 131 -80.50 -27.82 -51.17
N SER B 132 -79.35 -28.20 -50.62
CA SER B 132 -78.06 -27.69 -51.06
C SER B 132 -77.53 -28.39 -52.31
N GLY B 133 -78.39 -29.13 -53.03
CA GLY B 133 -78.01 -29.74 -54.28
C GLY B 133 -77.01 -30.87 -54.17
N GLY B 134 -76.52 -31.18 -52.97
CA GLY B 134 -75.57 -32.24 -52.78
C GLY B 134 -76.01 -33.14 -51.64
N ALA B 135 -75.75 -34.43 -51.83
CA ALA B 135 -76.19 -35.42 -50.85
C ALA B 135 -74.96 -36.20 -50.41
N SER B 136 -74.69 -36.19 -49.11
CA SER B 136 -73.61 -36.97 -48.54
C SER B 136 -74.21 -37.98 -47.56
N VAL B 137 -74.03 -39.25 -47.88
CA VAL B 137 -74.47 -40.35 -47.03
C VAL B 137 -73.27 -40.83 -46.22
N VAL B 138 -73.41 -40.84 -44.90
CA VAL B 138 -72.31 -41.12 -43.99
C VAL B 138 -72.44 -42.56 -43.52
N CYS B 139 -71.36 -43.08 -42.95
CA CYS B 139 -71.27 -44.47 -42.54
C CYS B 139 -70.28 -44.59 -41.38
N PHE B 140 -70.76 -45.00 -40.22
CA PHE B 140 -69.95 -45.10 -39.01
C PHE B 140 -69.73 -46.56 -38.67
N LEU B 141 -68.49 -46.90 -38.30
CA LEU B 141 -68.13 -48.23 -37.84
C LEU B 141 -67.39 -48.03 -36.51
N ASN B 142 -68.12 -48.10 -35.42
CA ASN B 142 -67.55 -47.80 -34.11
C ASN B 142 -67.00 -49.06 -33.45
N ASN B 143 -65.89 -48.88 -32.73
CA ASN B 143 -65.29 -49.90 -31.87
C ASN B 143 -65.05 -51.22 -32.59
N PHE B 144 -64.31 -51.20 -33.70
CA PHE B 144 -63.96 -52.43 -34.38
C PHE B 144 -62.50 -52.75 -34.13
N TYR B 145 -62.02 -53.78 -34.81
CA TYR B 145 -60.65 -54.24 -34.66
C TYR B 145 -60.30 -55.15 -35.83
N PRO B 146 -59.05 -55.15 -36.30
CA PRO B 146 -57.96 -54.23 -35.95
C PRO B 146 -58.10 -52.93 -36.71
N LYS B 147 -57.00 -52.18 -36.85
CA LYS B 147 -57.05 -51.03 -37.75
C LYS B 147 -57.31 -51.46 -39.19
N ASP B 148 -57.15 -52.76 -39.50
CA ASP B 148 -57.28 -53.27 -40.86
C ASP B 148 -58.73 -53.60 -41.19
N ILE B 149 -59.28 -52.91 -42.19
CA ILE B 149 -60.65 -53.08 -42.62
C ILE B 149 -60.83 -52.39 -43.96
N ASN B 150 -61.81 -52.83 -44.74
CA ASN B 150 -62.28 -52.08 -45.90
C ASN B 150 -63.80 -51.97 -45.91
N VAL B 151 -64.29 -50.88 -46.50
CA VAL B 151 -65.70 -50.52 -46.53
C VAL B 151 -66.04 -50.04 -47.93
N LYS B 152 -67.12 -50.57 -48.51
CA LYS B 152 -67.51 -50.27 -49.88
C LYS B 152 -68.98 -49.91 -49.99
N TRP B 153 -69.33 -49.16 -51.03
CA TRP B 153 -70.66 -48.63 -51.24
C TRP B 153 -71.40 -49.41 -52.32
N LYS B 154 -72.67 -49.72 -52.08
CA LYS B 154 -73.54 -50.27 -53.11
C LYS B 154 -74.74 -49.34 -53.26
N ILE B 155 -74.68 -48.46 -54.24
CA ILE B 155 -75.82 -47.63 -54.61
C ILE B 155 -76.71 -48.43 -55.54
N ASP B 156 -77.99 -48.55 -55.18
CA ASP B 156 -78.99 -49.27 -55.98
C ASP B 156 -78.65 -50.75 -56.11
N GLY B 157 -77.70 -51.23 -55.29
CA GLY B 157 -77.27 -52.62 -55.37
C GLY B 157 -76.20 -52.83 -56.43
N SER B 158 -76.17 -51.95 -57.43
CA SER B 158 -75.29 -52.15 -58.57
C SER B 158 -73.99 -51.36 -58.43
N GLU B 159 -74.08 -50.08 -58.08
CA GLU B 159 -72.94 -49.19 -58.26
C GLU B 159 -71.99 -49.24 -57.06
N ARG B 160 -70.71 -49.39 -57.38
CA ARG B 160 -69.62 -49.31 -56.41
C ARG B 160 -68.77 -48.11 -56.81
N GLN B 161 -69.12 -46.94 -56.28
CA GLN B 161 -68.45 -45.70 -56.67
C GLN B 161 -67.01 -45.68 -56.16
N ASN B 162 -66.31 -44.58 -56.47
CA ASN B 162 -65.01 -44.31 -55.88
C ASN B 162 -64.84 -42.89 -55.36
N GLY B 163 -65.91 -42.13 -55.22
CA GLY B 163 -65.79 -40.81 -54.63
C GLY B 163 -66.03 -40.83 -53.13
N VAL B 164 -65.27 -41.64 -52.42
CA VAL B 164 -65.52 -41.91 -51.01
C VAL B 164 -64.50 -41.13 -50.19
N LEU B 165 -64.88 -40.79 -48.96
CA LEU B 165 -63.98 -40.13 -48.01
C LEU B 165 -63.82 -41.05 -46.81
N ASN B 166 -62.59 -41.17 -46.32
CA ASN B 166 -62.30 -41.99 -45.16
C ASN B 166 -61.66 -41.18 -44.04
N SER B 167 -61.72 -41.75 -42.84
CA SER B 167 -61.19 -41.12 -41.65
C SER B 167 -61.13 -42.17 -40.55
N TRP B 168 -59.98 -42.30 -39.91
CA TRP B 168 -59.80 -43.26 -38.83
C TRP B 168 -59.63 -42.53 -37.51
N THR B 169 -60.16 -43.12 -36.45
CA THR B 169 -59.82 -42.61 -35.14
C THR B 169 -58.51 -43.24 -34.69
N ASP B 170 -57.85 -42.57 -33.77
CA ASP B 170 -56.73 -43.15 -33.08
C ASP B 170 -57.21 -44.21 -32.11
N GLN B 171 -56.31 -45.12 -31.74
CA GLN B 171 -56.64 -46.15 -30.78
C GLN B 171 -57.17 -45.54 -29.49
N ASP B 172 -58.10 -46.21 -28.85
CA ASP B 172 -58.68 -45.67 -27.64
C ASP B 172 -57.78 -45.95 -26.44
N SER B 173 -57.68 -44.99 -25.51
CA SER B 173 -56.88 -45.18 -24.31
C SER B 173 -57.53 -46.10 -23.30
N LYS B 174 -58.75 -46.57 -23.56
CA LYS B 174 -59.45 -47.40 -22.60
C LYS B 174 -59.66 -48.81 -23.13
N ASP B 175 -60.24 -48.91 -24.32
CA ASP B 175 -60.66 -50.18 -24.89
C ASP B 175 -59.61 -50.78 -25.81
N SER B 176 -58.73 -49.96 -26.36
CA SER B 176 -57.90 -50.31 -27.49
C SER B 176 -58.70 -50.72 -28.71
N THR B 177 -59.82 -50.06 -28.97
CA THR B 177 -60.52 -50.27 -30.23
C THR B 177 -60.36 -49.03 -31.12
N TYR B 178 -60.68 -49.20 -32.40
CA TYR B 178 -60.66 -48.10 -33.37
C TYR B 178 -62.08 -47.76 -33.79
N SER B 179 -62.19 -46.85 -34.76
CA SER B 179 -63.48 -46.45 -35.33
C SER B 179 -63.24 -45.65 -36.60
N MET B 180 -63.92 -46.03 -37.68
CA MET B 180 -63.68 -45.40 -38.98
C MET B 180 -65.00 -44.92 -39.57
N SER B 181 -64.89 -44.03 -40.56
CA SER B 181 -66.05 -43.38 -41.14
C SER B 181 -65.91 -43.25 -42.64
N SER B 182 -66.99 -43.56 -43.36
CA SER B 182 -67.03 -43.54 -44.83
C SER B 182 -68.15 -42.61 -45.27
N THR B 183 -67.78 -41.46 -45.84
CA THR B 183 -68.72 -40.43 -46.27
C THR B 183 -68.77 -40.40 -47.79
N LEU B 184 -69.95 -40.60 -48.36
CA LEU B 184 -70.14 -40.55 -49.80
C LEU B 184 -70.97 -39.32 -50.15
N THR B 185 -70.29 -38.25 -50.56
CA THR B 185 -70.94 -37.01 -50.97
C THR B 185 -71.27 -37.11 -52.45
N LEU B 186 -72.51 -36.75 -52.80
CA LEU B 186 -72.96 -36.80 -54.18
C LEU B 186 -73.85 -35.60 -54.43
N THR B 187 -74.00 -35.26 -55.72
CA THR B 187 -74.96 -34.25 -56.12
C THR B 187 -76.37 -34.81 -55.99
N LYS B 188 -77.33 -33.92 -55.69
CA LYS B 188 -78.70 -34.36 -55.51
C LYS B 188 -79.26 -34.97 -56.80
N ASP B 189 -78.78 -34.49 -57.95
CA ASP B 189 -79.17 -35.10 -59.21
C ASP B 189 -78.72 -36.56 -59.26
N GLU B 190 -77.51 -36.83 -58.78
CA GLU B 190 -77.05 -38.20 -58.62
C GLU B 190 -77.77 -38.90 -57.48
N TYR B 191 -78.48 -38.14 -56.63
CA TYR B 191 -79.17 -38.76 -55.52
C TYR B 191 -80.61 -39.11 -55.86
N GLU B 192 -81.43 -38.11 -56.20
CA GLU B 192 -82.84 -38.38 -56.44
C GLU B 192 -83.07 -39.28 -57.64
N ARG B 193 -82.07 -39.40 -58.52
CA ARG B 193 -82.15 -40.35 -59.63
C ARG B 193 -82.00 -41.80 -59.18
N HIS B 194 -81.57 -42.04 -57.94
CA HIS B 194 -81.33 -43.39 -57.44
C HIS B 194 -82.06 -43.56 -56.12
N ASN B 195 -82.27 -44.82 -55.73
CA ASN B 195 -83.11 -45.10 -54.56
C ASN B 195 -82.33 -45.70 -53.40
N SER B 196 -81.65 -46.83 -53.59
CA SER B 196 -81.02 -47.55 -52.49
C SER B 196 -79.52 -47.31 -52.49
N TYR B 197 -78.97 -47.06 -51.31
CA TYR B 197 -77.54 -46.79 -51.14
C TYR B 197 -77.06 -47.66 -49.98
N THR B 198 -76.13 -48.56 -50.26
CA THR B 198 -75.72 -49.59 -49.31
C THR B 198 -74.26 -49.40 -48.91
N CYS B 199 -73.99 -49.65 -47.63
CA CYS B 199 -72.66 -49.48 -47.06
C CYS B 199 -72.22 -50.82 -46.47
N GLU B 200 -71.24 -51.46 -47.11
CA GLU B 200 -70.77 -52.79 -46.70
C GLU B 200 -69.46 -52.64 -45.93
N ALA B 201 -69.31 -53.43 -44.87
CA ALA B 201 -68.08 -53.48 -44.09
C ALA B 201 -67.43 -54.84 -44.28
N THR B 202 -66.10 -54.86 -44.34
CA THR B 202 -65.40 -56.11 -44.53
C THR B 202 -64.22 -56.24 -43.59
N SER B 208 -67.00 -62.78 -45.12
CA SER B 208 -68.30 -62.41 -44.56
C SER B 208 -68.35 -60.93 -44.26
N PRO B 209 -68.99 -60.15 -45.12
CA PRO B 209 -69.14 -58.72 -44.86
C PRO B 209 -70.38 -58.42 -44.03
N ILE B 210 -70.42 -57.21 -43.50
CA ILE B 210 -71.57 -56.69 -42.78
C ILE B 210 -72.19 -55.61 -43.65
N VAL B 211 -73.51 -55.64 -43.79
CA VAL B 211 -74.21 -54.81 -44.77
C VAL B 211 -75.29 -54.00 -44.07
N LYS B 212 -75.49 -52.77 -44.55
CA LYS B 212 -76.56 -51.90 -44.07
C LYS B 212 -76.84 -50.86 -45.15
N SER B 213 -78.09 -50.40 -45.24
CA SER B 213 -78.52 -49.51 -46.30
C SER B 213 -79.77 -48.75 -45.88
N PHE B 214 -80.14 -47.76 -46.70
CA PHE B 214 -81.37 -47.01 -46.51
C PHE B 214 -82.15 -46.99 -47.81
N ASN B 215 -83.48 -46.91 -47.70
CA ASN B 215 -84.37 -47.23 -48.81
C ASN B 215 -84.55 -46.04 -49.76
N ARG B 216 -85.07 -44.93 -49.25
CA ARG B 216 -85.58 -43.87 -50.11
C ARG B 216 -84.81 -42.58 -49.92
N ASN B 217 -85.20 -41.58 -50.70
CA ASN B 217 -84.67 -40.23 -50.63
C ASN B 217 -84.81 -39.67 -49.22
N GLU B 218 -85.97 -39.89 -48.61
CA GLU B 218 -86.23 -39.44 -47.26
C GLU B 218 -87.07 -40.49 -46.52
N CYS B 219 -87.08 -40.37 -45.20
CA CYS B 219 -87.95 -41.19 -44.37
C CYS B 219 -88.99 -40.32 -43.69
N GLU C 1 -48.45 -26.96 -10.33
CA GLU C 1 -47.49 -27.29 -11.36
C GLU C 1 -47.35 -26.09 -12.27
N VAL C 2 -46.51 -26.21 -13.29
CA VAL C 2 -46.28 -25.12 -14.24
C VAL C 2 -47.28 -25.24 -15.37
N ILE C 3 -47.85 -24.13 -15.80
CA ILE C 3 -48.64 -24.10 -17.02
C ILE C 3 -48.09 -23.05 -17.96
N LEU C 4 -47.94 -23.45 -19.21
CA LEU C 4 -47.56 -22.59 -20.31
C LEU C 4 -48.71 -22.62 -21.29
N VAL C 5 -49.27 -21.47 -21.63
CA VAL C 5 -50.34 -21.43 -22.60
C VAL C 5 -50.06 -20.32 -23.60
N GLU C 6 -50.29 -20.56 -24.87
CA GLU C 6 -49.94 -19.59 -25.89
C GLU C 6 -51.15 -19.15 -26.69
N SER C 7 -50.99 -18.04 -27.39
CA SER C 7 -51.96 -17.60 -28.35
C SER C 7 -51.24 -17.05 -29.55
N GLY C 8 -51.99 -16.55 -30.51
CA GLY C 8 -51.45 -16.22 -31.80
C GLY C 8 -52.15 -17.15 -32.75
N GLY C 9 -51.57 -17.43 -33.90
CA GLY C 9 -52.14 -18.52 -34.68
C GLY C 9 -52.92 -18.02 -35.86
N GLY C 10 -53.73 -18.90 -36.41
CA GLY C 10 -54.56 -18.49 -37.50
C GLY C 10 -53.89 -18.62 -38.84
N LEU C 11 -54.39 -17.81 -39.78
CA LEU C 11 -54.09 -17.98 -41.19
C LEU C 11 -53.36 -16.76 -41.74
N VAL C 12 -52.21 -16.99 -42.36
CA VAL C 12 -51.39 -15.88 -42.87
C VAL C 12 -50.88 -16.20 -44.27
N LYS C 13 -51.08 -15.28 -45.19
CA LYS C 13 -50.69 -15.50 -46.57
C LYS C 13 -49.18 -15.66 -46.65
N PRO C 14 -48.66 -16.32 -47.68
CA PRO C 14 -47.20 -16.44 -47.81
C PRO C 14 -46.55 -15.08 -47.82
N GLY C 15 -45.30 -15.04 -47.39
CA GLY C 15 -44.67 -13.76 -47.15
C GLY C 15 -45.23 -12.97 -46.00
N GLY C 16 -46.16 -13.52 -45.25
CA GLY C 16 -46.80 -12.80 -44.17
C GLY C 16 -45.92 -12.65 -42.96
N SER C 17 -46.56 -12.42 -41.82
CA SER C 17 -45.85 -12.15 -40.58
C SER C 17 -46.82 -12.19 -39.41
N LEU C 18 -46.40 -12.82 -38.33
CA LEU C 18 -47.19 -12.75 -37.11
C LEU C 18 -46.32 -13.09 -35.92
N LYS C 19 -46.96 -13.22 -34.77
CA LYS C 19 -46.26 -13.15 -33.50
C LYS C 19 -46.92 -14.10 -32.51
N LEU C 20 -46.33 -15.27 -32.32
CA LEU C 20 -46.86 -16.25 -31.39
C LEU C 20 -46.41 -15.92 -29.97
N SER C 21 -47.33 -15.91 -29.03
CA SER C 21 -47.02 -15.61 -27.64
C SER C 21 -47.02 -16.88 -26.80
N CYS C 22 -46.58 -16.77 -25.55
CA CYS C 22 -46.53 -17.93 -24.64
C CYS C 22 -46.47 -17.49 -23.18
N ALA C 23 -47.63 -17.19 -22.60
CA ALA C 23 -47.68 -16.77 -21.21
C ALA C 23 -47.40 -17.95 -20.28
N ALA C 24 -46.31 -17.86 -19.53
CA ALA C 24 -45.93 -18.92 -18.60
C ALA C 24 -46.12 -18.49 -17.16
N SER C 25 -46.71 -19.37 -16.34
CA SER C 25 -46.94 -19.08 -14.94
C SER C 25 -46.60 -20.27 -14.07
N GLY C 26 -45.99 -19.98 -12.94
CA GLY C 26 -45.80 -20.99 -11.92
C GLY C 26 -44.37 -21.30 -11.56
N PHE C 27 -43.38 -20.78 -12.28
CA PHE C 27 -42.04 -21.29 -12.04
C PHE C 27 -40.96 -20.21 -12.12
N THR C 28 -41.19 -19.02 -11.61
CA THR C 28 -40.16 -17.98 -11.56
C THR C 28 -39.39 -17.89 -12.88
N PHE C 29 -40.13 -17.43 -13.88
CA PHE C 29 -39.78 -17.38 -15.30
C PHE C 29 -38.43 -16.78 -15.63
N SER C 30 -37.85 -16.02 -14.72
CA SER C 30 -36.68 -15.27 -15.12
C SER C 30 -35.41 -16.08 -15.01
N SER C 31 -35.49 -17.40 -15.03
CA SER C 31 -34.28 -18.20 -14.95
C SER C 31 -34.15 -19.21 -16.06
N TYR C 32 -35.23 -19.76 -16.57
CA TYR C 32 -35.12 -20.95 -17.42
C TYR C 32 -34.87 -20.60 -18.87
N THR C 33 -34.09 -21.43 -19.52
CA THR C 33 -34.06 -21.43 -20.97
C THR C 33 -35.47 -21.69 -21.47
N MET C 34 -35.77 -21.24 -22.67
CA MET C 34 -37.05 -21.59 -23.26
C MET C 34 -36.86 -22.03 -24.69
N SER C 35 -37.84 -22.73 -25.22
CA SER C 35 -37.66 -23.23 -26.54
C SER C 35 -39.01 -23.18 -27.22
N TRP C 36 -39.01 -23.10 -28.54
CA TRP C 36 -40.21 -23.38 -29.29
C TRP C 36 -40.00 -24.70 -29.98
N VAL C 37 -41.05 -25.43 -30.28
CA VAL C 37 -40.92 -26.69 -31.00
C VAL C 37 -42.09 -26.80 -31.93
N ARG C 38 -41.91 -27.46 -33.06
CA ARG C 38 -42.91 -27.41 -34.09
C ARG C 38 -43.28 -28.81 -34.51
N GLN C 39 -44.56 -29.06 -34.76
CA GLN C 39 -45.00 -30.39 -35.17
C GLN C 39 -45.80 -30.28 -36.45
N THR C 40 -45.33 -30.88 -37.51
CA THR C 40 -45.88 -30.66 -38.85
C THR C 40 -47.10 -31.54 -39.06
N PRO C 41 -47.77 -31.43 -40.21
CA PRO C 41 -48.95 -32.26 -40.44
C PRO C 41 -48.72 -33.76 -40.41
N GLU C 42 -47.51 -34.25 -40.63
CA GLU C 42 -47.30 -35.69 -40.53
C GLU C 42 -46.99 -36.16 -39.12
N LYS C 43 -47.30 -35.36 -38.12
CA LYS C 43 -47.01 -35.69 -36.73
C LYS C 43 -45.53 -36.00 -36.56
N ARG C 44 -44.68 -35.08 -36.95
CA ARG C 44 -43.24 -35.31 -37.02
C ARG C 44 -42.53 -34.08 -36.49
N LEU C 45 -42.00 -34.17 -35.28
CA LEU C 45 -41.56 -32.95 -34.63
C LEU C 45 -40.29 -32.42 -35.28
N GLU C 46 -39.83 -31.29 -34.78
CA GLU C 46 -38.80 -30.50 -35.41
C GLU C 46 -38.48 -29.37 -34.45
N TRP C 47 -37.25 -28.94 -34.40
CA TRP C 47 -36.89 -27.87 -33.49
C TRP C 47 -36.92 -26.55 -34.24
N VAL C 48 -37.20 -25.44 -33.55
CA VAL C 48 -37.40 -24.14 -34.19
C VAL C 48 -36.51 -23.04 -33.62
N ALA C 49 -36.42 -22.91 -32.31
CA ALA C 49 -35.66 -21.80 -31.76
C ALA C 49 -35.48 -21.99 -30.28
N THR C 50 -34.41 -21.44 -29.73
CA THR C 50 -34.28 -21.42 -28.28
C THR C 50 -33.65 -20.15 -27.77
N ILE C 51 -34.11 -19.68 -26.63
CA ILE C 51 -33.58 -18.45 -26.04
C ILE C 51 -33.16 -18.67 -24.59
N SER C 52 -31.93 -18.25 -24.26
CA SER C 52 -31.40 -18.40 -22.92
C SER C 52 -32.07 -17.48 -21.91
N SER C 53 -31.92 -17.80 -20.63
CA SER C 53 -32.52 -17.01 -19.55
C SER C 53 -32.18 -15.53 -19.66
N GLY C 54 -30.90 -15.23 -19.87
CA GLY C 54 -30.46 -13.85 -19.99
C GLY C 54 -31.21 -13.10 -21.06
N GLY C 55 -31.35 -13.72 -22.23
CA GLY C 55 -32.05 -13.11 -23.34
C GLY C 55 -31.10 -12.75 -24.47
N GLY C 56 -29.81 -12.71 -24.15
CA GLY C 56 -28.80 -12.39 -25.13
C GLY C 56 -28.08 -13.60 -25.67
N ASN C 57 -28.84 -14.65 -25.97
CA ASN C 57 -28.28 -15.89 -26.50
C ASN C 57 -29.38 -16.72 -27.14
N THR C 58 -29.60 -16.52 -28.44
CA THR C 58 -30.63 -17.26 -29.13
C THR C 58 -30.00 -18.14 -30.18
N TYR C 59 -30.54 -19.33 -30.35
CA TYR C 59 -30.01 -20.28 -31.31
C TYR C 59 -31.16 -20.73 -32.20
N TYR C 60 -30.94 -20.73 -33.50
CA TYR C 60 -31.92 -21.18 -34.48
C TYR C 60 -31.30 -22.28 -35.31
N PRO C 61 -32.09 -23.18 -35.86
CA PRO C 61 -31.51 -24.20 -36.70
C PRO C 61 -30.94 -23.54 -37.93
N ASP C 62 -30.31 -24.32 -38.79
CA ASP C 62 -29.62 -23.71 -39.92
C ASP C 62 -30.59 -23.20 -40.97
N SER C 63 -31.71 -23.89 -41.15
CA SER C 63 -32.63 -23.55 -42.22
C SER C 63 -33.37 -22.25 -41.95
N VAL C 64 -34.11 -22.17 -40.85
CA VAL C 64 -35.13 -21.15 -40.69
C VAL C 64 -34.54 -19.92 -40.05
N LYS C 65 -33.23 -19.76 -40.16
CA LYS C 65 -32.54 -18.62 -39.56
C LYS C 65 -32.94 -17.33 -40.24
N GLY C 66 -32.86 -16.25 -39.49
CA GLY C 66 -33.06 -14.93 -40.06
C GLY C 66 -34.47 -14.45 -40.10
N ARG C 67 -35.41 -15.29 -40.54
CA ARG C 67 -36.78 -14.84 -40.65
C ARG C 67 -37.62 -15.04 -39.38
N PHE C 68 -37.23 -15.94 -38.47
CA PHE C 68 -37.86 -16.09 -37.16
C PHE C 68 -37.02 -15.40 -36.11
N THR C 69 -37.64 -14.63 -35.23
CA THR C 69 -36.91 -13.94 -34.18
C THR C 69 -37.61 -14.11 -32.85
N ILE C 70 -36.93 -14.74 -31.90
CA ILE C 70 -37.48 -15.14 -30.62
C ILE C 70 -37.00 -14.17 -29.57
N SER C 71 -37.83 -13.89 -28.58
CA SER C 71 -37.41 -13.00 -27.50
C SER C 71 -38.36 -13.17 -26.34
N ARG C 72 -38.08 -12.47 -25.25
CA ARG C 72 -38.85 -12.69 -24.05
C ARG C 72 -38.95 -11.42 -23.23
N ASP C 73 -40.01 -11.35 -22.43
CA ASP C 73 -40.17 -10.35 -21.38
C ASP C 73 -40.14 -11.06 -20.05
N ASN C 74 -39.12 -10.78 -19.24
CA ASN C 74 -39.05 -11.40 -17.94
C ASN C 74 -39.95 -10.70 -16.94
N ALA C 75 -40.34 -9.46 -17.18
CA ALA C 75 -41.12 -8.71 -16.20
C ALA C 75 -42.55 -9.20 -16.13
N LYS C 76 -43.12 -9.54 -17.27
CA LYS C 76 -44.49 -10.03 -17.36
C LYS C 76 -44.60 -11.54 -17.55
N ASN C 77 -43.47 -12.24 -17.64
CA ASN C 77 -43.44 -13.67 -17.94
C ASN C 77 -44.04 -13.97 -19.30
N ASN C 78 -43.37 -13.55 -20.37
CA ASN C 78 -43.89 -13.90 -21.68
C ASN C 78 -42.75 -14.25 -22.62
N LEU C 79 -43.04 -15.15 -23.56
CA LEU C 79 -42.08 -15.57 -24.58
C LEU C 79 -42.73 -15.39 -25.94
N TYR C 80 -42.14 -14.58 -26.82
CA TYR C 80 -42.71 -14.33 -28.13
C TYR C 80 -41.80 -14.83 -29.23
N LEU C 81 -42.37 -15.42 -30.27
CA LEU C 81 -41.63 -15.75 -31.49
C LEU C 81 -42.28 -15.01 -32.64
N GLN C 82 -41.49 -14.22 -33.37
CA GLN C 82 -41.98 -13.37 -34.45
C GLN C 82 -41.51 -13.92 -35.78
N MET C 83 -42.45 -14.35 -36.60
CA MET C 83 -42.14 -15.02 -37.85
C MET C 83 -42.49 -14.12 -39.02
N SER C 84 -41.63 -14.13 -40.03
CA SER C 84 -41.88 -13.38 -41.25
C SER C 84 -41.30 -14.16 -42.43
N SER C 85 -41.84 -13.86 -43.61
CA SER C 85 -41.45 -14.49 -44.88
C SER C 85 -41.60 -16.00 -44.81
N LEU C 86 -42.74 -16.45 -44.29
CA LEU C 86 -43.03 -17.87 -44.16
C LEU C 86 -43.44 -18.46 -45.51
N ARG C 87 -43.04 -19.71 -45.75
CA ARG C 87 -43.38 -20.39 -46.99
C ARG C 87 -44.67 -21.18 -46.84
N SER C 88 -44.84 -22.19 -47.69
CA SER C 88 -46.04 -23.02 -47.64
C SER C 88 -45.83 -24.22 -46.73
N GLU C 89 -44.61 -24.38 -46.23
CA GLU C 89 -44.27 -25.47 -45.34
C GLU C 89 -44.27 -25.03 -43.88
N ASP C 90 -44.96 -23.93 -43.58
CA ASP C 90 -44.99 -23.43 -42.22
C ASP C 90 -46.26 -23.84 -41.47
N THR C 91 -47.18 -24.49 -42.18
CA THR C 91 -48.41 -24.98 -41.56
C THR C 91 -47.92 -25.95 -40.51
N ALA C 92 -48.13 -25.62 -39.23
CA ALA C 92 -47.60 -26.47 -38.18
C ALA C 92 -48.37 -26.24 -36.91
N LEU C 93 -47.98 -26.92 -35.87
CA LEU C 93 -48.50 -26.70 -34.53
C LEU C 93 -47.33 -26.40 -33.61
N TYR C 94 -47.30 -25.22 -33.02
CA TYR C 94 -46.15 -24.76 -32.25
C TYR C 94 -46.41 -24.93 -30.77
N TYR C 95 -45.43 -25.48 -30.05
CA TYR C 95 -45.49 -25.67 -28.61
C TYR C 95 -44.41 -24.83 -27.98
N CYS C 96 -44.64 -24.38 -26.75
CA CYS C 96 -43.55 -23.84 -25.96
C CYS C 96 -42.77 -25.01 -25.41
N ALA C 97 -41.79 -24.70 -24.56
CA ALA C 97 -40.96 -25.71 -23.91
C ALA C 97 -40.22 -25.06 -22.74
N ARG C 98 -39.76 -25.88 -21.81
CA ARG C 98 -39.02 -25.40 -20.66
C ARG C 98 -37.66 -26.05 -20.69
N TYR C 99 -37.02 -26.15 -19.53
CA TYR C 99 -35.71 -26.78 -19.47
C TYR C 99 -35.42 -27.40 -18.11
N TYR C 100 -35.38 -28.73 -18.08
CA TYR C 100 -35.11 -29.45 -16.85
C TYR C 100 -33.71 -29.07 -16.35
N ARG C 101 -33.58 -28.93 -15.04
CA ARG C 101 -32.29 -28.54 -14.45
C ARG C 101 -31.14 -29.52 -14.69
N TYR C 102 -31.45 -30.80 -14.82
CA TYR C 102 -30.43 -31.82 -15.06
C TYR C 102 -30.27 -32.19 -16.53
N GLU C 103 -30.10 -31.19 -17.40
CA GLU C 103 -29.93 -31.42 -18.83
C GLU C 103 -30.96 -32.37 -19.44
N ALA C 104 -32.22 -32.02 -19.34
CA ALA C 104 -33.26 -32.62 -20.14
C ALA C 104 -33.91 -31.50 -20.89
N TRP C 105 -34.06 -31.65 -22.20
CA TRP C 105 -34.14 -30.45 -23.01
C TRP C 105 -35.52 -29.83 -22.99
N PHE C 106 -36.53 -30.53 -23.46
CA PHE C 106 -37.88 -29.98 -23.43
C PHE C 106 -38.62 -30.74 -22.38
N ALA C 107 -38.99 -30.12 -21.29
CA ALA C 107 -39.59 -30.87 -20.23
C ALA C 107 -40.94 -30.41 -19.78
N SER C 108 -41.50 -29.33 -20.30
CA SER C 108 -42.78 -28.90 -19.79
C SER C 108 -43.69 -28.35 -20.85
N TRP C 109 -43.87 -29.07 -21.94
CA TRP C 109 -44.60 -28.56 -23.09
C TRP C 109 -45.93 -27.93 -22.73
N GLY C 110 -46.11 -26.68 -23.10
CA GLY C 110 -47.41 -26.07 -23.02
C GLY C 110 -48.32 -26.70 -24.04
N GLN C 111 -49.56 -26.23 -24.08
CA GLN C 111 -50.47 -26.73 -25.09
C GLN C 111 -50.07 -26.15 -26.44
N GLY C 112 -50.66 -26.65 -27.49
CA GLY C 112 -50.29 -26.25 -28.83
C GLY C 112 -51.02 -25.01 -29.30
N THR C 113 -50.48 -24.34 -30.31
CA THR C 113 -51.27 -23.42 -31.12
C THR C 113 -50.86 -23.53 -32.57
N LEU C 114 -51.80 -23.56 -33.49
CA LEU C 114 -51.37 -23.94 -34.82
C LEU C 114 -51.43 -22.75 -35.75
N VAL C 115 -50.63 -22.81 -36.80
CA VAL C 115 -50.44 -21.71 -37.73
C VAL C 115 -50.47 -22.25 -39.14
N THR C 116 -51.42 -21.74 -39.94
CA THR C 116 -51.55 -22.18 -41.32
C THR C 116 -51.28 -21.06 -42.30
N VAL C 117 -50.37 -21.31 -43.24
CA VAL C 117 -50.02 -20.30 -44.25
C VAL C 117 -50.46 -20.77 -45.63
N SER C 118 -51.46 -20.10 -46.19
CA SER C 118 -51.96 -20.45 -47.51
C SER C 118 -52.54 -19.24 -48.22
N ALA C 119 -52.68 -19.34 -49.54
CA ALA C 119 -53.24 -18.26 -50.34
C ALA C 119 -54.76 -18.27 -50.28
N ALA C 120 -55.32 -19.43 -49.98
CA ALA C 120 -56.77 -19.59 -49.89
C ALA C 120 -57.35 -18.67 -48.83
N LYS C 121 -58.51 -18.10 -49.13
CA LYS C 121 -59.18 -17.18 -48.20
C LYS C 121 -59.86 -17.92 -47.06
N THR C 122 -60.27 -17.16 -46.04
CA THR C 122 -60.94 -17.74 -44.89
C THR C 122 -62.32 -18.26 -45.24
N THR C 123 -62.80 -19.24 -44.48
CA THR C 123 -64.11 -19.85 -44.71
C THR C 123 -64.82 -20.03 -43.37
N ALA C 124 -66.17 -20.20 -43.42
CA ALA C 124 -67.00 -20.56 -42.27
C ALA C 124 -67.41 -22.03 -42.36
N PRO C 125 -67.99 -22.62 -41.31
CA PRO C 125 -68.38 -24.02 -41.37
C PRO C 125 -69.83 -24.23 -41.78
N SER C 126 -70.07 -25.35 -42.45
CA SER C 126 -71.42 -25.79 -42.81
C SER C 126 -71.74 -27.09 -42.09
N VAL C 127 -72.98 -27.20 -41.61
CA VAL C 127 -73.39 -28.30 -40.75
C VAL C 127 -74.67 -28.92 -41.32
N TYR C 128 -74.76 -30.25 -41.31
CA TYR C 128 -75.99 -30.98 -41.54
C TYR C 128 -76.20 -31.97 -40.41
N PRO C 129 -77.27 -31.83 -39.63
CA PRO C 129 -77.55 -32.84 -38.60
C PRO C 129 -77.68 -34.22 -39.21
N LEU C 130 -77.13 -35.21 -38.51
CA LEU C 130 -77.05 -36.57 -39.03
C LEU C 130 -77.81 -37.49 -38.09
N ALA C 131 -79.09 -37.69 -38.38
CA ALA C 131 -79.95 -38.56 -37.60
C ALA C 131 -80.28 -39.77 -38.45
N PRO C 132 -80.19 -40.98 -37.89
CA PRO C 132 -80.44 -42.18 -38.69
C PRO C 132 -81.85 -42.21 -39.24
N VAL C 133 -82.05 -43.05 -40.25
CA VAL C 133 -83.29 -43.05 -41.02
C VAL C 133 -84.47 -43.31 -40.09
N CYS C 134 -85.35 -42.31 -39.97
CA CYS C 134 -86.46 -42.32 -39.00
C CYS C 134 -85.98 -42.79 -37.62
N GLY C 135 -84.74 -42.45 -37.29
CA GLY C 135 -84.15 -42.81 -36.01
C GLY C 135 -84.32 -44.26 -35.63
N ASP C 136 -84.38 -45.13 -36.63
CA ASP C 136 -84.55 -46.57 -36.38
C ASP C 136 -83.47 -47.09 -35.45
N THR C 137 -83.80 -47.18 -34.17
CA THR C 137 -82.84 -47.62 -33.16
C THR C 137 -82.42 -49.07 -33.37
N THR C 138 -81.19 -49.39 -32.97
CA THR C 138 -80.67 -50.74 -33.13
C THR C 138 -80.31 -51.36 -31.78
N GLY C 139 -81.30 -51.48 -30.90
CA GLY C 139 -81.09 -52.05 -29.59
C GLY C 139 -81.44 -51.07 -28.49
N SER C 140 -80.81 -51.21 -27.33
CA SER C 140 -80.93 -50.23 -26.26
C SER C 140 -80.00 -49.04 -26.47
N SER C 141 -79.50 -48.86 -27.69
CA SER C 141 -78.61 -47.76 -28.02
C SER C 141 -79.02 -47.19 -29.36
N VAL C 142 -78.73 -45.91 -29.57
CA VAL C 142 -79.00 -45.26 -30.85
C VAL C 142 -77.79 -44.42 -31.24
N THR C 143 -77.27 -44.66 -32.43
CA THR C 143 -76.06 -44.01 -32.92
C THR C 143 -76.43 -42.64 -33.44
N LEU C 144 -75.81 -41.60 -32.88
CA LEU C 144 -75.97 -40.24 -33.36
C LEU C 144 -74.61 -39.68 -33.79
N GLY C 145 -74.63 -38.92 -34.87
CA GLY C 145 -73.43 -38.32 -35.40
C GLY C 145 -73.64 -36.84 -35.58
N CYS C 146 -72.73 -36.23 -36.34
CA CYS C 146 -72.84 -34.82 -36.70
C CYS C 146 -71.77 -34.56 -37.75
N LEU C 147 -72.14 -33.89 -38.84
CA LEU C 147 -71.23 -33.70 -39.96
C LEU C 147 -71.04 -32.21 -40.20
N VAL C 148 -69.81 -31.74 -40.01
CA VAL C 148 -69.42 -30.37 -40.29
C VAL C 148 -68.65 -30.40 -41.61
N LYS C 149 -69.09 -29.60 -42.58
CA LYS C 149 -68.53 -29.65 -43.92
C LYS C 149 -68.06 -28.27 -44.37
N GLY C 150 -66.95 -28.25 -45.10
CA GLY C 150 -66.49 -27.08 -45.82
C GLY C 150 -66.13 -25.87 -45.00
N TYR C 151 -65.06 -25.93 -44.21
CA TYR C 151 -64.56 -24.77 -43.49
C TYR C 151 -63.05 -24.68 -43.60
N PHE C 152 -62.50 -23.57 -43.11
CA PHE C 152 -61.10 -23.23 -43.20
C PHE C 152 -60.83 -21.99 -42.35
N PRO C 153 -59.74 -21.95 -41.59
CA PRO C 153 -58.71 -22.95 -41.35
C PRO C 153 -59.12 -23.97 -40.33
N GLU C 154 -58.15 -24.65 -39.75
CA GLU C 154 -58.41 -25.95 -39.13
C GLU C 154 -59.03 -25.94 -37.74
N PRO C 155 -58.59 -25.12 -36.78
CA PRO C 155 -59.09 -25.31 -35.41
C PRO C 155 -60.61 -25.22 -35.31
N VAL C 156 -61.24 -26.22 -34.70
CA VAL C 156 -62.70 -26.24 -34.57
C VAL C 156 -63.09 -27.17 -33.43
N THR C 157 -63.97 -26.67 -32.55
CA THR C 157 -64.36 -27.38 -31.34
C THR C 157 -65.80 -27.84 -31.44
N LEU C 158 -66.04 -29.14 -31.22
CA LEU C 158 -67.38 -29.69 -31.23
C LEU C 158 -67.66 -30.36 -29.89
N THR C 159 -68.50 -29.71 -29.08
CA THR C 159 -68.83 -30.18 -27.75
C THR C 159 -70.33 -30.51 -27.71
N TRP C 160 -70.63 -31.74 -27.31
CA TRP C 160 -71.99 -32.25 -27.31
C TRP C 160 -72.70 -31.84 -26.02
N ASN C 161 -73.90 -31.29 -26.16
CA ASN C 161 -74.73 -30.90 -25.03
C ASN C 161 -73.95 -29.98 -24.08
N SER C 162 -73.23 -29.04 -24.68
CA SER C 162 -72.36 -28.12 -23.95
C SER C 162 -71.24 -28.85 -23.20
N GLY C 163 -70.98 -30.11 -23.55
CA GLY C 163 -70.02 -30.92 -22.82
C GLY C 163 -70.64 -31.98 -21.94
N SER C 164 -71.96 -32.19 -22.03
CA SER C 164 -72.62 -33.16 -21.16
C SER C 164 -72.42 -34.58 -21.67
N LEU C 165 -72.39 -34.76 -22.98
CA LEU C 165 -71.94 -36.02 -23.56
C LEU C 165 -70.42 -36.06 -23.54
N SER C 166 -69.86 -36.95 -22.72
CA SER C 166 -68.42 -37.12 -22.64
C SER C 166 -67.96 -38.56 -22.66
N SER C 167 -68.78 -39.53 -22.28
CA SER C 167 -68.28 -40.87 -22.02
C SER C 167 -68.26 -41.73 -23.29
N GLY C 168 -69.09 -41.38 -24.28
CA GLY C 168 -69.15 -42.16 -25.49
C GLY C 168 -69.12 -41.36 -26.77
N VAL C 169 -68.51 -40.17 -26.73
CA VAL C 169 -68.37 -39.34 -27.91
C VAL C 169 -67.23 -39.91 -28.75
N HIS C 170 -67.40 -39.86 -30.06
CA HIS C 170 -66.37 -40.38 -30.97
C HIS C 170 -66.14 -39.32 -32.04
N THR C 171 -65.23 -38.39 -31.74
CA THR C 171 -64.90 -37.31 -32.67
C THR C 171 -63.86 -37.83 -33.66
N PHE C 172 -64.05 -37.49 -34.93
CA PHE C 172 -63.18 -37.88 -36.03
C PHE C 172 -62.44 -36.66 -36.55
N PRO C 173 -61.22 -36.83 -37.06
CA PRO C 173 -60.41 -35.67 -37.43
C PRO C 173 -60.86 -35.05 -38.74
N ALA C 174 -60.26 -33.91 -39.07
CA ALA C 174 -60.61 -33.20 -40.29
C ALA C 174 -59.86 -33.76 -41.48
N VAL C 175 -60.61 -34.04 -42.55
CA VAL C 175 -60.05 -34.51 -43.81
C VAL C 175 -60.01 -33.33 -44.76
N LEU C 176 -58.85 -33.08 -45.36
CA LEU C 176 -58.68 -31.93 -46.21
C LEU C 176 -58.86 -32.30 -47.67
N GLN C 177 -59.76 -31.57 -48.33
CA GLN C 177 -59.94 -31.72 -49.77
C GLN C 177 -60.28 -30.37 -50.38
N SER C 178 -59.64 -30.03 -51.51
CA SER C 178 -59.82 -28.74 -52.17
C SER C 178 -59.67 -27.59 -51.18
N ASP C 179 -58.78 -27.81 -50.21
CA ASP C 179 -58.59 -26.90 -49.08
C ASP C 179 -59.90 -26.64 -48.35
N LEU C 180 -60.62 -27.71 -48.05
CA LEU C 180 -61.80 -27.65 -47.21
C LEU C 180 -61.82 -28.85 -46.30
N TYR C 181 -62.27 -28.65 -45.06
CA TYR C 181 -62.12 -29.66 -44.02
C TYR C 181 -63.42 -30.39 -43.79
N THR C 182 -63.36 -31.71 -43.88
CA THR C 182 -64.50 -32.56 -43.61
C THR C 182 -64.31 -33.22 -42.26
N LEU C 183 -64.90 -32.63 -41.24
CA LEU C 183 -64.84 -33.16 -39.88
C LEU C 183 -66.21 -33.72 -39.55
N SER C 184 -66.24 -34.66 -38.61
CA SER C 184 -67.49 -35.26 -38.21
C SER C 184 -67.34 -35.82 -36.80
N SER C 185 -68.40 -35.65 -36.02
CA SER C 185 -68.47 -36.19 -34.67
C SER C 185 -69.54 -37.26 -34.64
N SER C 186 -69.46 -38.15 -33.67
CA SER C 186 -70.46 -39.20 -33.50
C SER C 186 -70.56 -39.56 -32.02
N VAL C 187 -71.79 -39.77 -31.58
CA VAL C 187 -72.06 -40.19 -30.21
C VAL C 187 -73.21 -41.18 -30.21
N THR C 188 -73.00 -42.34 -29.59
CA THR C 188 -74.03 -43.34 -29.46
C THR C 188 -74.57 -43.26 -28.04
N VAL C 189 -75.89 -43.13 -27.91
CA VAL C 189 -76.53 -43.07 -26.61
C VAL C 189 -77.73 -44.01 -26.65
N THR C 190 -78.31 -44.25 -25.48
CA THR C 190 -79.40 -45.21 -25.34
C THR C 190 -80.59 -44.80 -26.20
N SER C 191 -81.40 -45.79 -26.57
CA SER C 191 -82.62 -45.50 -27.33
C SER C 191 -83.65 -44.80 -26.46
N SER C 192 -83.44 -44.79 -25.14
CA SER C 192 -84.30 -44.06 -24.22
C SER C 192 -83.85 -42.63 -24.01
N THR C 193 -82.82 -42.16 -24.73
CA THR C 193 -82.27 -40.84 -24.51
C THR C 193 -82.54 -39.92 -25.69
N TRP C 194 -82.39 -40.39 -26.92
CA TRP C 194 -82.59 -39.50 -28.07
C TRP C 194 -84.01 -38.97 -28.15
N PRO C 195 -85.05 -39.81 -28.15
CA PRO C 195 -86.40 -39.24 -28.19
C PRO C 195 -86.76 -38.47 -26.93
N SER C 196 -86.25 -38.91 -25.77
CA SER C 196 -86.67 -38.31 -24.50
C SER C 196 -86.09 -36.92 -24.33
N GLN C 197 -84.78 -36.78 -24.45
CA GLN C 197 -84.12 -35.50 -24.30
C GLN C 197 -83.44 -35.13 -25.61
N SER C 198 -83.38 -33.83 -25.89
CA SER C 198 -82.78 -33.36 -27.13
C SER C 198 -81.26 -33.38 -27.03
N ILE C 199 -80.61 -33.70 -28.14
CA ILE C 199 -79.16 -33.81 -28.21
C ILE C 199 -78.64 -32.78 -29.19
N THR C 200 -77.63 -32.03 -28.78
CA THR C 200 -77.16 -30.85 -29.49
C THR C 200 -75.75 -31.05 -30.02
N CYS C 201 -75.41 -30.30 -31.07
CA CYS C 201 -74.09 -30.34 -31.70
C CYS C 201 -73.54 -28.91 -31.72
N ASN C 202 -72.62 -28.61 -30.81
CA ASN C 202 -72.06 -27.27 -30.65
C ASN C 202 -70.72 -27.19 -31.37
N VAL C 203 -70.52 -26.14 -32.17
CA VAL C 203 -69.31 -25.97 -32.95
C VAL C 203 -68.73 -24.58 -32.67
N ALA C 204 -67.50 -24.35 -33.17
CA ALA C 204 -66.85 -23.05 -33.07
C ALA C 204 -65.85 -22.92 -34.22
N HIS C 205 -65.70 -21.72 -34.76
CA HIS C 205 -64.73 -21.46 -35.82
C HIS C 205 -64.07 -20.12 -35.57
N PRO C 206 -62.76 -20.08 -35.30
CA PRO C 206 -62.15 -18.86 -34.75
C PRO C 206 -62.09 -17.69 -35.72
N ALA C 207 -61.65 -17.94 -36.95
CA ALA C 207 -61.56 -16.87 -37.92
C ALA C 207 -62.93 -16.44 -38.43
N SER C 208 -63.94 -17.30 -38.28
CA SER C 208 -65.28 -16.99 -38.76
C SER C 208 -66.25 -16.65 -37.61
N SER C 209 -65.93 -17.07 -36.40
CA SER C 209 -66.67 -16.68 -35.19
C SER C 209 -68.12 -17.13 -35.21
N THR C 210 -68.43 -18.18 -35.98
CA THR C 210 -69.79 -18.71 -36.00
C THR C 210 -69.88 -20.02 -35.23
N LYS C 211 -70.90 -20.11 -34.38
CA LYS C 211 -71.05 -21.26 -33.49
C LYS C 211 -72.52 -21.65 -33.44
N VAL C 212 -72.87 -22.73 -34.14
CA VAL C 212 -74.25 -23.10 -34.38
C VAL C 212 -74.54 -24.40 -33.65
N ASP C 213 -75.64 -24.41 -32.89
CA ASP C 213 -76.03 -25.57 -32.10
C ASP C 213 -77.22 -26.24 -32.78
N LYS C 214 -76.94 -27.27 -33.56
CA LYS C 214 -77.96 -28.03 -34.26
C LYS C 214 -78.42 -29.18 -33.37
N LYS C 215 -79.71 -29.41 -33.33
CA LYS C 215 -80.24 -30.55 -32.61
C LYS C 215 -80.47 -31.71 -33.58
N ILE C 216 -80.47 -32.92 -33.04
CA ILE C 216 -80.65 -34.12 -33.84
C ILE C 216 -82.07 -34.64 -33.62
N GLU C 217 -82.91 -34.54 -34.65
CA GLU C 217 -84.30 -34.91 -34.47
C GLU C 217 -84.65 -36.11 -35.34
N PRO C 218 -85.33 -37.12 -34.78
CA PRO C 218 -85.67 -38.34 -35.53
C PRO C 218 -86.78 -38.09 -36.56
C10 R0Z D . -11.51 -9.55 -2.83
C15 R0Z D . -11.00 -7.10 -4.01
C17 R0Z D . -10.37 -8.82 -2.49
C21 R0Z D . -7.55 -9.34 0.08
C22 R0Z D . -7.20 -8.55 1.15
C24 R0Z D . -6.21 -10.45 2.17
C26 R0Z D . -7.25 -10.68 0.05
C28 R0Z D . -5.90 -10.04 4.59
C01 R0Z D . -13.11 -14.17 -0.04
C03 R0Z D . -13.21 -12.88 -1.91
C04 R0Z D . -14.34 -13.59 -2.22
C05 R0Z D . -15.22 -13.09 -3.16
C06 R0Z D . -14.97 -11.87 -3.75
C07 R0Z D . -13.82 -11.17 -3.41
C08 R0Z D . -12.95 -11.65 -2.51
C11 R0Z D . -12.38 -9.07 -3.73
C12 R0Z D . -13.59 -9.86 -4.09
C14 R0Z D . -12.14 -7.82 -4.35
C16 R0Z D . -10.11 -7.60 -3.06
C18 R0Z D . -9.47 -9.41 -1.44
C23 R0Z D . -6.51 -9.11 2.19
C25 R0Z D . -6.55 -11.25 1.11
C27 R0Z D . -5.48 -10.98 3.42
C30 R0Z D . -7.05 -10.21 6.46
C31 R0Z D . -8.49 -10.56 7.02
C32 R0Z D . -9.38 -11.12 5.92
C33 R0Z D . -10.44 -12.06 6.15
C34 R0Z D . -11.18 -12.49 5.08
C35 R0Z D . -10.93 -12.04 3.83
C36 R0Z D . -9.93 -11.15 3.62
C37 R0Z D . -9.17 -10.71 4.75
C38 R0Z D . -8.05 -9.77 4.54
C40 R0Z D . -10.84 -12.63 1.61
C42 R0Z D . -13.31 -12.73 5.85
N09 R0Z D . -11.73 -10.85 -2.16
N20 R0Z D . -8.30 -8.67 -0.98
N29 R0Z D . -7.00 -10.42 5.09
O02 R0Z D . -12.38 -13.43 -0.97
O13 R0Z D . -14.37 -9.46 -4.86
O19 R0Z D . -9.76 -10.43 -0.99
O39 R0Z D . -11.66 -12.46 2.72
O41 R0Z D . -12.21 -13.39 5.31
C10 R0Z E . -0.05 3.68 -3.91
C15 R0Z E . -2.06 5.63 -4.15
C17 R0Z E . -1.40 3.31 -4.23
C21 R0Z E . -1.69 -0.60 -3.34
C22 R0Z E . -0.63 -1.48 -3.56
C24 R0Z E . -2.13 -3.37 -3.25
C26 R0Z E . -2.95 -1.10 -3.07
C28 R0Z E . -3.33 -5.75 -2.45
C01 R0Z E . 4.41 -0.03 -3.38
C03 R0Z E . 3.47 2.08 -3.32
C04 R0Z E . 4.77 2.49 -3.01
C05 R0Z E . 5.06 3.83 -2.83
C06 R0Z E . 4.05 4.77 -2.94
C07 R0Z E . 2.74 4.36 -3.25
C08 R0Z E . 2.44 3.04 -3.45
C11 R0Z E . 0.26 5.02 -3.72
C12 R0Z E . 1.68 5.44 -3.38
C14 R0Z E . -0.76 6.00 -3.84
C16 R0Z E . -2.38 4.28 -4.34
C18 R0Z E . -1.81 1.83 -4.42
C23 R0Z E . -0.87 -2.84 -3.52
C25 R0Z E . -3.18 -2.48 -3.03
C27 R0Z E . -2.25 -4.94 -3.27
C30 R0Z E . -5.16 -5.68 -3.53
C31 R0Z E . -5.99 -6.25 -4.72
C32 R0Z E . -6.14 -7.76 -4.52
C33 R0Z E . -7.16 -8.41 -5.28
C34 R0Z E . -7.36 -9.77 -5.15
C35 R0Z E . -6.58 -10.48 -4.29
C36 R0Z E . -5.58 -9.82 -3.56
C37 R0Z E . -5.38 -8.41 -3.71
C38 R0Z E . -4.29 -7.73 -2.89
C40 R0Z E . -8.00 -12.45 -3.89
C42 R0Z E . -9.24 -9.42 -6.50
N09 R0Z E . 1.01 2.62 -3.79
N20 R0Z E . -1.38 0.86 -3.37
N29 R0Z E . -4.03 -6.44 -3.28
O02 R0Z E . 3.24 0.73 -3.50
O13 R0Z E . 1.99 6.56 -3.21
O19 R0Z E . -2.48 1.52 -5.33
O39 R0Z E . -6.72 -11.89 -4.13
O41 R0Z E . -8.37 -10.35 -5.93
C1 CLR F . -33.39 -13.46 10.30
C2 CLR F . -34.84 -13.87 10.11
C3 CLR F . -35.61 -13.90 11.43
C4 CLR F . -35.45 -12.48 11.99
C5 CLR F . -34.01 -11.99 12.10
C6 CLR F . -33.39 -12.02 13.28
C7 CLR F . -31.88 -11.83 13.43
C8 CLR F . -31.35 -11.00 12.24
C9 CLR F . -31.76 -11.75 10.97
C10 CLR F . -33.26 -12.03 10.79
C11 CLR F . -31.04 -11.13 9.77
C12 CLR F . -29.52 -11.12 9.98
C13 CLR F . -29.33 -10.17 11.17
C14 CLR F . -29.86 -11.09 12.26
C15 CLR F . -29.05 -10.65 13.50
C16 CLR F . -27.63 -10.81 12.83
C17 CLR F . -27.87 -9.86 11.62
C18 CLR F . -30.24 -8.97 11.17
C19 CLR F . -33.94 -11.06 9.80
C20 CLR F . -27.65 -8.53 12.26
C21 CLR F . -27.65 -7.33 11.32
C22 CLR F . -26.19 -8.69 12.77
C23 CLR F . -25.66 -7.45 13.50
C24 CLR F . -24.87 -6.60 12.44
C25 CLR F . -23.81 -7.48 11.74
C26 CLR F . -23.30 -6.82 10.42
C27 CLR F . -22.70 -8.01 12.68
O1 CLR F . -36.96 -14.33 11.28
C1 CLR G . -34.77 -5.03 7.31
C2 CLR G . -35.65 -5.71 6.29
C3 CLR G . -37.09 -5.17 6.26
C4 CLR G . -37.42 -4.45 7.59
C5 CLR G . -36.44 -3.41 8.11
C6 CLR G . -36.67 -2.74 9.27
C7 CLR G . -35.70 -1.69 9.82
C8 CLR G . -34.47 -1.51 8.89
C9 CLR G . -34.02 -2.89 8.35
C10 CLR G . -35.07 -3.53 7.46
C11 CLR G . -32.68 -2.81 7.62
C12 CLR G . -31.60 -2.20 8.49
C13 CLR G . -32.05 -0.75 8.78
C14 CLR G . -33.31 -0.93 9.68
C15 CLR G . -33.51 0.41 10.46
C16 CLR G . -32.14 1.19 10.23
C17 CLR G . -31.14 0.08 9.72
C18 CLR G . -32.44 -0.04 7.51
C19 CLR G . -35.01 -2.83 6.08
C20 CLR G . -29.91 0.73 9.09
C21 CLR G . -28.61 -0.06 9.23
C22 CLR G . -29.65 2.02 9.91
C23 CLR G . -28.15 2.26 10.05
C24 CLR G . -27.79 1.93 11.55
C25 CLR G . -27.04 3.09 12.28
C26 CLR G . -27.79 3.39 13.59
C27 CLR G . -25.53 2.88 12.51
O1 CLR G . -37.36 -4.39 5.10
C1 CLR H . -37.78 -7.12 11.94
C2 CLR H . -38.76 -8.28 12.06
C3 CLR H . -38.65 -9.28 10.89
C4 CLR H . -37.56 -8.80 9.92
C5 CLR H . -36.23 -8.43 10.54
C6 CLR H . -35.20 -8.33 9.71
C7 CLR H . -33.82 -7.85 10.19
C8 CLR H . -33.91 -6.98 11.48
C9 CLR H . -35.33 -6.41 11.70
C10 CLR H . -36.33 -7.60 11.82
C11 CLR H . -35.30 -5.38 12.86
C12 CLR H . -34.12 -4.39 12.90
C13 CLR H . -32.76 -5.09 12.64
C14 CLR H . -32.98 -5.82 11.30
C15 CLR H . -31.60 -6.20 10.73
C16 CLR H . -30.69 -5.02 11.24
C17 CLR H . -31.55 -4.17 12.26
C18 CLR H . -32.37 -6.08 13.72
C19 CLR H . -35.96 -8.45 13.08
C20 CLR H . -30.55 -3.75 13.33
C21 CLR H . -30.89 -2.56 14.27
C22 CLR H . -29.34 -3.29 12.45
C23 CLR H . -28.20 -2.73 13.29
C24 CLR H . -27.06 -3.76 12.99
C25 CLR H . -25.71 -3.18 13.43
C26 CLR H . -25.11 -2.50 12.18
C27 CLR H . -25.74 -2.26 14.67
O1 CLR H . -38.48 -10.62 11.29
C1 CLR I . -10.75 -16.57 -24.41
C2 CLR I . -11.93 -16.88 -25.32
C3 CLR I . -11.61 -18.05 -26.23
C4 CLR I . -11.43 -19.19 -25.25
C5 CLR I . -10.23 -19.00 -24.37
C6 CLR I . -9.18 -19.74 -24.66
C7 CLR I . -7.82 -19.48 -24.04
C8 CLR I . -8.05 -18.67 -22.76
C9 CLR I . -8.78 -17.40 -23.16
C10 CLR I . -10.22 -17.73 -23.58
C11 CLR I . -8.74 -16.43 -22.01
C12 CLR I . -7.30 -16.06 -21.70
C13 CLR I . -6.71 -17.34 -21.14
C14 CLR I . -6.69 -18.37 -22.27
C15 CLR I . -5.96 -19.57 -21.64
C16 CLR I . -4.90 -18.89 -20.70
C17 CLR I . -5.20 -17.34 -20.89
C18 CLR I . -7.48 -17.84 -19.96
C19 CLR I . -11.02 -17.88 -22.29
C20 CLR I . -4.84 -16.62 -19.63
C21 CLR I . -4.65 -15.12 -19.84
C22 CLR I . -3.46 -17.23 -19.33
C23 CLR I . -2.57 -16.16 -18.73
C24 CLR I . -1.48 -17.02 -18.00
C25 CLR I . -1.79 -16.88 -16.52
C26 CLR I . -0.77 -15.88 -15.96
C27 CLR I . -3.25 -16.47 -16.27
O1 CLR I . -12.57 -18.35 -27.22
C1 CLR J . -2.93 -33.74 -15.20
C2 CLR J . -3.91 -34.47 -16.13
C3 CLR J . -5.13 -33.60 -16.44
C4 CLR J . -4.64 -32.23 -16.94
C5 CLR J . -3.50 -31.59 -16.14
C6 CLR J . -3.81 -30.56 -15.36
C7 CLR J . -2.69 -29.81 -14.65
C8 CLR J . -1.32 -30.32 -15.16
C9 CLR J . -1.30 -31.84 -14.92
C10 CLR J . -2.32 -32.50 -15.86
C11 CLR J . 0.11 -32.35 -15.10
C12 CLR J . 1.14 -31.66 -14.21
C13 CLR J . 1.19 -30.14 -14.52
C14 CLR J . -0.26 -29.64 -14.34
C15 CLR J . -0.16 -28.09 -14.50
C16 CLR J . 1.28 -27.79 -13.94
C17 CLR J . 1.79 -29.20 -13.44
C18 CLR J . 1.72 -29.79 -15.90
C19 CLR J . -1.58 -32.90 -17.18
C20 CLR J . 3.29 -29.14 -13.22
C21 CLR J . 3.67 -29.10 -11.73
C22 CLR J . 3.65 -27.73 -13.78
C23 CLR J . 4.86 -27.71 -14.72
C24 CLR J . 5.90 -26.70 -14.09
C25 CLR J . 5.44 -25.22 -14.16
C26 CLR J . 6.06 -24.49 -12.94
C27 CLR J . 5.62 -24.50 -15.52
O1 CLR J . -6.03 -34.21 -17.34
C1 CLR K . -4.09 -25.71 -20.65
C2 CLR K . -5.33 -26.53 -20.91
C3 CLR K . -5.06 -28.00 -20.62
C4 CLR K . -4.65 -28.04 -19.14
C5 CLR K . -3.52 -27.12 -18.75
C6 CLR K . -2.28 -27.60 -18.73
C7 CLR K . -1.15 -26.85 -18.04
C8 CLR K . -1.58 -25.39 -17.82
C9 CLR K . -2.43 -24.96 -19.02
C10 CLR K . -3.74 -25.71 -19.18
C11 CLR K . -2.65 -23.47 -18.97
C12 CLR K . -1.34 -22.69 -19.01
C13 CLR K . -0.55 -23.12 -17.77
C14 CLR K . -0.32 -24.62 -17.92
C15 CLR K . 0.77 -24.96 -16.88
C16 CLR K . 1.53 -23.58 -16.70
C17 CLR K . 0.88 -22.61 -17.78
C18 CLR K . -1.14 -22.72 -16.44
C19 CLR K . -4.86 -25.07 -18.35
C20 CLR K . 0.84 -21.20 -17.27
C21 CLR K . 0.35 -20.19 -18.33
C22 CLR K . 2.30 -20.83 -16.88
C23 CLR K . 3.01 -19.89 -17.84
C24 CLR K . 4.44 -19.95 -17.23
C25 CLR K . 4.18 -19.67 -15.75
C26 CLR K . 5.43 -20.11 -14.93
C27 CLR K . 3.70 -18.21 -15.54
O1 CLR K . -6.16 -28.84 -20.94
C1 CLR L . -6.40 -25.56 -26.68
C2 CLR L . -7.62 -26.47 -26.47
C3 CLR L . -7.28 -27.96 -26.26
C4 CLR L . -6.20 -28.10 -25.18
C5 CLR L . -5.08 -27.08 -25.23
C6 CLR L . -3.82 -27.46 -24.98
C7 CLR L . -2.79 -26.48 -24.43
C8 CLR L . -3.40 -25.06 -24.26
C9 CLR L . -4.34 -24.70 -25.43
C10 CLR L . -5.57 -25.62 -25.40
C11 CLR L . -4.67 -23.21 -25.47
C12 CLR L . -3.43 -22.31 -25.41
C13 CLR L . -2.70 -22.66 -24.09
C14 CLR L . -2.25 -24.11 -24.34
C15 CLR L . -1.01 -24.45 -23.44
C16 CLR L . -0.33 -23.04 -23.28
C17 CLR L . -1.33 -21.95 -23.87
C18 CLR L . -3.68 -22.51 -22.93
C19 CLR L . -6.50 -25.17 -24.25
C20 CLR L . -1.38 -20.77 -22.92
C21 CLR L . -2.18 -19.61 -23.54
C22 CLR L . 0.11 -20.34 -22.71
C23 CLR L . 0.26 -19.38 -21.52
C24 CLR L . 1.66 -18.66 -21.74
C25 CLR L . 1.72 -17.28 -21.03
C26 CLR L . 2.57 -17.35 -19.74
C27 CLR L . 2.12 -16.08 -21.92
O1 CLR L . -8.39 -28.78 -25.97
C1 CLR M . -13.11 11.10 3.52
C2 CLR M . -11.65 11.45 3.73
C3 CLR M . -10.75 10.23 3.55
C4 CLR M . -11.03 9.67 2.17
C5 CLR M . -12.47 9.50 1.78
C6 CLR M . -12.78 8.43 1.05
C7 CLR M . -14.22 7.98 0.91
C8 CLR M . -15.07 9.26 0.75
C9 CLR M . -14.84 10.20 1.94
C10 CLR M . -13.39 10.66 2.09
C11 CLR M . -15.88 11.31 1.89
C12 CLR M . -17.34 10.81 1.82
C13 CLR M . -17.44 10.02 0.52
C14 CLR M . -16.50 8.82 0.77
C15 CLR M . -16.88 7.67 -0.21
C16 CLR M . -18.32 8.08 -0.73
C17 CLR M . -18.77 9.27 0.21
C18 CLR M . -16.95 10.84 -0.65
C19 CLR M . -13.12 11.88 1.20
C20 CLR M . -19.87 10.07 -0.49
C21 CLR M . -21.29 9.85 0.05
C22 CLR M . -19.98 9.56 -1.94
C23 CLR M . -21.22 10.19 -2.61
C24 CLR M . -21.05 9.98 -4.16
C25 CLR M . -20.99 11.33 -4.91
C26 CLR M . -20.31 11.01 -6.27
C27 CLR M . -22.34 12.07 -5.11
O1 CLR M . -9.38 10.53 3.68
C1 CLR N . -11.40 5.47 6.25
C2 CLR N . -10.01 5.49 6.88
C3 CLR N . -9.45 6.91 6.91
C4 CLR N . -10.44 7.71 7.75
C5 CLR N . -11.79 7.79 7.10
C6 CLR N . -12.57 8.80 7.44
C7 CLR N . -14.09 8.74 7.36
C8 CLR N . -14.64 7.40 6.83
C9 CLR N . -13.62 6.64 6.01
C10 CLR N . -12.40 6.43 6.90
C11 CLR N . -14.25 5.38 5.44
C12 CLR N . -15.55 5.62 4.67
C13 CLR N . -16.47 6.48 5.55
C14 CLR N . -15.68 7.75 5.84
C15 CLR N . -16.68 8.88 6.25
C16 CLR N . -18.06 8.33 5.74
C17 CLR N . -17.72 7.05 4.87
C18 CLR N . -16.82 5.90 6.88
C19 CLR N . -12.92 5.98 8.26
C20 CLR N . -18.92 6.18 5.03
C21 CLR N . -19.21 5.21 3.88
C22 CLR N . -20.00 7.28 5.02
C23 CLR N . -21.37 6.65 5.07
C24 CLR N . -22.19 7.72 4.27
C25 CLR N . -22.52 7.11 2.91
C26 CLR N . -23.55 8.05 2.24
C27 CLR N . -21.29 6.67 2.08
O1 CLR N . -8.12 7.03 7.38
C1 CLR O . -27.18 -14.66 16.14
C2 CLR O . -28.37 -15.44 15.66
C3 CLR O . -28.86 -14.96 14.32
C4 CLR O . -27.69 -15.40 13.44
C5 CLR O . -26.39 -14.67 13.74
C6 CLR O . -25.84 -13.89 12.79
C7 CLR O . -24.81 -12.77 13.11
C8 CLR O . -24.30 -12.83 14.55
C9 CLR O . -25.55 -13.07 15.40
C10 CLR O . -25.99 -14.52 15.21
C11 CLR O . -25.45 -12.58 16.85
C12 CLR O . -24.70 -11.27 17.10
C13 CLR O . -23.38 -11.35 16.34
C14 CLR O . -23.72 -11.51 14.85
C15 CLR O . -22.49 -11.16 14.02
C16 CLR O . -21.67 -10.25 14.98
C17 CLR O . -22.45 -10.13 16.34
C18 CLR O . -22.58 -12.50 16.76
C19 CLR O . -24.76 -15.35 15.58
C20 CLR O . -21.54 -10.00 17.50
C21 CLR O . -22.42 -9.36 18.50
C22 CLR O . -20.44 -9.00 17.08
C23 CLR O . -19.76 -8.07 18.10
C24 CLR O . -18.70 -8.74 19.08
C25 CLR O . -18.64 -7.91 20.43
C26 CLR O . -17.40 -6.98 20.45
C27 CLR O . -18.92 -8.64 21.78
O1 CLR O . -30.19 -15.35 14.06
#